data_1W8T
# 
_entry.id   1W8T 
# 
_audit_conform.dict_name       mmcif_pdbx.dic 
_audit_conform.dict_version    5.382 
_audit_conform.dict_location   http://mmcif.pdb.org/dictionaries/ascii/mmcif_pdbx.dic 
# 
loop_
_database_2.database_id 
_database_2.database_code 
_database_2.pdbx_database_accession 
_database_2.pdbx_DOI 
PDB   1W8T         pdb_00001w8t 10.2210/pdb1w8t/pdb 
PDBE  EBI-21171    ?            ?                   
WWPDB D_1290021171 ?            ?                   
# 
loop_
_pdbx_database_related.db_name 
_pdbx_database_related.db_id 
_pdbx_database_related.content_type 
_pdbx_database_related.details 
PDB 1GWK unspecified 'CARBOHYDRATE BINDING MODULE FAMILY29' 
PDB 1GWL unspecified 'CARBOHYDRATE BINDING MODULE FAMILY29 COMPLEXED WITH MANNOHEXAOSE' 
PDB 1GWM unspecified 'CARBOHYDRATE BINDING MODULE FAMILY29 COMPLEXED WITH GLUCOHEXAOSE' 
PDB 1OH3 unspecified 'E78R MUTANT OF A CARBOHYDRATE BINDING MODULE FAMILY 29' 
PDB 1W8U unspecified 
;CBM29-2 MUTANT D83A COMPLEXED WITH MANNOHEXAOSE: PROBING THE MECHANISM OF LIGAND RECOGNITION BY FAMILY 29 CARBOHYDRATE BINDING MODULES
;
PDB 1W8W unspecified 'CBM29-2 MUTANT Y46A: PROBING THE MECHANISM OF LIGAND RECOGNITION BY FAMILY 29 CARBOHYDRATE BINDING MODULES' 
PDB 1W8Z unspecified 'CBM29-2 MUTANT K85A: PROBING THE MECHANISM OF LIGAND RECOGNITION BY FAMILY 29 CARBOHYDRATE BINDING MODULES' 
PDB 1W90 unspecified 'CBM29-2 MUTANT D114A: PROBING THE MECHANISM OF LIGAND RECOGNITION BY FAMILY 29 CARBOHYDRATE BINDING MODULES' 
PDB 1W9F unspecified 'CBM29-2 MUTANT R112A: PROBING THE MECHANISM OF LIGAND RECOGNITION BY FAMILY 29 CARBOHYDRATE BINDING MODULES' 
# 
_pdbx_database_status.status_code                     REL 
_pdbx_database_status.entry_id                        1W8T 
_pdbx_database_status.deposit_site                    PDBE 
_pdbx_database_status.process_site                    PDBE 
_pdbx_database_status.SG_entry                        . 
_pdbx_database_status.recvd_initial_deposition_date   2004-09-28 
_pdbx_database_status.pdb_format_compatible           Y 
_pdbx_database_status.status_code_sf                  REL 
_pdbx_database_status.status_code_mr                  ? 
_pdbx_database_status.status_code_cs                  ? 
_pdbx_database_status.methods_development_category    ? 
_pdbx_database_status.status_code_nmr_data            ? 
# 
loop_
_audit_author.name 
_audit_author.pdbx_ordinal 
'Flint, J.'        1 
'Bolam, D.N.'      2 
'Nurizzo, D.'      3 
'Taylor, E.J.'     4 
'Williamson, M.P.' 5 
'Walters, C.'      6 
'Davies, G.J.'     7 
'Gilbert, H.J.'    8 
# 
_citation.id                        primary 
_citation.title                     'Probing the Mechanism of Ligand Recognition in Family 29 Carbohydrate-Binding Modules' 
_citation.journal_abbrev            J.Biol.Chem. 
_citation.journal_volume            280 
_citation.page_first                23718 
_citation.page_last                 ? 
_citation.year                      2005 
_citation.journal_id_ASTM           JBCHA3 
_citation.country                   US 
_citation.journal_id_ISSN           0021-9258 
_citation.journal_id_CSD            0071 
_citation.book_publisher            ? 
_citation.pdbx_database_id_PubMed   15784618 
_citation.pdbx_database_id_DOI      10.1074/JBC.M501551200 
# 
loop_
_citation_author.citation_id 
_citation_author.name 
_citation_author.ordinal 
_citation_author.identifier_ORCID 
primary 'Flint, J.'        1 ? 
primary 'Bolam, D.N.'      2 ? 
primary 'Nurizzo, D.'      3 ? 
primary 'Taylor, E.J.'     4 ? 
primary 'Williamson, M.P.' 5 ? 
primary 'Walters, C.'      6 ? 
primary 'Davies, G.J.'     7 ? 
primary 'Gilbert, H.J.'    8 ? 
# 
_cell.entry_id           1W8T 
_cell.length_a           107.705 
_cell.length_b           42.761 
_cell.length_c           35.334 
_cell.angle_alpha        90.00 
_cell.angle_beta         105.23 
_cell.angle_gamma        90.00 
_cell.Z_PDB              4 
_cell.pdbx_unique_axis   ? 
# 
_symmetry.entry_id                         1W8T 
_symmetry.space_group_name_H-M             'C 1 2 1' 
_symmetry.pdbx_full_space_group_name_H-M   ? 
_symmetry.cell_setting                     ? 
_symmetry.Int_Tables_number                5 
# 
loop_
_entity.id 
_entity.type 
_entity.src_method 
_entity.pdbx_description 
_entity.formula_weight 
_entity.pdbx_number_of_molecules 
_entity.pdbx_ec 
_entity.pdbx_mutation 
_entity.pdbx_fragment 
_entity.details 
1 polymer  man 'NON CATALYTIC PROTEIN 1' 16608.242 1   ? YES 'CARBOHYDRATE BINDING MODULE 2, RESIDUES 334-478' ? 
2 branched man 
;beta-D-glucopyranose-(1-4)-beta-D-glucopyranose-(1-4)-beta-D-glucopyranose-(1-4)-beta-D-glucopyranose-(1-4)-beta-D-glucopyranose-(1-4)-alpha-D-glucopyranose
;
990.860   1   ? ?   ?                                                 ? 
3 water    nat water 18.015    161 ? ?   ?                                                 ? 
# 
_entity_poly.entity_id                      1 
_entity_poly.type                           'polypeptide(L)' 
_entity_poly.nstd_linkage                   no 
_entity_poly.nstd_monomer                   no 
_entity_poly.pdbx_seq_one_letter_code       
;SNVRATYTVIFKNASGLPNGYDNWGWGCTLSYYGGAMIINPQEGKYGAVSLKRNSGSFRGGSLRFDMKNEGKVAILVENS
EADEKFEVETISPSDEYVTYILDVDFDLPFDRIDFQDAPGNGDRIWIKNLVHSTGSADDFVDPINLEHH
;
_entity_poly.pdbx_seq_one_letter_code_can   
;SNVRATYTVIFKNASGLPNGYDNWGWGCTLSYYGGAMIINPQEGKYGAVSLKRNSGSFRGGSLRFDMKNEGKVAILVENS
EADEKFEVETISPSDEYVTYILDVDFDLPFDRIDFQDAPGNGDRIWIKNLVHSTGSADDFVDPINLEHH
;
_entity_poly.pdbx_strand_id                 A 
_entity_poly.pdbx_target_identifier         ? 
# 
loop_
_entity_poly_seq.entity_id 
_entity_poly_seq.num 
_entity_poly_seq.mon_id 
_entity_poly_seq.hetero 
1 1   SER n 
1 2   ASN n 
1 3   VAL n 
1 4   ARG n 
1 5   ALA n 
1 6   THR n 
1 7   TYR n 
1 8   THR n 
1 9   VAL n 
1 10  ILE n 
1 11  PHE n 
1 12  LYS n 
1 13  ASN n 
1 14  ALA n 
1 15  SER n 
1 16  GLY n 
1 17  LEU n 
1 18  PRO n 
1 19  ASN n 
1 20  GLY n 
1 21  TYR n 
1 22  ASP n 
1 23  ASN n 
1 24  TRP n 
1 25  GLY n 
1 26  TRP n 
1 27  GLY n 
1 28  CYS n 
1 29  THR n 
1 30  LEU n 
1 31  SER n 
1 32  TYR n 
1 33  TYR n 
1 34  GLY n 
1 35  GLY n 
1 36  ALA n 
1 37  MET n 
1 38  ILE n 
1 39  ILE n 
1 40  ASN n 
1 41  PRO n 
1 42  GLN n 
1 43  GLU n 
1 44  GLY n 
1 45  LYS n 
1 46  TYR n 
1 47  GLY n 
1 48  ALA n 
1 49  VAL n 
1 50  SER n 
1 51  LEU n 
1 52  LYS n 
1 53  ARG n 
1 54  ASN n 
1 55  SER n 
1 56  GLY n 
1 57  SER n 
1 58  PHE n 
1 59  ARG n 
1 60  GLY n 
1 61  GLY n 
1 62  SER n 
1 63  LEU n 
1 64  ARG n 
1 65  PHE n 
1 66  ASP n 
1 67  MET n 
1 68  LYS n 
1 69  ASN n 
1 70  GLU n 
1 71  GLY n 
1 72  LYS n 
1 73  VAL n 
1 74  ALA n 
1 75  ILE n 
1 76  LEU n 
1 77  VAL n 
1 78  GLU n 
1 79  ASN n 
1 80  SER n 
1 81  GLU n 
1 82  ALA n 
1 83  ASP n 
1 84  GLU n 
1 85  LYS n 
1 86  PHE n 
1 87  GLU n 
1 88  VAL n 
1 89  GLU n 
1 90  THR n 
1 91  ILE n 
1 92  SER n 
1 93  PRO n 
1 94  SER n 
1 95  ASP n 
1 96  GLU n 
1 97  TYR n 
1 98  VAL n 
1 99  THR n 
1 100 TYR n 
1 101 ILE n 
1 102 LEU n 
1 103 ASP n 
1 104 VAL n 
1 105 ASP n 
1 106 PHE n 
1 107 ASP n 
1 108 LEU n 
1 109 PRO n 
1 110 PHE n 
1 111 ASP n 
1 112 ARG n 
1 113 ILE n 
1 114 ASP n 
1 115 PHE n 
1 116 GLN n 
1 117 ASP n 
1 118 ALA n 
1 119 PRO n 
1 120 GLY n 
1 121 ASN n 
1 122 GLY n 
1 123 ASP n 
1 124 ARG n 
1 125 ILE n 
1 126 TRP n 
1 127 ILE n 
1 128 LYS n 
1 129 ASN n 
1 130 LEU n 
1 131 VAL n 
1 132 HIS n 
1 133 SER n 
1 134 THR n 
1 135 GLY n 
1 136 SER n 
1 137 ALA n 
1 138 ASP n 
1 139 ASP n 
1 140 PHE n 
1 141 VAL n 
1 142 ASP n 
1 143 PRO n 
1 144 ILE n 
1 145 ASN n 
1 146 LEU n 
1 147 GLU n 
1 148 HIS n 
1 149 HIS n 
# 
_entity_src_gen.entity_id                          1 
_entity_src_gen.pdbx_src_id                        1 
_entity_src_gen.pdbx_alt_source_flag               sample 
_entity_src_gen.pdbx_seq_type                      ? 
_entity_src_gen.pdbx_beg_seq_num                   ? 
_entity_src_gen.pdbx_end_seq_num                   ? 
_entity_src_gen.gene_src_common_name               ? 
_entity_src_gen.gene_src_genus                     ? 
_entity_src_gen.pdbx_gene_src_gene                 ? 
_entity_src_gen.gene_src_species                   ? 
_entity_src_gen.gene_src_strain                    ? 
_entity_src_gen.gene_src_tissue                    ? 
_entity_src_gen.gene_src_tissue_fraction           ? 
_entity_src_gen.gene_src_details                   ? 
_entity_src_gen.pdbx_gene_src_fragment             ? 
_entity_src_gen.pdbx_gene_src_scientific_name      'PIROMYCES EQUI' 
_entity_src_gen.pdbx_gene_src_ncbi_taxonomy_id     99929 
_entity_src_gen.pdbx_gene_src_variant              ? 
_entity_src_gen.pdbx_gene_src_cell_line            ? 
_entity_src_gen.pdbx_gene_src_atcc                 ? 
_entity_src_gen.pdbx_gene_src_organ                ? 
_entity_src_gen.pdbx_gene_src_organelle            ? 
_entity_src_gen.pdbx_gene_src_cell                 ? 
_entity_src_gen.pdbx_gene_src_cellular_location    ? 
_entity_src_gen.host_org_common_name               ? 
_entity_src_gen.pdbx_host_org_scientific_name      'ESCHERICHIA COLI' 
_entity_src_gen.pdbx_host_org_ncbi_taxonomy_id     469008 
_entity_src_gen.host_org_genus                     ? 
_entity_src_gen.pdbx_host_org_gene                 ? 
_entity_src_gen.pdbx_host_org_organ                ? 
_entity_src_gen.host_org_species                   ? 
_entity_src_gen.pdbx_host_org_tissue               ? 
_entity_src_gen.pdbx_host_org_tissue_fraction      ? 
_entity_src_gen.pdbx_host_org_strain               'BL21(DE3)' 
_entity_src_gen.pdbx_host_org_variant              ? 
_entity_src_gen.pdbx_host_org_cell_line            ? 
_entity_src_gen.pdbx_host_org_atcc                 ? 
_entity_src_gen.pdbx_host_org_culture_collection   ? 
_entity_src_gen.pdbx_host_org_cell                 ? 
_entity_src_gen.pdbx_host_org_organelle            ? 
_entity_src_gen.pdbx_host_org_cellular_location    ? 
_entity_src_gen.pdbx_host_org_vector_type          ? 
_entity_src_gen.pdbx_host_org_vector               ? 
_entity_src_gen.host_org_details                   ? 
_entity_src_gen.expression_system_id               ? 
_entity_src_gen.plasmid_name                       PET22B 
_entity_src_gen.plasmid_details                    ? 
_entity_src_gen.pdbx_description                   ? 
# 
loop_
_struct_ref.id 
_struct_ref.db_name 
_struct_ref.db_code 
_struct_ref.entity_id 
_struct_ref.pdbx_seq_one_letter_code 
_struct_ref.pdbx_align_begin 
_struct_ref.pdbx_db_accession 
_struct_ref.pdbx_db_isoform 
1 UNP Q9C171 1 ? ? Q9C171 ? 
2 PDB 1W8T   1 ? ? 1W8T   ? 
# 
loop_
_struct_ref_seq.align_id 
_struct_ref_seq.ref_id 
_struct_ref_seq.pdbx_PDB_id_code 
_struct_ref_seq.pdbx_strand_id 
_struct_ref_seq.seq_align_beg 
_struct_ref_seq.pdbx_seq_align_beg_ins_code 
_struct_ref_seq.seq_align_end 
_struct_ref_seq.pdbx_seq_align_end_ins_code 
_struct_ref_seq.pdbx_db_accession 
_struct_ref_seq.db_align_beg 
_struct_ref_seq.pdbx_db_align_beg_ins_code 
_struct_ref_seq.db_align_end 
_struct_ref_seq.pdbx_db_align_end_ins_code 
_struct_ref_seq.pdbx_auth_seq_align_beg 
_struct_ref_seq.pdbx_auth_seq_align_end 
1 1 1W8T A 1   ? 145 ? Q9C171 334 ? 478 ? 1   145 
2 2 1W8T A 146 ? 149 ? 1W8T   146 ? 149 ? 146 149 
# 
_struct_ref_seq_dif.align_id                     1 
_struct_ref_seq_dif.pdbx_pdb_id_code             1W8T 
_struct_ref_seq_dif.mon_id                       ALA 
_struct_ref_seq_dif.pdbx_pdb_strand_id           A 
_struct_ref_seq_dif.seq_num                      74 
_struct_ref_seq_dif.pdbx_pdb_ins_code            ? 
_struct_ref_seq_dif.pdbx_seq_db_name             UNP 
_struct_ref_seq_dif.pdbx_seq_db_accession_code   Q9C171 
_struct_ref_seq_dif.db_mon_id                    LYS 
_struct_ref_seq_dif.pdbx_seq_db_seq_num          407 
_struct_ref_seq_dif.details                      'engineered mutation' 
_struct_ref_seq_dif.pdbx_auth_seq_num            74 
_struct_ref_seq_dif.pdbx_ordinal                 1 
# 
loop_
_chem_comp.id 
_chem_comp.type 
_chem_comp.mon_nstd_flag 
_chem_comp.name 
_chem_comp.pdbx_synonyms 
_chem_comp.formula 
_chem_comp.formula_weight 
ALA 'L-peptide linking'           y ALANINE               ?                                     'C3 H7 N O2'     89.093  
ARG 'L-peptide linking'           y ARGININE              ?                                     'C6 H15 N4 O2 1' 175.209 
ASN 'L-peptide linking'           y ASPARAGINE            ?                                     'C4 H8 N2 O3'    132.118 
ASP 'L-peptide linking'           y 'ASPARTIC ACID'       ?                                     'C4 H7 N O4'     133.103 
BGC 'D-saccharide, beta linking'  . beta-D-glucopyranose  'beta-D-glucose; D-glucose; glucose'  'C6 H12 O6'      180.156 
CYS 'L-peptide linking'           y CYSTEINE              ?                                     'C3 H7 N O2 S'   121.158 
GLC 'D-saccharide, alpha linking' . alpha-D-glucopyranose 'alpha-D-glucose; D-glucose; glucose' 'C6 H12 O6'      180.156 
GLN 'L-peptide linking'           y GLUTAMINE             ?                                     'C5 H10 N2 O3'   146.144 
GLU 'L-peptide linking'           y 'GLUTAMIC ACID'       ?                                     'C5 H9 N O4'     147.129 
GLY 'peptide linking'             y GLYCINE               ?                                     'C2 H5 N O2'     75.067  
HIS 'L-peptide linking'           y HISTIDINE             ?                                     'C6 H10 N3 O2 1' 156.162 
HOH non-polymer                   . WATER                 ?                                     'H2 O'           18.015  
ILE 'L-peptide linking'           y ISOLEUCINE            ?                                     'C6 H13 N O2'    131.173 
LEU 'L-peptide linking'           y LEUCINE               ?                                     'C6 H13 N O2'    131.173 
LYS 'L-peptide linking'           y LYSINE                ?                                     'C6 H15 N2 O2 1' 147.195 
MET 'L-peptide linking'           y METHIONINE            ?                                     'C5 H11 N O2 S'  149.211 
PHE 'L-peptide linking'           y PHENYLALANINE         ?                                     'C9 H11 N O2'    165.189 
PRO 'L-peptide linking'           y PROLINE               ?                                     'C5 H9 N O2'     115.130 
SER 'L-peptide linking'           y SERINE                ?                                     'C3 H7 N O3'     105.093 
THR 'L-peptide linking'           y THREONINE             ?                                     'C4 H9 N O3'     119.119 
TRP 'L-peptide linking'           y TRYPTOPHAN            ?                                     'C11 H12 N2 O2'  204.225 
TYR 'L-peptide linking'           y TYROSINE              ?                                     'C9 H11 N O3'    181.189 
VAL 'L-peptide linking'           y VALINE                ?                                     'C5 H11 N O2'    117.146 
# 
_exptl.entry_id          1W8T 
_exptl.method            'X-RAY DIFFRACTION' 
_exptl.crystals_number   1 
# 
_exptl_crystal.id                    1 
_exptl_crystal.density_meas          ? 
_exptl_crystal.density_Matthews      2.6 
_exptl_crystal.density_percent_sol   52 
_exptl_crystal.description           ? 
# 
_exptl_crystal_grow.crystal_id      1 
_exptl_crystal_grow.method          ? 
_exptl_crystal_grow.temp            ? 
_exptl_crystal_grow.temp_details    ? 
_exptl_crystal_grow.pH              ? 
_exptl_crystal_grow.pdbx_pH_range   ? 
_exptl_crystal_grow.pdbx_details    '0.18 M AMMONIUM TARTRATE, 18% PEG 3350, 25% MPD, 5% GLYCEROL, 10 MM CELLOHEXAOSE' 
# 
_diffrn.id                     1 
_diffrn.ambient_temp           100.0 
_diffrn.ambient_temp_details   ? 
_diffrn.crystal_id             1 
# 
_diffrn_radiation.diffrn_id                        1 
_diffrn_radiation.wavelength_id                    1 
_diffrn_radiation.pdbx_monochromatic_or_laue_m_l   M 
_diffrn_radiation.monochromator                    ? 
_diffrn_radiation.pdbx_diffrn_protocol             'SINGLE WAVELENGTH' 
_diffrn_radiation.pdbx_scattering_type             x-ray 
# 
_diffrn_radiation_wavelength.id           1 
_diffrn_radiation_wavelength.wavelength   0.934 
_diffrn_radiation_wavelength.wt           1.0 
# 
_diffrn_source.diffrn_id                   1 
_diffrn_source.source                      SYNCHROTRON 
_diffrn_source.type                        'ESRF BEAMLINE ID14-1' 
_diffrn_source.pdbx_synchrotron_site       ESRF 
_diffrn_source.pdbx_synchrotron_beamline   ID14-1 
_diffrn_source.pdbx_wavelength             0.934 
_diffrn_source.pdbx_wavelength_list        ? 
# 
_reflns.pdbx_diffrn_id               1 
_reflns.pdbx_ordinal                 1 
_reflns.entry_id                     1W8T 
_reflns.observed_criterion_sigma_I   ? 
_reflns.observed_criterion_sigma_F   ? 
_reflns.d_resolution_low             20.000 
_reflns.d_resolution_high            1.400 
_reflns.number_obs                   30504 
_reflns.number_all                   ? 
_reflns.percent_possible_obs         99.4 
_reflns.pdbx_Rmerge_I_obs            0.05000 
_reflns.pdbx_Rsym_value              ? 
_reflns.pdbx_netI_over_sigmaI        30.0000 
_reflns.B_iso_Wilson_estimate        ? 
_reflns.pdbx_redundancy              3.700 
# 
_reflns_shell.pdbx_diffrn_id         1 
_reflns_shell.pdbx_ordinal           1 
_reflns_shell.d_res_high             1.40 
_reflns_shell.d_res_low              1.45 
_reflns_shell.percent_possible_all   99.9 
_reflns_shell.Rmerge_I_obs           0.10000 
_reflns_shell.pdbx_Rsym_value        ? 
_reflns_shell.meanI_over_sigI_obs    12.200 
_reflns_shell.pdbx_redundancy        3.70 
# 
_refine.pdbx_refine_id                           'X-RAY DIFFRACTION' 
_refine.entry_id                                 1W8T 
_refine.pdbx_diffrn_id                           1 
_refine.pdbx_TLS_residual_ADP_flag               ? 
_refine.ls_number_reflns_obs                     28961 
_refine.ls_number_reflns_all                     ? 
_refine.pdbx_ls_sigma_I                          ? 
_refine.pdbx_ls_sigma_F                          ? 
_refine.pdbx_data_cutoff_high_absF               ? 
_refine.pdbx_data_cutoff_low_absF                ? 
_refine.pdbx_data_cutoff_high_rms_absF           ? 
_refine.ls_d_res_low                             19.28 
_refine.ls_d_res_high                            1.40 
_refine.ls_percent_reflns_obs                    99.3 
_refine.ls_R_factor_obs                          0.165 
_refine.ls_R_factor_all                          ? 
_refine.ls_R_factor_R_work                       0.164 
_refine.ls_R_factor_R_free                       0.186 
_refine.ls_R_factor_R_free_error                 ? 
_refine.ls_R_factor_R_free_error_details         ? 
_refine.ls_percent_reflns_R_free                 5.000 
_refine.ls_number_reflns_R_free                  1538 
_refine.ls_number_parameters                     ? 
_refine.ls_number_restraints                     ? 
_refine.occupancy_min                            ? 
_refine.occupancy_max                            ? 
_refine.correlation_coeff_Fo_to_Fc               0.967 
_refine.correlation_coeff_Fo_to_Fc_free          0.958 
_refine.B_iso_mean                               13.78 
_refine.aniso_B[1][1]                            0.00000 
_refine.aniso_B[2][2]                            -0.01000 
_refine.aniso_B[3][3]                            0.01000 
_refine.aniso_B[1][2]                            0.00000 
_refine.aniso_B[1][3]                            -0.01000 
_refine.aniso_B[2][3]                            0.00000 
_refine.solvent_model_details                    'BABINET MODEL WITH MASK' 
_refine.solvent_model_param_ksol                 ? 
_refine.solvent_model_param_bsol                 ? 
_refine.pdbx_solvent_vdw_probe_radii             1.20 
_refine.pdbx_solvent_ion_probe_radii             0.80 
_refine.pdbx_solvent_shrinkage_radii             0.80 
_refine.pdbx_ls_cross_valid_method               THROUGHOUT 
_refine.details                                  'HYDROGENS HAVE BEEN ADDED IN THE RIDING POSITIONS.' 
_refine.pdbx_starting_model                      'PDB ENTRY 1GWM' 
_refine.pdbx_method_to_determine_struct          'MOLECULAR REPLACEMENT' 
_refine.pdbx_isotropic_thermal_model             ? 
_refine.pdbx_stereochemistry_target_values       'MAXIMUM LIKELIHOOD' 
_refine.pdbx_stereochem_target_val_spec_case     ? 
_refine.pdbx_R_Free_selection_details            RANDOM 
_refine.pdbx_overall_ESU_R                       0.056 
_refine.pdbx_overall_ESU_R_Free                  0.057 
_refine.overall_SU_ML                            0.033 
_refine.pdbx_overall_phase_error                 ? 
_refine.overall_SU_B                             1.647 
_refine.overall_SU_R_Cruickshank_DPI             ? 
_refine.pdbx_overall_SU_R_free_Cruickshank_DPI   ? 
_refine.pdbx_overall_SU_R_Blow_DPI               ? 
_refine.pdbx_overall_SU_R_free_Blow_DPI          ? 
# 
_refine_hist.pdbx_refine_id                   'X-RAY DIFFRACTION' 
_refine_hist.cycle_id                         LAST 
_refine_hist.pdbx_number_atoms_protein        1113 
_refine_hist.pdbx_number_atoms_nucleic_acid   0 
_refine_hist.pdbx_number_atoms_ligand         67 
_refine_hist.number_atoms_solvent             161 
_refine_hist.number_atoms_total               1341 
_refine_hist.d_res_high                       1.40 
_refine_hist.d_res_low                        19.28 
# 
loop_
_refine_ls_restr.type 
_refine_ls_restr.dev_ideal 
_refine_ls_restr.dev_ideal_target 
_refine_ls_restr.weight 
_refine_ls_restr.number 
_refine_ls_restr.pdbx_refine_id 
_refine_ls_restr.pdbx_restraint_function 
r_bond_refined_d             0.016  0.021  ? 1225 'X-RAY DIFFRACTION' ? 
r_bond_other_d               0.001  0.020  ? 1029 'X-RAY DIFFRACTION' ? 
r_angle_refined_deg          1.761  1.994  ? 1670 'X-RAY DIFFRACTION' ? 
r_angle_other_deg            2.239  3.000  ? 2395 'X-RAY DIFFRACTION' ? 
r_dihedral_angle_1_deg       7.583  5.000  ? 141  'X-RAY DIFFRACTION' ? 
r_dihedral_angle_2_deg       32.536 24.677 ? 62   'X-RAY DIFFRACTION' ? 
r_dihedral_angle_3_deg       13.410 15.000 ? 182  'X-RAY DIFFRACTION' ? 
r_dihedral_angle_4_deg       14.475 15.000 ? 7    'X-RAY DIFFRACTION' ? 
r_chiral_restr               0.116  0.200  ? 191  'X-RAY DIFFRACTION' ? 
r_gen_planes_refined         0.008  0.020  ? 1320 'X-RAY DIFFRACTION' ? 
r_gen_planes_other           0.001  0.020  ? 248  'X-RAY DIFFRACTION' ? 
r_nbd_refined                0.186  0.200  ? 195  'X-RAY DIFFRACTION' ? 
r_nbd_other                  0.195  0.200  ? 1018 'X-RAY DIFFRACTION' ? 
r_nbtor_refined              0.181  0.200  ? 609  'X-RAY DIFFRACTION' ? 
r_nbtor_other                0.100  0.200  ? 738  'X-RAY DIFFRACTION' ? 
r_xyhbond_nbd_refined        0.125  0.200  ? 84   'X-RAY DIFFRACTION' ? 
r_xyhbond_nbd_other          ?      ?      ? ?    'X-RAY DIFFRACTION' ? 
r_metal_ion_refined          ?      ?      ? ?    'X-RAY DIFFRACTION' ? 
r_metal_ion_other            ?      ?      ? ?    'X-RAY DIFFRACTION' ? 
r_symmetry_vdw_refined       0.165  0.200  ? 6    'X-RAY DIFFRACTION' ? 
r_symmetry_vdw_other         0.315  0.200  ? 44   'X-RAY DIFFRACTION' ? 
r_symmetry_hbond_refined     0.102  0.200  ? 25   'X-RAY DIFFRACTION' ? 
r_symmetry_hbond_other       ?      ?      ? ?    'X-RAY DIFFRACTION' ? 
r_symmetry_metal_ion_refined ?      ?      ? ?    'X-RAY DIFFRACTION' ? 
r_symmetry_metal_ion_other   ?      ?      ? ?    'X-RAY DIFFRACTION' ? 
r_mcbond_it                  1.479  1.500  ? 895  'X-RAY DIFFRACTION' ? 
r_mcbond_other               ?      ?      ? ?    'X-RAY DIFFRACTION' ? 
r_mcangle_it                 1.774  2.000  ? 1128 'X-RAY DIFFRACTION' ? 
r_mcangle_other              ?      ?      ? ?    'X-RAY DIFFRACTION' ? 
r_scbond_it                  2.733  3.000  ? 615  'X-RAY DIFFRACTION' ? 
r_scbond_other               ?      ?      ? ?    'X-RAY DIFFRACTION' ? 
r_scangle_it                 3.799  4.500  ? 542  'X-RAY DIFFRACTION' ? 
r_scangle_other              ?      ?      ? ?    'X-RAY DIFFRACTION' ? 
r_long_range_B_refined       ?      ?      ? ?    'X-RAY DIFFRACTION' ? 
r_long_range_B_other         ?      ?      ? ?    'X-RAY DIFFRACTION' ? 
r_rigid_bond_restr           ?      ?      ? ?    'X-RAY DIFFRACTION' ? 
r_sphericity_free            ?      ?      ? ?    'X-RAY DIFFRACTION' ? 
r_sphericity_bonded          ?      ?      ? ?    'X-RAY DIFFRACTION' ? 
# 
_refine_ls_shell.pdbx_refine_id                   'X-RAY DIFFRACTION' 
_refine_ls_shell.pdbx_total_number_of_bins_used   20 
_refine_ls_shell.d_res_high                       1.40 
_refine_ls_shell.d_res_low                        1.44 
_refine_ls_shell.number_reflns_R_work             2108 
_refine_ls_shell.R_factor_R_work                  0.1890 
_refine_ls_shell.percent_reflns_obs               ? 
_refine_ls_shell.R_factor_R_free                  0.2150 
_refine_ls_shell.R_factor_R_free_error            ? 
_refine_ls_shell.percent_reflns_R_free            ? 
_refine_ls_shell.number_reflns_R_free             95 
_refine_ls_shell.number_reflns_all                ? 
_refine_ls_shell.R_factor_all                     ? 
# 
_struct.entry_id                  1W8T 
_struct.title                     
;CBM29-2 mutant K74A complexed with cellulohexaose: Probing the Mechanism of Ligand Recognition by Family 29 Carbohydrate Binding Modules
;
_struct.pdbx_model_details        ? 
_struct.pdbx_CASP_flag            ? 
_struct.pdbx_model_type_details   ? 
# 
_struct_keywords.entry_id        1W8T 
_struct_keywords.pdbx_keywords   'CARBOHYDRATE-BINDING DOMAIN' 
_struct_keywords.text            
'CARBOHYDRATE-BINDING DOMAIN, CARBOHYDRATE BINDING MODULE, GLUCOMANNAN, CELLOHEXAOSE, MANNOHEXAOSE, CELLULOSOME' 
# 
loop_
_struct_asym.id 
_struct_asym.pdbx_blank_PDB_chainid_flag 
_struct_asym.pdbx_modified 
_struct_asym.entity_id 
_struct_asym.details 
A N N 1 ? 
B N N 2 ? 
C N N 3 ? 
# 
_struct_biol.id   1 
# 
loop_
_struct_conn.id 
_struct_conn.conn_type_id 
_struct_conn.pdbx_leaving_atom_flag 
_struct_conn.pdbx_PDB_id 
_struct_conn.ptnr1_label_asym_id 
_struct_conn.ptnr1_label_comp_id 
_struct_conn.ptnr1_label_seq_id 
_struct_conn.ptnr1_label_atom_id 
_struct_conn.pdbx_ptnr1_label_alt_id 
_struct_conn.pdbx_ptnr1_PDB_ins_code 
_struct_conn.pdbx_ptnr1_standard_comp_id 
_struct_conn.ptnr1_symmetry 
_struct_conn.ptnr2_label_asym_id 
_struct_conn.ptnr2_label_comp_id 
_struct_conn.ptnr2_label_seq_id 
_struct_conn.ptnr2_label_atom_id 
_struct_conn.pdbx_ptnr2_label_alt_id 
_struct_conn.pdbx_ptnr2_PDB_ins_code 
_struct_conn.ptnr1_auth_asym_id 
_struct_conn.ptnr1_auth_comp_id 
_struct_conn.ptnr1_auth_seq_id 
_struct_conn.ptnr2_auth_asym_id 
_struct_conn.ptnr2_auth_comp_id 
_struct_conn.ptnr2_auth_seq_id 
_struct_conn.ptnr2_symmetry 
_struct_conn.pdbx_ptnr3_label_atom_id 
_struct_conn.pdbx_ptnr3_label_seq_id 
_struct_conn.pdbx_ptnr3_label_comp_id 
_struct_conn.pdbx_ptnr3_label_asym_id 
_struct_conn.pdbx_ptnr3_label_alt_id 
_struct_conn.pdbx_ptnr3_PDB_ins_code 
_struct_conn.details 
_struct_conn.pdbx_dist_value 
_struct_conn.pdbx_value_order 
_struct_conn.pdbx_role 
covale1 covale both ? B GLC . O4 ? ? ? 1_555 B BGC . C1 ? ? B GLC 1 B BGC 2 1_555 ? ? ? ? ? ? ? 1.430 ? ? 
covale2 covale both ? B BGC . O4 ? ? ? 1_555 B BGC . C1 ? ? B BGC 2 B BGC 3 1_555 ? ? ? ? ? ? ? 1.410 ? ? 
covale3 covale both ? B BGC . O4 ? ? ? 1_555 B BGC . C1 ? ? B BGC 3 B BGC 4 1_555 ? ? ? ? ? ? ? 1.402 ? ? 
covale4 covale both ? B BGC . O4 ? ? ? 1_555 B BGC . C1 ? ? B BGC 4 B BGC 5 1_555 ? ? ? ? ? ? ? 1.417 ? ? 
covale5 covale both ? B BGC . O4 ? ? ? 1_555 B BGC . C1 ? ? B BGC 5 B BGC 6 1_555 ? ? ? ? ? ? ? 1.408 ? ? 
# 
_struct_conn_type.id          covale 
_struct_conn_type.criteria    ? 
_struct_conn_type.reference   ? 
# 
loop_
_struct_sheet.id 
_struct_sheet.type 
_struct_sheet.number_strands 
_struct_sheet.details 
AA ? 4 ? 
AB ? 4 ? 
AC ? 5 ? 
# 
loop_
_struct_sheet_order.sheet_id 
_struct_sheet_order.range_id_1 
_struct_sheet_order.range_id_2 
_struct_sheet_order.offset 
_struct_sheet_order.sense 
AA 1 2 ? anti-parallel 
AA 2 3 ? anti-parallel 
AA 3 4 ? anti-parallel 
AB 1 2 ? anti-parallel 
AB 2 3 ? anti-parallel 
AB 3 4 ? anti-parallel 
AC 1 2 ? anti-parallel 
AC 2 3 ? anti-parallel 
AC 3 4 ? anti-parallel 
AC 4 5 ? anti-parallel 
# 
loop_
_struct_sheet_range.sheet_id 
_struct_sheet_range.id 
_struct_sheet_range.beg_label_comp_id 
_struct_sheet_range.beg_label_asym_id 
_struct_sheet_range.beg_label_seq_id 
_struct_sheet_range.pdbx_beg_PDB_ins_code 
_struct_sheet_range.end_label_comp_id 
_struct_sheet_range.end_label_asym_id 
_struct_sheet_range.end_label_seq_id 
_struct_sheet_range.pdbx_end_PDB_ins_code 
_struct_sheet_range.beg_auth_comp_id 
_struct_sheet_range.beg_auth_asym_id 
_struct_sheet_range.beg_auth_seq_id 
_struct_sheet_range.end_auth_comp_id 
_struct_sheet_range.end_auth_asym_id 
_struct_sheet_range.end_auth_seq_id 
AA 1 TYR A 7   ? PHE A 11  ? TYR A 7   PHE A 11  
AA 2 ILE A 125 ? SER A 133 ? ILE A 125 SER A 133 
AA 3 ALA A 36  ? PRO A 41  ? ALA A 36  PRO A 41  
AA 4 CYS A 28  ? TYR A 33  ? CYS A 28  TYR A 33  
AB 1 TYR A 7   ? PHE A 11  ? TYR A 7   PHE A 11  
AB 2 ILE A 125 ? SER A 133 ? ILE A 125 SER A 133 
AB 3 SER A 62  ? ASN A 69  ? SER A 62  ASN A 69  
AB 4 SER A 94  ? ASP A 103 ? SER A 94  ASP A 103 
AC 1 TYR A 21  ? ASN A 23  ? TYR A 21  ASN A 23  
AC 2 ALA A 48  ? ARG A 53  ? ALA A 48  ARG A 53  
AC 3 ARG A 112 ? ASP A 117 ? ARG A 112 ASP A 117 
AC 4 VAL A 73  ? ASN A 79  ? VAL A 73  ASN A 79  
AC 5 GLU A 84  ? ILE A 91  ? GLU A 84  ILE A 91  
# 
loop_
_pdbx_struct_sheet_hbond.sheet_id 
_pdbx_struct_sheet_hbond.range_id_1 
_pdbx_struct_sheet_hbond.range_id_2 
_pdbx_struct_sheet_hbond.range_1_label_atom_id 
_pdbx_struct_sheet_hbond.range_1_label_comp_id 
_pdbx_struct_sheet_hbond.range_1_label_asym_id 
_pdbx_struct_sheet_hbond.range_1_label_seq_id 
_pdbx_struct_sheet_hbond.range_1_PDB_ins_code 
_pdbx_struct_sheet_hbond.range_1_auth_atom_id 
_pdbx_struct_sheet_hbond.range_1_auth_comp_id 
_pdbx_struct_sheet_hbond.range_1_auth_asym_id 
_pdbx_struct_sheet_hbond.range_1_auth_seq_id 
_pdbx_struct_sheet_hbond.range_2_label_atom_id 
_pdbx_struct_sheet_hbond.range_2_label_comp_id 
_pdbx_struct_sheet_hbond.range_2_label_asym_id 
_pdbx_struct_sheet_hbond.range_2_label_seq_id 
_pdbx_struct_sheet_hbond.range_2_PDB_ins_code 
_pdbx_struct_sheet_hbond.range_2_auth_atom_id 
_pdbx_struct_sheet_hbond.range_2_auth_comp_id 
_pdbx_struct_sheet_hbond.range_2_auth_asym_id 
_pdbx_struct_sheet_hbond.range_2_auth_seq_id 
AA 1 2 N ILE A 10  ? N ILE A 10  O LEU A 130 ? O LEU A 130 
AA 2 3 N ILE A 127 ? N ILE A 127 O MET A 37  ? O MET A 37  
AA 3 4 N ASN A 40  ? N ASN A 40  O THR A 29  ? O THR A 29  
AB 1 2 N ILE A 10  ? N ILE A 10  O LEU A 130 ? O LEU A 130 
AB 2 3 N SER A 133 ? N SER A 133 O SER A 62  ? O SER A 62  
AB 3 4 N ASN A 69  ? N ASN A 69  O SER A 94  ? O SER A 94  
AC 1 2 N ASP A 22  ? N ASP A 22  O LYS A 52  ? O LYS A 52  
AC 2 3 N LEU A 51  ? N LEU A 51  O ILE A 113 ? O ILE A 113 
AC 3 4 N GLN A 116 ? N GLN A 116 O ALA A 74  ? O ALA A 74  
AC 4 5 N ASN A 79  ? N ASN A 79  O GLU A 84  ? O GLU A 84  
# 
_atom_sites.entry_id                    1W8T 
_atom_sites.fract_transf_matrix[1][1]   -0.00005957 
_atom_sites.fract_transf_matrix[1][2]   0.00078780 
_atom_sites.fract_transf_matrix[1][3]   -0.00959051 
_atom_sites.fract_transf_matrix[2][1]   -0.01681836 
_atom_sites.fract_transf_matrix[2][2]   -0.01620320 
_atom_sites.fract_transf_matrix[2][3]   -0.00122652 
_atom_sites.fract_transf_matrix[3][1]   -0.01971214 
_atom_sites.fract_transf_matrix[3][2]   0.02090652 
_atom_sites.fract_transf_matrix[3][3]   -0.00589197 
_atom_sites.fract_transf_vector[1]      0.145428 
_atom_sites.fract_transf_vector[2]      0.033797 
_atom_sites.fract_transf_vector[3]      0.103408 
# 
loop_
_atom_type.symbol 
C 
N 
O 
S 
# 
loop_
_atom_site.group_PDB 
_atom_site.id 
_atom_site.type_symbol 
_atom_site.label_atom_id 
_atom_site.label_alt_id 
_atom_site.label_comp_id 
_atom_site.label_asym_id 
_atom_site.label_entity_id 
_atom_site.label_seq_id 
_atom_site.pdbx_PDB_ins_code 
_atom_site.Cartn_x 
_atom_site.Cartn_y 
_atom_site.Cartn_z 
_atom_site.occupancy 
_atom_site.B_iso_or_equiv 
_atom_site.pdbx_formal_charge 
_atom_site.auth_seq_id 
_atom_site.auth_comp_id 
_atom_site.auth_asym_id 
_atom_site.auth_atom_id 
_atom_site.pdbx_PDB_model_num 
ATOM   1    N N   . ASN A 1 2   ? -18.535 17.337  -11.671 1.00 22.96 ? 2    ASN A N   1 
ATOM   2    C CA  . ASN A 1 2   ? -17.102 17.495  -11.271 1.00 21.92 ? 2    ASN A CA  1 
ATOM   3    C C   . ASN A 1 2   ? -16.354 16.258  -11.746 1.00 21.32 ? 2    ASN A C   1 
ATOM   4    O O   . ASN A 1 2   ? -16.584 15.155  -11.244 1.00 23.15 ? 2    ASN A O   1 
ATOM   5    C CB  . ASN A 1 2   ? -17.005 17.661  -9.746  1.00 22.24 ? 2    ASN A CB  1 
ATOM   6    C CG  . ASN A 1 2   ? -15.579 17.841  -9.263  1.00 22.22 ? 2    ASN A CG  1 
ATOM   7    O OD1 . ASN A 1 2   ? -14.663 17.145  -9.739  1.00 27.33 ? 2    ASN A OD1 1 
ATOM   8    N ND2 . ASN A 1 2   ? -15.372 18.737  -8.299  1.00 18.87 ? 2    ASN A ND2 1 
ATOM   9    N N   . VAL A 1 3   ? -15.464 16.427  -12.723 1.00 20.58 ? 3    VAL A N   1 
ATOM   10   C CA  . VAL A 1 3   ? -14.734 15.262  -13.260 1.00 20.60 ? 3    VAL A CA  1 
ATOM   11   C C   . VAL A 1 3   ? -13.335 15.113  -12.704 1.00 19.69 ? 3    VAL A C   1 
ATOM   12   O O   . VAL A 1 3   ? -12.582 14.218  -13.099 1.00 21.93 ? 3    VAL A O   1 
ATOM   13   C CB  . VAL A 1 3   ? -14.718 15.218  -14.789 1.00 21.44 ? 3    VAL A CB  1 
ATOM   14   C CG1 . VAL A 1 3   ? -16.157 15.180  -15.317 1.00 24.02 ? 3    VAL A CG1 1 
ATOM   15   C CG2 . VAL A 1 3   ? -13.985 16.382  -15.365 1.00 22.56 ? 3    VAL A CG2 1 
ATOM   16   N N   . ARG A 1 4   ? -12.986 15.969  -11.763 1.00 16.75 ? 4    ARG A N   1 
ATOM   17   C CA  . ARG A 1 4   ? -11.680 15.871  -11.097 1.00 15.02 ? 4    ARG A CA  1 
ATOM   18   C C   . ARG A 1 4   ? -11.691 14.720  -10.111 1.00 15.00 ? 4    ARG A C   1 
ATOM   19   O O   . ARG A 1 4   ? -12.738 14.342  -9.570  1.00 15.23 ? 4    ARG A O   1 
ATOM   20   C CB  . ARG A 1 4   ? -11.339 17.186  -10.413 1.00 13.61 ? 4    ARG A CB  1 
ATOM   21   C CG  . ARG A 1 4   ? -11.093 18.323  -11.450 1.00 14.89 ? 4    ARG A CG  1 
ATOM   22   C CD  . ARG A 1 4   ? -10.993 19.713  -10.837 1.00 15.80 ? 4    ARG A CD  1 
ATOM   23   N NE  . ARG A 1 4   ? -9.921  19.802  -9.857  1.00 15.79 ? 4    ARG A NE  1 
ATOM   24   C CZ  . ARG A 1 4   ? -9.648  20.862  -9.121  1.00 15.80 ? 4    ARG A CZ  1 
ATOM   25   N NH1 . ARG A 1 4   ? -10.325 21.988  -9.300  1.00 18.91 ? 4    ARG A NH1 1 
ATOM   26   N NH2 . ARG A 1 4   ? -8.717  20.814  -8.210  1.00 16.98 ? 4    ARG A NH2 1 
ATOM   27   N N   . ALA A 1 5   ? -10.502 14.186  -9.854  1.00 14.17 ? 5    ALA A N   1 
ATOM   28   C CA  . ALA A 1 5   ? -10.366 13.025  -8.975  1.00 13.82 ? 5    ALA A CA  1 
ATOM   29   C C   . ALA A 1 5   ? -10.495 13.420  -7.522  1.00 14.55 ? 5    ALA A C   1 
ATOM   30   O O   . ALA A 1 5   ? -10.237 14.571  -7.106  1.00 14.98 ? 5    ALA A O   1 
ATOM   31   C CB  . ALA A 1 5   ? -9.020  12.377  -9.199  1.00 13.69 ? 5    ALA A CB  1 
ATOM   32   N N   . THR A 1 6   ? -10.817 12.429  -6.707  1.00 13.95 ? 6    THR A N   1 
ATOM   33   C CA  . THR A 1 6   ? -10.715 12.526  -5.263  1.00 13.44 ? 6    THR A CA  1 
ATOM   34   C C   . THR A 1 6   ? -9.380  11.965  -4.846  1.00 12.33 ? 6    THR A C   1 
ATOM   35   O O   . THR A 1 6   ? -9.136  10.762  -5.088  1.00 12.75 ? 6    THR A O   1 
ATOM   36   C CB  . THR A 1 6   ? -11.832 11.727  -4.562  1.00 14.47 ? 6    THR A CB  1 
ATOM   37   O OG1 . THR A 1 6   ? -13.097 12.305  -4.894  1.00 16.64 ? 6    THR A OG1 1 
ATOM   38   C CG2 . THR A 1 6   ? -11.699 11.822  -3.072  1.00 15.24 ? 6    THR A CG2 1 
ATOM   39   N N   . TYR A 1 7   ? -8.530  12.741  -4.202  1.00 12.64 ? 7    TYR A N   1 
ATOM   40   C CA  . TYR A 1 7   ? -7.255  12.319  -3.672  1.00 12.24 ? 7    TYR A CA  1 
ATOM   41   C C   . TYR A 1 7   ? -7.367  12.137  -2.173  1.00 13.15 ? 7    TYR A C   1 
ATOM   42   O O   . TYR A 1 7   ? -7.720  13.070  -1.420  1.00 14.76 ? 7    TYR A O   1 
ATOM   43   C CB  . TYR A 1 7   ? -6.180  13.332  -3.971  1.00 13.27 ? 7    TYR A CB  1 
ATOM   44   C CG  . TYR A 1 7   ? -5.827  13.469  -5.430  1.00 12.97 ? 7    TYR A CG  1 
ATOM   45   C CD1 . TYR A 1 7   ? -6.568  14.289  -6.301  1.00 12.30 ? 7    TYR A CD1 1 
ATOM   46   C CD2 . TYR A 1 7   ? -4.683  12.861  -5.937  1.00 12.69 ? 7    TYR A CD2 1 
ATOM   47   C CE1 . TYR A 1 7   ? -6.210  14.451  -7.597  1.00 12.79 ? 7    TYR A CE1 1 
ATOM   48   C CE2 . TYR A 1 7   ? -4.334  13.011  -7.222  1.00 12.15 ? 7    TYR A CE2 1 
ATOM   49   C CZ  . TYR A 1 7   ? -5.079  13.836  -8.061  1.00 11.92 ? 7    TYR A CZ  1 
ATOM   50   O OH  . TYR A 1 7   ? -4.618  13.978  -9.373  1.00 12.53 ? 7    TYR A OH  1 
ATOM   51   N N   . THR A 1 8   ? -7.085  10.932  -1.712  1.00 12.25 ? 8    THR A N   1 
ATOM   52   C CA  . THR A 1 8   ? -7.056  10.546  -0.310  1.00 12.01 ? 8    THR A CA  1 
ATOM   53   C C   . THR A 1 8   ? -5.634  10.376  0.122   1.00 13.05 ? 8    THR A C   1 
ATOM   54   O O   . THR A 1 8   ? -4.986  9.427   -0.302  1.00 12.63 ? 8    THR A O   1 
ATOM   55   C CB  . THR A 1 8   ? -7.808  9.243   -0.096  1.00 12.23 ? 8    THR A CB  1 
ATOM   56   O OG1 . THR A 1 8   ? -9.185  9.394   -0.489  1.00 13.25 ? 8    THR A OG1 1 
ATOM   57   C CG2 . THR A 1 8   ? -7.794  8.870   1.368   1.00 12.85 ? 8    THR A CG2 1 
ATOM   58   N N   . VAL A 1 9   ? -5.114  11.251  0.953   1.00 12.46 ? 9    VAL A N   1 
ATOM   59   C CA  . VAL A 1 9   ? -3.806  11.083  1.521   1.00 13.14 ? 9    VAL A CA  1 
ATOM   60   C C   . VAL A 1 9   ? -3.977  10.174  2.714   1.00 14.02 ? 9    VAL A C   1 
ATOM   61   O O   . VAL A 1 9   ? -4.561  10.534  3.750   1.00 15.66 ? 9    VAL A O   1 
ATOM   62   C CB  . VAL A 1 9   ? -3.169  12.448  1.936   1.00 13.88 ? 9    VAL A CB  1 
ATOM   63   C CG1 . VAL A 1 9   ? -1.838  12.208  2.578   1.00 15.59 ? 9    VAL A CG1 1 
ATOM   64   C CG2 . VAL A 1 9   ? -3.056  13.324  0.721   1.00 15.91 ? 9    VAL A CG2 1 
ATOM   65   N N   . ILE A 1 10  ? -3.538  8.946   2.562   1.00 12.60 ? 10   ILE A N   1 
ATOM   66   C CA  . ILE A 1 10  ? -3.633  7.938   3.621   1.00 12.78 ? 10   ILE A CA  1 
ATOM   67   C C   . ILE A 1 10  ? -2.607  8.220   4.701   1.00 14.20 ? 10   ILE A C   1 
ATOM   68   O O   . ILE A 1 10  ? -2.960  8.297   5.887   1.00 14.86 ? 10   ILE A O   1 
ATOM   69   C CB  . ILE A 1 10  ? -3.585  6.509   3.040   1.00 12.96 ? 10   ILE A CB  1 
ATOM   70   C CG1 . ILE A 1 10  ? -4.764  6.303   2.100   1.00 12.26 ? 10   ILE A CG1 1 
ATOM   71   C CG2 . ILE A 1 10  ? -3.656  5.495   4.161   1.00 13.24 ? 10   ILE A CG2 1 
ATOM   72   C CD1 . ILE A 1 10  ? -4.757  4.988   1.308   1.00 13.74 ? 10   ILE A CD1 1 
ATOM   73   N N   . PHE A 1 11  ? -1.355  8.439   4.358   1.00 13.36 ? 11   PHE A N   1 
ATOM   74   C CA  . PHE A 1 11  ? -0.402  9.059   5.264   1.00 14.98 ? 11   PHE A CA  1 
ATOM   75   C C   . PHE A 1 11  ? 0.713   9.714   4.517   1.00 15.93 ? 11   PHE A C   1 
ATOM   76   O O   . PHE A 1 11  ? 1.076   9.305   3.412   1.00 14.74 ? 11   PHE A O   1 
ATOM   77   C CB  . PHE A 1 11  ? 0.173   8.085   6.314   1.00 15.51 ? 11   PHE A CB  1 
ATOM   78   C CG  . PHE A 1 11  ? 0.883   6.885   5.743   1.00 14.36 ? 11   PHE A CG  1 
ATOM   79   C CD1 . PHE A 1 11  ? 0.179   5.722   5.539   1.00 15.86 ? 11   PHE A CD1 1 
ATOM   80   C CD2 . PHE A 1 11  ? 2.229   6.899   5.479   1.00 18.13 ? 11   PHE A CD2 1 
ATOM   81   C CE1 . PHE A 1 11  ? 0.811   4.578   5.090   1.00 17.21 ? 11   PHE A CE1 1 
ATOM   82   C CE2 . PHE A 1 11  ? 2.839   5.759   4.974   1.00 17.54 ? 11   PHE A CE2 1 
ATOM   83   C CZ  . PHE A 1 11  ? 2.110   4.618   4.782   1.00 16.44 ? 11   PHE A CZ  1 
ATOM   84   N N   . LYS A 1 12  ? 1.288   10.744  5.116   1.00 16.07 ? 12   LYS A N   1 
ATOM   85   C CA  . LYS A 1 12  ? 2.468   11.402  4.600   1.00 17.24 ? 12   LYS A CA  1 
ATOM   86   C C   . LYS A 1 12  ? 3.668   10.811  5.323   1.00 17.27 ? 12   LYS A C   1 
ATOM   87   O O   . LYS A 1 12  ? 4.247   9.801   4.908   1.00 16.37 ? 12   LYS A O   1 
ATOM   88   C CB  . LYS A 1 12  ? 2.293   12.933  4.730   1.00 18.11 ? 12   LYS A CB  1 
ATOM   89   C CG  . LYS A 1 12  ? 3.272   13.745  4.013   1.00 22.11 ? 12   LYS A CG  1 
ATOM   90   C CD  . LYS A 1 12  ? 3.060   15.235  4.291   1.00 25.28 ? 12   LYS A CD  1 
ATOM   91   C CE  . LYS A 1 12  ? 1.594   15.649  4.449   1.00 30.32 ? 12   LYS A CE  1 
ATOM   92   N NZ  . LYS A 1 12  ? 0.695   15.264  3.319   1.00 33.57 ? 12   LYS A NZ  1 
ATOM   93   N N   . ASN A 1 13  ? 3.997   11.391  6.478   1.00 17.52 ? 13   ASN A N   1 
ATOM   94   C CA  . ASN A 1 13  ? 4.920   10.780  7.374   1.00 18.15 ? 13   ASN A CA  1 
ATOM   95   C C   . ASN A 1 13  ? 4.093   9.995   8.373   1.00 17.92 ? 13   ASN A C   1 
ATOM   96   O O   . ASN A 1 13  ? 3.113   10.497  8.921   1.00 20.34 ? 13   ASN A O   1 
ATOM   97   C CB  . ASN A 1 13  ? 5.736   11.864  8.101   1.00 19.15 ? 13   ASN A CB  1 
ATOM   98   C CG  . ASN A 1 13  ? 6.560   12.687  7.134   1.00 23.69 ? 13   ASN A CG  1 
ATOM   99   O OD1 . ASN A 1 13  ? 6.422   13.923  7.059   1.00 32.62 ? 13   ASN A OD1 1 
ATOM   100  N ND2 . ASN A 1 13  ? 7.397   12.018  6.366   1.00 22.21 ? 13   ASN A ND2 1 
ATOM   101  N N   . ALA A 1 14  ? 4.504   8.765   8.592   1.00 17.76 ? 14   ALA A N   1 
ATOM   102  C CA  . ALA A 1 14  ? 3.817   7.863   9.472   1.00 18.15 ? 14   ALA A CA  1 
ATOM   103  C C   . ALA A 1 14  ? 4.501   7.823   10.820  1.00 16.85 ? 14   ALA A C   1 
ATOM   104  O O   . ALA A 1 14  ? 5.706   7.552   10.911  1.00 17.50 ? 14   ALA A O   1 
ATOM   105  C CB  . ALA A 1 14  ? 3.805   6.493   8.837   1.00 18.08 ? 14   ALA A CB  1 
ATOM   106  N N   . SER A 1 15  ? 3.690   8.062   11.855  1.00 20.00 ? 15   SER A N   1 
ATOM   107  C CA  . SER A 1 15  ? 4.073   7.845   13.266  1.00 20.00 ? 15   SER A CA  1 
ATOM   108  C C   . SER A 1 15  ? 3.162   6.832   13.911  1.00 20.00 ? 15   SER A C   1 
ATOM   109  O O   . SER A 1 15  ? 3.084   6.742   15.137  1.00 20.00 ? 15   SER A O   1 
ATOM   110  C CB  . SER A 1 15  ? 3.979   9.117   14.098  1.00 20.00 ? 15   SER A CB  1 
ATOM   111  O OG  A SER A 1 15  ? 2.729   9.750   13.969  0.50 26.97 ? 15   SER A OG  1 
ATOM   112  O OG  B SER A 1 15  ? 4.788   10.151  13.589  0.50 20.00 ? 15   SER A OG  1 
ATOM   113  N N   . GLY A 1 16  ? 2.503   6.038   13.110  1.00 16.38 ? 16   GLY A N   1 
ATOM   114  C CA  . GLY A 1 16  ? 1.562   5.006   13.582  1.00 15.50 ? 16   GLY A CA  1 
ATOM   115  C C   . GLY A 1 16  ? 0.662   4.673   12.420  1.00 16.52 ? 16   GLY A C   1 
ATOM   116  O O   . GLY A 1 16  ? 0.867   5.184   11.307  1.00 16.90 ? 16   GLY A O   1 
ATOM   117  N N   . LEU A 1 17  ? -0.339  3.842   12.621  1.00 14.70 ? 17   LEU A N   1 
ATOM   118  C CA  . LEU A 1 17  ? -1.299  3.573   11.556  1.00 15.78 ? 17   LEU A CA  1 
ATOM   119  C C   . LEU A 1 17  ? -2.105  4.824   11.278  1.00 16.51 ? 17   LEU A C   1 
ATOM   120  O O   . LEU A 1 17  ? -2.419  5.574   12.172  1.00 18.45 ? 17   LEU A O   1 
ATOM   121  C CB  . LEU A 1 17  ? -2.242  2.422   11.935  1.00 14.71 ? 17   LEU A CB  1 
ATOM   122  C CG  . LEU A 1 17  ? -1.595  1.082   12.195  1.00 13.78 ? 17   LEU A CG  1 
ATOM   123  C CD1 . LEU A 1 17  ? -2.594  0.118   12.818  1.00 13.93 ? 17   LEU A CD1 1 
ATOM   124  C CD2 . LEU A 1 17  ? -0.988  0.474   10.905  1.00 13.72 ? 17   LEU A CD2 1 
ATOM   125  N N   . PRO A 1 18  ? -2.486  5.032   10.020  1.00 19.28 ? 18   PRO A N   1 
ATOM   126  C CA  . PRO A 1 18  ? -3.292  6.193   9.686   1.00 20.15 ? 18   PRO A CA  1 
ATOM   127  C C   . PRO A 1 18  ? -4.665  6.212   10.389  1.00 20.29 ? 18   PRO A C   1 
ATOM   128  O O   . PRO A 1 18  ? -5.296  5.181   10.487  1.00 17.95 ? 18   PRO A O   1 
ATOM   129  C CB  . PRO A 1 18  ? -3.406  6.105   8.158   1.00 20.51 ? 18   PRO A CB  1 
ATOM   130  C CG  . PRO A 1 18  ? -3.027  4.773   7.769   1.00 20.77 ? 18   PRO A CG  1 
ATOM   131  C CD  . PRO A 1 18  ? -2.167  4.175   8.866   1.00 20.05 ? 18   PRO A CD  1 
ATOM   132  N N   . ASN A 1 19  ? -5.144  7.345   10.918  1.00 21.28 ? 19   ASN A N   1 
ATOM   133  C CA  . ASN A 1 19  ? -6.485  7.411   11.503  1.00 21.89 ? 19   ASN A CA  1 
ATOM   134  C C   . ASN A 1 19  ? -7.516  6.913   10.480  1.00 21.15 ? 19   ASN A C   1 
ATOM   135  O O   . ASN A 1 19  ? -7.524  7.352   9.332   1.00 22.74 ? 19   ASN A O   1 
ATOM   136  C CB  . ASN A 1 19  ? -6.879  8.858   11.909  1.00 24.02 ? 19   ASN A CB  1 
ATOM   137  C CG  . ASN A 1 19  ? -7.676  8.927   13.204  1.00 28.34 ? 19   ASN A CG  1 
ATOM   138  O OD1 . ASN A 1 19  ? -8.605  8.148   13.445  1.00 32.74 ? 19   ASN A OD1 1 
ATOM   139  N ND2 . ASN A 1 19  ? -7.296  9.867   14.068  1.00 35.87 ? 19   ASN A ND2 1 
ATOM   140  N N   . GLY A 1 20  ? -8.395  6.039   10.919  1.00 19.95 ? 20   GLY A N   1 
ATOM   141  C CA  . GLY A 1 20  ? -9.397  5.467   10.041  1.00 18.74 ? 20   GLY A CA  1 
ATOM   142  C C   . GLY A 1 20  ? -9.025  4.107   9.479   1.00 17.48 ? 20   GLY A C   1 
ATOM   143  O O   . GLY A 1 20  ? -9.818  3.522   8.748   1.00 17.74 ? 20   GLY A O   1 
ATOM   144  N N   . TYR A 1 21  ? -7.824  3.624   9.795   1.00 15.73 ? 21   TYR A N   1 
ATOM   145  C CA  . TYR A 1 21  ? -7.311  2.348   9.241   1.00 15.98 ? 21   TYR A CA  1 
ATOM   146  C C   . TYR A 1 21  ? -6.856  1.416   10.349  1.00 15.93 ? 21   TYR A C   1 
ATOM   147  O O   . TYR A 1 21  ? -6.219  1.869   11.331  1.00 18.52 ? 21   TYR A O   1 
ATOM   148  C CB  . TYR A 1 21  ? -6.165  2.616   8.234   1.00 15.92 ? 21   TYR A CB  1 
ATOM   149  C CG  . TYR A 1 21  ? -6.643  3.450   7.088   1.00 16.62 ? 21   TYR A CG  1 
ATOM   150  C CD1 . TYR A 1 21  ? -6.843  4.807   7.246   1.00 19.67 ? 21   TYR A CD1 1 
ATOM   151  C CD2 . TYR A 1 21  ? -6.927  2.892   5.844   1.00 16.37 ? 21   TYR A CD2 1 
ATOM   152  C CE1 . TYR A 1 21  ? -7.321  5.608   6.226   1.00 18.67 ? 21   TYR A CE1 1 
ATOM   153  C CE2 . TYR A 1 21  ? -7.392  3.700   4.818   1.00 15.30 ? 21   TYR A CE2 1 
ATOM   154  C CZ  . TYR A 1 21  ? -7.610  5.029   5.017   1.00 19.17 ? 21   TYR A CZ  1 
ATOM   155  O OH  . TYR A 1 21  ? -8.111  5.835   3.983   1.00 20.04 ? 21   TYR A OH  1 
ATOM   156  N N   . ASP A 1 22  ? -7.199  0.138   10.240  1.00 15.35 ? 22   ASP A N   1 
ATOM   157  C CA  . ASP A 1 22  ? -6.626  -0.912  11.094  1.00 14.29 ? 22   ASP A CA  1 
ATOM   158  C C   . ASP A 1 22  ? -5.594  -1.663  10.265  1.00 14.30 ? 22   ASP A C   1 
ATOM   159  O O   . ASP A 1 22  ? -5.525  -1.461  9.047   1.00 14.90 ? 22   ASP A O   1 
ATOM   160  C CB  . ASP A 1 22  ? -7.700  -1.873  11.584  1.00 15.22 ? 22   ASP A CB  1 
ATOM   161  C CG  . ASP A 1 22  ? -8.584  -1.284  12.677  1.00 17.38 ? 22   ASP A CG  1 
ATOM   162  O OD1 . ASP A 1 22  ? -8.368  -0.135  13.108  1.00 20.40 ? 22   ASP A OD1 1 
ATOM   163  O OD2 . ASP A 1 22  ? -9.495  -1.943  13.164  1.00 22.34 ? 22   ASP A OD2 1 
ATOM   164  N N   . ASN A 1 23  ? -4.791  -2.497  10.903  1.00 12.58 ? 23   ASN A N   1 
ATOM   165  C CA  . ASN A 1 23  ? -3.833  -3.359  10.203  1.00 12.71 ? 23   ASN A CA  1 
ATOM   166  C C   . ASN A 1 23  ? -4.270  -4.788  10.292  1.00 12.25 ? 23   ASN A C   1 
ATOM   167  O O   . ASN A 1 23  ? -4.225  -5.391  11.372  1.00 13.65 ? 23   ASN A O   1 
ATOM   168  C CB  . ASN A 1 23  ? -2.441  -3.245  10.825  1.00 13.35 ? 23   ASN A CB  1 
ATOM   169  C CG  . ASN A 1 23  ? -1.384  -4.050  10.100  1.00 13.08 ? 23   ASN A CG  1 
ATOM   170  O OD1 . ASN A 1 23  ? -1.587  -4.543  9.015   1.00 12.49 ? 23   ASN A OD1 1 
ATOM   171  N ND2 . ASN A 1 23  ? -0.210  -4.161  10.700  1.00 15.69 ? 23   ASN A ND2 1 
ATOM   172  N N   . TRP A 1 24  ? -4.700  -5.338  9.157   1.00 11.21 ? 24   TRP A N   1 
ATOM   173  C CA  . TRP A 1 24  ? -5.101  -6.745  9.046   1.00 11.35 ? 24   TRP A CA  1 
ATOM   174  C C   . TRP A 1 24  ? -3.960  -7.562  8.437   1.00 12.04 ? 24   TRP A C   1 
ATOM   175  O O   . TRP A 1 24  ? -4.169  -8.596  7.804   1.00 12.78 ? 24   TRP A O   1 
ATOM   176  C CB  . TRP A 1 24  ? -6.358  -6.863  8.179   1.00 12.41 ? 24   TRP A CB  1 
ATOM   177  C CG  . TRP A 1 24  ? -7.636  -6.441  8.833   1.00 12.12 ? 24   TRP A CG  1 
ATOM   178  C CD1 . TRP A 1 24  ? -7.803  -5.617  9.911   1.00 14.09 ? 24   TRP A CD1 1 
ATOM   179  C CD2 . TRP A 1 24  ? -8.956  -6.840  8.416   1.00 13.94 ? 24   TRP A CD2 1 
ATOM   180  N NE1 . TRP A 1 24  ? -9.145  -5.489  10.185  1.00 15.91 ? 24   TRP A NE1 1 
ATOM   181  C CE2 . TRP A 1 24  ? -9.867  -6.210  9.278   1.00 14.77 ? 24   TRP A CE2 1 
ATOM   182  C CE3 . TRP A 1 24  ? -9.451  -7.674  7.397   1.00 13.67 ? 24   TRP A CE3 1 
ATOM   183  C CZ2 . TRP A 1 24  ? -11.258 -6.389  9.183   1.00 14.98 ? 24   TRP A CZ2 1 
ATOM   184  C CZ3 . TRP A 1 24  ? -10.831 -7.839  7.304   1.00 14.79 ? 24   TRP A CZ3 1 
ATOM   185  C CH2 . TRP A 1 24  ? -11.709 -7.195  8.202   1.00 15.32 ? 24   TRP A CH2 1 
ATOM   186  N N   . GLY A 1 25  ? -2.730  -7.099  8.655   1.00 12.15 ? 25   GLY A N   1 
ATOM   187  C CA  . GLY A 1 25  ? -1.554  -7.759  8.141   1.00 12.75 ? 25   GLY A CA  1 
ATOM   188  C C   . GLY A 1 25  ? -1.227  -9.049  8.856   1.00 13.26 ? 25   GLY A C   1 
ATOM   189  O O   . GLY A 1 25  ? -1.948  -9.517  9.758   1.00 15.59 ? 25   GLY A O   1 
ATOM   190  N N   . TRP A 1 26  ? -0.146  -9.650  8.425   1.00 13.19 ? 26   TRP A N   1 
ATOM   191  C CA  . TRP A 1 26  ? 0.235   -10.959 8.924   1.00 13.42 ? 26   TRP A CA  1 
ATOM   192  C C   . TRP A 1 26  ? 1.739   -11.080 8.757   1.00 14.21 ? 26   TRP A C   1 
ATOM   193  O O   . TRP A 1 26  ? 2.361   -10.517 7.850   1.00 13.06 ? 26   TRP A O   1 
ATOM   194  C CB  . TRP A 1 26  ? -0.501  -12.059 8.185   1.00 14.43 ? 26   TRP A CB  1 
ATOM   195  C CG  . TRP A 1 26  ? -0.209  -12.117 6.726   1.00 12.97 ? 26   TRP A CG  1 
ATOM   196  C CD1 . TRP A 1 26  ? 0.748   -12.900 6.116   1.00 14.49 ? 26   TRP A CD1 1 
ATOM   197  C CD2 . TRP A 1 26  ? -0.819  -11.372 5.647   1.00 12.93 ? 26   TRP A CD2 1 
ATOM   198  N NE1 . TRP A 1 26  ? 0.756   -12.691 4.767   1.00 14.21 ? 26   TRP A NE1 1 
ATOM   199  C CE2 . TRP A 1 26  ? -0.194  -11.750 4.446   1.00 13.60 ? 26   TRP A CE2 1 
ATOM   200  C CE3 . TRP A 1 26  ? -1.828  -10.409 5.579   1.00 13.33 ? 26   TRP A CE3 1 
ATOM   201  C CZ2 . TRP A 1 26  ? -0.546  -11.222 3.215   1.00 14.06 ? 26   TRP A CZ2 1 
ATOM   202  C CZ3 . TRP A 1 26  ? -2.199  -9.911  4.353   1.00 13.69 ? 26   TRP A CZ3 1 
ATOM   203  C CH2 . TRP A 1 26  ? -1.552  -10.300 3.184   1.00 13.72 ? 26   TRP A CH2 1 
ATOM   204  N N   . GLY A 1 27  ? 2.353   -11.872 9.630   1.00 14.86 ? 27   GLY A N   1 
ATOM   205  C CA  . GLY A 1 27  ? 3.742   -12.269 9.447   1.00 14.80 ? 27   GLY A CA  1 
ATOM   206  C C   . GLY A 1 27  ? 4.765   -11.159 9.397   1.00 14.20 ? 27   GLY A C   1 
ATOM   207  O O   . GLY A 1 27  ? 5.789   -11.316 8.724   1.00 16.05 ? 27   GLY A O   1 
ATOM   208  N N   . CYS A 1 28  ? 4.504   -10.059 10.078  1.00 14.40 ? 28   CYS A N   1 
ATOM   209  C CA  . CYS A 1 28  ? 5.476   -8.972  10.207  1.00 14.86 ? 28   CYS A CA  1 
ATOM   210  C C   . CYS A 1 28  ? 5.271   -8.152  11.420  1.00 16.09 ? 28   CYS A C   1 
ATOM   211  O O   . CYS A 1 28  ? 4.221   -8.249  12.073  1.00 16.45 ? 28   CYS A O   1 
ATOM   212  C CB  . CYS A 1 28  ? 5.461   -7.939  9.099   1.00 16.69 ? 28   CYS A CB  1 
ATOM   213  S SG  A CYS A 1 28  ? 3.783   -7.291  8.701   0.50 9.78  ? 28   CYS A SG  1 
ATOM   214  S SG  B CYS A 1 28  ? 4.566   -7.994  7.626   0.50 21.85 ? 28   CYS A SG  1 
ATOM   215  N N   . THR A 1 29  ? 6.260   -7.313  11.692  1.00 16.11 ? 29   THR A N   1 
ATOM   216  C CA  . THR A 1 29  ? 6.125   -6.254  12.682  1.00 17.11 ? 29   THR A CA  1 
ATOM   217  C C   . THR A 1 29  ? 6.271   -4.933  11.935  1.00 17.08 ? 29   THR A C   1 
ATOM   218  O O   . THR A 1 29  ? 6.895   -4.887  10.858  1.00 18.86 ? 29   THR A O   1 
ATOM   219  C CB  . THR A 1 29  ? 7.170   -6.363  13.777  1.00 17.62 ? 29   THR A CB  1 
ATOM   220  O OG1 . THR A 1 29  ? 8.467   -6.259  13.218  1.00 22.92 ? 29   THR A OG1 1 
ATOM   221  C CG2 . THR A 1 29  ? 7.157   -7.725  14.444  1.00 19.12 ? 29   THR A CG2 1 
ATOM   222  N N   . LEU A 1 30  ? 5.660   -3.886  12.471  1.00 15.42 ? 30   LEU A N   1 
ATOM   223  C CA  . LEU A 1 30  ? 5.760   -2.524  11.940  1.00 15.63 ? 30   LEU A CA  1 
ATOM   224  C C   . LEU A 1 30  ? 6.425   -1.603  12.926  1.00 15.32 ? 30   LEU A C   1 
ATOM   225  O O   . LEU A 1 30  ? 6.100   -1.610  14.136  1.00 14.88 ? 30   LEU A O   1 
ATOM   226  C CB  . LEU A 1 30  ? 4.389   -1.946  11.655  1.00 15.70 ? 30   LEU A CB  1 
ATOM   227  C CG  . LEU A 1 30  ? 3.670   -2.408  10.413  1.00 19.08 ? 30   LEU A CG  1 
ATOM   228  C CD1 . LEU A 1 30  ? 3.589   -3.895  10.297  1.00 22.69 ? 30   LEU A CD1 1 
ATOM   229  C CD2 . LEU A 1 30  ? 2.320   -1.760  10.404  1.00 17.44 ? 30   LEU A CD2 1 
ATOM   230  N N   . SER A 1 31  ? 7.296   -0.762  12.428  1.00 15.85 ? 31   SER A N   1 
ATOM   231  C CA  . SER A 1 31  ? 7.868   0.292   13.220  1.00 17.16 ? 31   SER A CA  1 
ATOM   232  C C   . SER A 1 31  ? 7.768   1.584   12.445  1.00 17.82 ? 31   SER A C   1 
ATOM   233  O O   . SER A 1 31  ? 7.479   1.576   11.215  1.00 16.77 ? 31   SER A O   1 
ATOM   234  C CB  . SER A 1 31  ? 9.293   -0.022  13.643  1.00 18.66 ? 31   SER A CB  1 
ATOM   235  O OG  . SER A 1 31  ? 10.120  -0.255  12.538  1.00 23.01 ? 31   SER A OG  1 
ATOM   236  N N   . TYR A 1 32  ? 7.974   2.699   13.127  1.00 17.44 ? 32   TYR A N   1 
ATOM   237  C CA  . TYR A 1 32  ? 7.778   4.005   12.558  1.00 19.44 ? 32   TYR A CA  1 
ATOM   238  C C   . TYR A 1 32  ? 8.953   4.861   12.952  1.00 21.68 ? 32   TYR A C   1 
ATOM   239  O O   . TYR A 1 32  ? 9.158   5.128   14.150  1.00 22.10 ? 32   TYR A O   1 
ATOM   240  C CB  . TYR A 1 32  ? 6.467   4.606   13.058  1.00 18.74 ? 32   TYR A CB  1 
ATOM   241  C CG  . TYR A 1 32  ? 5.273   3.729   12.813  1.00 17.41 ? 32   TYR A CG  1 
ATOM   242  C CD1 . TYR A 1 32  ? 4.567   3.799   11.609  1.00 18.43 ? 32   TYR A CD1 1 
ATOM   243  C CD2 . TYR A 1 32  ? 4.859   2.790   13.758  1.00 16.41 ? 32   TYR A CD2 1 
ATOM   244  C CE1 . TYR A 1 32  ? 3.499   2.978   11.364  1.00 17.75 ? 32   TYR A CE1 1 
ATOM   245  C CE2 . TYR A 1 32  ? 3.788   1.949   13.534  1.00 17.01 ? 32   TYR A CE2 1 
ATOM   246  C CZ  . TYR A 1 32  ? 3.099   2.022   12.307  1.00 16.33 ? 32   TYR A CZ  1 
ATOM   247  O OH  . TYR A 1 32  ? 2.022   1.194   12.068  1.00 17.29 ? 32   TYR A OH  1 
ATOM   248  N N   . TYR A 1 33  ? 9.721   5.299   11.966  1.00 23.46 ? 33   TYR A N   1 
ATOM   249  C CA  . TYR A 1 33  ? 10.917  6.111   12.204  1.00 23.80 ? 33   TYR A CA  1 
ATOM   250  C C   . TYR A 1 33  ? 11.141  6.997   10.997  1.00 24.10 ? 33   TYR A C   1 
ATOM   251  O O   . TYR A 1 33  ? 11.035  6.537   9.861   1.00 21.66 ? 33   TYR A O   1 
ATOM   252  C CB  . TYR A 1 33  ? 12.134  5.221   12.460  1.00 27.00 ? 33   TYR A CB  1 
ATOM   253  C CG  . TYR A 1 33  ? 13.385  6.036   12.766  1.00 28.28 ? 33   TYR A CG  1 
ATOM   254  C CD1 . TYR A 1 33  ? 13.475  6.806   13.930  1.00 32.15 ? 33   TYR A CD1 1 
ATOM   255  C CD2 . TYR A 1 33  ? 14.461  6.057   11.877  1.00 32.42 ? 33   TYR A CD2 1 
ATOM   256  C CE1 . TYR A 1 33  ? 14.623  7.586   14.202  1.00 33.11 ? 33   TYR A CE1 1 
ATOM   257  C CE2 . TYR A 1 33  ? 15.604  6.827   12.145  1.00 32.43 ? 33   TYR A CE2 1 
ATOM   258  C CZ  . TYR A 1 33  ? 15.670  7.584   13.296  1.00 32.22 ? 33   TYR A CZ  1 
ATOM   259  O OH  . TYR A 1 33  ? 16.809  8.328   13.546  1.00 34.53 ? 33   TYR A OH  1 
ATOM   260  N N   . GLY A 1 34  ? 11.441  8.269   11.234  1.00 22.98 ? 34   GLY A N   1 
ATOM   261  C CA  . GLY A 1 34  ? 11.781  9.171   10.146  1.00 22.50 ? 34   GLY A CA  1 
ATOM   262  C C   . GLY A 1 34  ? 10.620  9.436   9.234   1.00 21.00 ? 34   GLY A C   1 
ATOM   263  O O   . GLY A 1 34  ? 10.804  9.812   8.077   1.00 23.42 ? 34   GLY A O   1 
ATOM   264  N N   . GLY A 1 35  ? 9.406   9.218   9.735   1.00 20.08 ? 35   GLY A N   1 
ATOM   265  C CA  . GLY A 1 35  ? 8.207   9.381   8.943   1.00 18.95 ? 35   GLY A CA  1 
ATOM   266  C C   . GLY A 1 35  ? 7.855   8.176   8.060   1.00 17.41 ? 35   GLY A C   1 
ATOM   267  O O   . GLY A 1 35  ? 6.862   8.232   7.352   1.00 18.29 ? 35   GLY A O   1 
ATOM   268  N N   . ALA A 1 36  ? 8.677   7.138   8.083   1.00 16.05 ? 36   ALA A N   1 
ATOM   269  C CA  . ALA A 1 36  ? 8.414   5.915   7.307   1.00 15.53 ? 36   ALA A CA  1 
ATOM   270  C C   . ALA A 1 36  ? 7.654   4.883   8.149   1.00 15.46 ? 36   ALA A C   1 
ATOM   271  O O   . ALA A 1 36  ? 7.951   4.675   9.341   1.00 14.88 ? 36   ALA A O   1 
ATOM   272  C CB  . ALA A 1 36  ? 9.689   5.347   6.826   1.00 15.80 ? 36   ALA A CB  1 
ATOM   273  N N   . MET A 1 37  ? 6.722   4.202   7.503   1.00 14.06 ? 37   MET A N   1 
ATOM   274  C CA  . MET A 1 37  ? 6.222   2.936   8.004   1.00 13.73 ? 37   MET A CA  1 
ATOM   275  C C   . MET A 1 37  ? 7.200   1.867   7.544   1.00 13.73 ? 37   MET A C   1 
ATOM   276  O O   . MET A 1 37  ? 7.448   1.707   6.321   1.00 13.19 ? 37   MET A O   1 
ATOM   277  C CB  . MET A 1 37  ? 4.833   2.709   7.435   1.00 13.00 ? 37   MET A CB  1 
ATOM   278  C CG  . MET A 1 37  ? 4.265   1.347   7.747   1.00 14.56 ? 37   MET A CG  1 
ATOM   279  S SD  . MET A 1 37  ? 2.623   1.035   6.987   1.00 17.29 ? 37   MET A SD  1 
ATOM   280  C CE  . MET A 1 37  ? 1.704   2.269   7.785   1.00 21.60 ? 37   MET A CE  1 
ATOM   281  N N   . ILE A 1 38  ? 7.793   1.168   8.486   1.00 14.18 ? 38   ILE A N   1 
ATOM   282  C CA  . ILE A 1 38  ? 8.828   0.199   8.230   1.00 14.27 ? 38   ILE A CA  1 
ATOM   283  C C   . ILE A 1 38  ? 8.271   -1.193  8.494   1.00 13.94 ? 38   ILE A C   1 
ATOM   284  O O   . ILE A 1 38  ? 7.880   -1.509  9.627   1.00 15.06 ? 38   ILE A O   1 
ATOM   285  C CB  . ILE A 1 38  ? 10.091  0.441   9.046   1.00 15.14 ? 38   ILE A CB  1 
ATOM   286  C CG1 . ILE A 1 38  ? 10.519  1.903   8.929   1.00 16.85 ? 38   ILE A CG1 1 
ATOM   287  C CG2 . ILE A 1 38  ? 11.160  -0.523  8.587   1.00 16.70 ? 38   ILE A CG2 1 
ATOM   288  C CD1 . ILE A 1 38  ? 11.706  2.241   9.739   1.00 18.25 ? 38   ILE A CD1 1 
ATOM   289  N N   . ILE A 1 39  ? 8.165   -2.028  7.467   1.00 13.04 ? 39   ILE A N   1 
ATOM   290  C CA  . ILE A 1 39  ? 7.649   -3.380  7.606   1.00 13.61 ? 39   ILE A CA  1 
ATOM   291  C C   . ILE A 1 39  ? 8.838   -4.294  7.762   1.00 12.73 ? 39   ILE A C   1 
ATOM   292  O O   . ILE A 1 39  ? 9.746   -4.285  6.926   1.00 12.57 ? 39   ILE A O   1 
ATOM   293  C CB  . ILE A 1 39  ? 6.824   -3.802  6.354   1.00 14.14 ? 39   ILE A CB  1 
ATOM   294  C CG1 . ILE A 1 39  ? 5.794   -2.743  6.039   1.00 15.52 ? 39   ILE A CG1 1 
ATOM   295  C CG2 . ILE A 1 39  ? 6.200   -5.167  6.577   1.00 13.59 ? 39   ILE A CG2 1 
ATOM   296  C CD1 . ILE A 1 39  ? 5.087   -2.992  4.728   1.00 17.35 ? 39   ILE A CD1 1 
ATOM   297  N N   . ASN A 1 40  ? 8.850   -5.087  8.831   1.00 12.96 ? 40   ASN A N   1 
ATOM   298  C CA  . ASN A 1 40  ? 9.856   -6.113  9.069   1.00 13.38 ? 40   ASN A CA  1 
ATOM   299  C C   . ASN A 1 40  ? 9.197   -7.486  8.958   1.00 13.33 ? 40   ASN A C   1 
ATOM   300  O O   . ASN A 1 40  ? 8.634   -7.981  9.934   1.00 14.07 ? 40   ASN A O   1 
ATOM   301  C CB  . ASN A 1 40  ? 10.453  -5.907  10.475  1.00 13.95 ? 40   ASN A CB  1 
ATOM   302  C CG  A ASN A 1 40  ? 11.847  -6.513  10.638  0.50 15.97 ? 40   ASN A CG  1 
ATOM   303  C CG  B ASN A 1 40  ? 11.425  -4.750  10.536  0.50 17.94 ? 40   ASN A CG  1 
ATOM   304  O OD1 A ASN A 1 40  ? 12.536  -6.281  11.639  0.50 22.87 ? 40   ASN A OD1 1 
ATOM   305  O OD1 B ASN A 1 40  ? 11.069  -3.677  11.025  0.50 26.84 ? 40   ASN A OD1 1 
ATOM   306  N ND2 A ASN A 1 40  ? 12.215  -7.386  9.708   0.50 16.42 ? 40   ASN A ND2 1 
ATOM   307  N ND2 B ASN A 1 40  ? 12.611  -4.923  9.995   0.50 25.04 ? 40   ASN A ND2 1 
ATOM   308  N N   . PRO A 1 41  ? 9.180   -8.087  7.770   1.00 13.38 ? 41   PRO A N   1 
ATOM   309  C CA  . PRO A 1 41  ? 8.516   -9.370  7.584   1.00 14.69 ? 41   PRO A CA  1 
ATOM   310  C C   . PRO A 1 41  ? 9.305   -10.514 8.166   1.00 16.21 ? 41   PRO A C   1 
ATOM   311  O O   . PRO A 1 41  ? 10.555  -10.520 8.129   1.00 16.20 ? 41   PRO A O   1 
ATOM   312  C CB  . PRO A 1 41  ? 8.404   -9.512  6.053   1.00 15.35 ? 41   PRO A CB  1 
ATOM   313  C CG  . PRO A 1 41  ? 8.899   -8.237  5.501   1.00 15.79 ? 41   PRO A CG  1 
ATOM   314  C CD  . PRO A 1 41  ? 9.760   -7.580  6.522   1.00 13.87 ? 41   PRO A CD  1 
ATOM   315  N N   . GLN A 1 42  ? 8.593   -11.519 8.648   1.00 16.97 ? 42   GLN A N   1 
ATOM   316  C CA  . GLN A 1 42  ? 9.250   -12.688 9.206   1.00 18.32 ? 42   GLN A CA  1 
ATOM   317  C C   . GLN A 1 42  ? 9.651   -13.635 8.094   1.00 17.81 ? 42   GLN A C   1 
ATOM   318  O O   . GLN A 1 42  ? 8.859   -13.973 7.234   1.00 16.71 ? 42   GLN A O   1 
ATOM   319  C CB  . GLN A 1 42  ? 8.273   -13.367 10.152  1.00 18.69 ? 42   GLN A CB  1 
ATOM   320  C CG  . GLN A 1 42  ? 8.774   -14.669 10.735  1.00 20.98 ? 42   GLN A CG  1 
ATOM   321  C CD  . GLN A 1 42  ? 7.889   -15.227 11.838  1.00 24.42 ? 42   GLN A CD  1 
ATOM   322  O OE1 . GLN A 1 42  ? 7.028   -14.517 12.389  1.00 33.61 ? 42   GLN A OE1 1 
ATOM   323  N NE2 . GLN A 1 42  ? 8.078   -16.510 12.145  1.00 32.54 ? 42   GLN A NE2 1 
ATOM   324  N N   . GLU A 1 43  ? 10.886  -14.135 8.161   1.00 19.08 ? 43   GLU A N   1 
ATOM   325  C CA  . GLU A 1 43  ? 11.383  -15.130 7.224   1.00 20.85 ? 43   GLU A CA  1 
ATOM   326  C C   . GLU A 1 43  ? 10.363  -16.278 7.094   1.00 19.32 ? 43   GLU A C   1 
ATOM   327  O O   . GLU A 1 43  ? 9.881   -16.795 8.105   1.00 19.62 ? 43   GLU A O   1 
ATOM   328  C CB  . GLU A 1 43  ? 12.774  -15.652 7.727   1.00 23.37 ? 43   GLU A CB  1 
ATOM   329  C CG  . GLU A 1 43  ? 13.937  -15.492 6.745   1.00 29.99 ? 43   GLU A CG  1 
ATOM   330  C CD  . GLU A 1 43  ? 15.039  -14.490 7.129   1.00 36.43 ? 43   GLU A CD  1 
ATOM   331  O OE1 . GLU A 1 43  ? 14.964  -13.808 8.190   1.00 40.85 ? 43   GLU A OE1 1 
ATOM   332  O OE2 . GLU A 1 43  ? 16.023  -14.388 6.344   1.00 39.03 ? 43   GLU A OE2 1 
ATOM   333  N N   . GLY A 1 44  ? 10.018  -16.632 5.859   1.00 19.23 ? 44   GLY A N   1 
ATOM   334  C CA  . GLY A 1 44  ? 9.159   -17.747 5.546   1.00 19.26 ? 44   GLY A CA  1 
ATOM   335  C C   . GLY A 1 44  ? 7.658   -17.508 5.671   1.00 18.87 ? 44   GLY A C   1 
ATOM   336  O O   . GLY A 1 44  ? 6.868   -18.396 5.349   1.00 20.44 ? 44   GLY A O   1 
ATOM   337  N N   . LYS A 1 45  ? 7.236   -16.308 6.091   1.00 18.38 ? 45   LYS A N   1 
ATOM   338  C CA  . LYS A 1 45  ? 5.815   -16.056 6.323   1.00 17.93 ? 45   LYS A CA  1 
ATOM   339  C C   . LYS A 1 45  ? 5.140   -15.336 5.138   1.00 17.34 ? 45   LYS A C   1 
ATOM   340  O O   . LYS A 1 45  ? 3.926   -15.228 5.093   1.00 17.40 ? 45   LYS A O   1 
ATOM   341  C CB  . LYS A 1 45  ? 5.629   -15.267 7.604   1.00 19.47 ? 45   LYS A CB  1 
ATOM   342  C CG  . LYS A 1 45  ? 6.057   -16.041 8.872   1.00 23.50 ? 45   LYS A CG  1 
ATOM   343  C CD  . LYS A 1 45  ? 5.127   -17.181 9.220   1.00 27.29 ? 45   LYS A CD  1 
ATOM   344  C CE  . LYS A 1 45  ? 5.677   -17.979 10.402  1.00 28.62 ? 45   LYS A CE  1 
ATOM   345  N NZ  . LYS A 1 45  ? 5.210   -19.421 10.341  1.00 30.60 ? 45   LYS A NZ  1 
ATOM   346  N N   . TYR A 1 46  ? 5.919   -14.842 4.193   1.00 14.88 ? 46   TYR A N   1 
ATOM   347  C CA  . TYR A 1 46  ? 5.420   -13.990 3.116   1.00 14.69 ? 46   TYR A CA  1 
ATOM   348  C C   . TYR A 1 46  ? 4.512   -12.897 3.687   1.00 13.10 ? 46   TYR A C   1 
ATOM   349  O O   . TYR A 1 46  ? 3.380   -12.701 3.217   1.00 13.03 ? 46   TYR A O   1 
ATOM   350  C CB  . TYR A 1 46  ? 4.724   -14.844 2.046   1.00 16.43 ? 46   TYR A CB  1 
ATOM   351  C CG  . TYR A 1 46  ? 5.644   -15.904 1.467   1.00 16.72 ? 46   TYR A CG  1 
ATOM   352  C CD1 . TYR A 1 46  ? 5.817   -17.143 2.106   1.00 18.35 ? 46   TYR A CD1 1 
ATOM   353  C CD2 . TYR A 1 46  ? 6.361   -15.665 0.310   1.00 17.85 ? 46   TYR A CD2 1 
ATOM   354  C CE1 . TYR A 1 46  ? 6.661   -18.103 1.582   1.00 19.98 ? 46   TYR A CE1 1 
ATOM   355  C CE2 . TYR A 1 46  ? 7.242   -16.620 -0.219  1.00 19.86 ? 46   TYR A CE2 1 
ATOM   356  C CZ  . TYR A 1 46  ? 7.371   -17.840 0.420   1.00 20.03 ? 46   TYR A CZ  1 
ATOM   357  O OH  . TYR A 1 46  ? 8.222   -18.816 -0.101  1.00 21.33 ? 46   TYR A OH  1 
ATOM   358  N N   . GLY A 1 47  ? 4.993   -12.224 4.716   1.00 11.89 ? 47   GLY A N   1 
ATOM   359  C CA  . GLY A 1 47  ? 4.229   -11.314 5.501   1.00 12.11 ? 47   GLY A CA  1 
ATOM   360  C C   . GLY A 1 47  ? 3.909   -10.005 4.796   1.00 10.81 ? 47   GLY A C   1 
ATOM   361  O O   . GLY A 1 47  ? 4.519   -9.666  3.786   1.00 11.94 ? 47   GLY A O   1 
ATOM   362  N N   . ALA A 1 48  ? 2.923   -9.313  5.342   1.00 11.55 ? 48   ALA A N   1 
ATOM   363  C CA  . ALA A 1 48  ? 2.480   -8.051  4.740   1.00 10.71 ? 48   ALA A CA  1 
ATOM   364  C C   . ALA A 1 48  ? 1.838   -7.161  5.741   1.00 10.64 ? 48   ALA A C   1 
ATOM   365  O O   . ALA A 1 48  ? 1.264   -7.621  6.738   1.00 11.88 ? 48   ALA A O   1 
ATOM   366  C CB  . ALA A 1 48  ? 1.419   -8.346  3.686   1.00 11.31 ? 48   ALA A CB  1 
ATOM   367  N N   . VAL A 1 49  ? 1.866   -5.859  5.483   1.00 9.98  ? 49   VAL A N   1 
ATOM   368  C CA  . VAL A 1 49  ? 0.911   -4.921  6.062   1.00 10.18 ? 49   VAL A CA  1 
ATOM   369  C C   . VAL A 1 49  ? -0.331  -4.955  5.213   1.00 9.49  ? 49   VAL A C   1 
ATOM   370  O O   . VAL A 1 49  ? -0.256  -5.098  3.993   1.00 10.63 ? 49   VAL A O   1 
ATOM   371  C CB  . VAL A 1 49  ? 1.541   -3.503  6.210   1.00 10.28 ? 49   VAL A CB  1 
ATOM   372  C CG1 A VAL A 1 49  ? 1.580   -2.873  4.819   0.50 9.17  ? 49   VAL A CG1 1 
ATOM   373  C CG1 B VAL A 1 49  ? 0.808   -2.520  7.097   0.50 14.79 ? 49   VAL A CG1 1 
ATOM   374  C CG2 A VAL A 1 49  ? 0.670   -2.599  7.092   0.50 8.92  ? 49   VAL A CG2 1 
ATOM   375  C CG2 B VAL A 1 49  ? 2.865   -3.751  6.827   0.50 15.95 ? 49   VAL A CG2 1 
ATOM   376  N N   . SER A 1 50  ? -1.482  -4.854  5.848   1.00 10.05 ? 50   SER A N   1 
ATOM   377  C CA  . SER A 1 50  ? -2.757  -4.807  5.135   1.00 10.03 ? 50   SER A CA  1 
ATOM   378  C C   . SER A 1 50  ? -3.584  -3.706  5.785   1.00 10.61 ? 50   SER A C   1 
ATOM   379  O O   . SER A 1 50  ? -4.200  -3.899  6.827   1.00 11.50 ? 50   SER A O   1 
ATOM   380  C CB  . SER A 1 50  ? -3.434  -6.160  5.178   1.00 10.62 ? 50   SER A CB  1 
ATOM   381  O OG  . SER A 1 50  ? -4.658  -6.160  4.437   1.00 11.75 ? 50   SER A OG  1 
ATOM   382  N N   . LEU A 1 51  ? -3.554  -2.530  5.169   1.00 10.12 ? 51   LEU A N   1 
ATOM   383  C CA  . LEU A 1 51  ? -4.258  -1.382  5.711   1.00 11.48 ? 51   LEU A CA  1 
ATOM   384  C C   . LEU A 1 51  ? -5.736  -1.526  5.363   1.00 12.01 ? 51   LEU A C   1 
ATOM   385  O O   . LEU A 1 51  ? -6.108  -1.533  4.193   1.00 12.36 ? 51   LEU A O   1 
ATOM   386  C CB  . LEU A 1 51  ? -3.691  -0.101  5.139   1.00 12.07 ? 51   LEU A CB  1 
ATOM   387  C CG  . LEU A 1 51  ? -2.239  0.157   5.472   1.00 13.30 ? 51   LEU A CG  1 
ATOM   388  C CD1 . LEU A 1 51  ? -1.753  1.419   4.708   1.00 16.40 ? 51   LEU A CD1 1 
ATOM   389  C CD2 . LEU A 1 51  ? -2.073  0.297   6.979   1.00 16.39 ? 51   LEU A CD2 1 
ATOM   390  N N   . LYS A 1 52  ? -6.549  -1.639  6.389   1.00 12.97 ? 52   LYS A N   1 
ATOM   391  C CA  . LYS A 1 52  ? -7.965  -1.858  6.263   1.00 13.15 ? 52   LYS A CA  1 
ATOM   392  C C   . LYS A 1 52  ? -8.681  -0.562  6.586   1.00 13.84 ? 52   LYS A C   1 
ATOM   393  O O   . LYS A 1 52  ? -8.632  -0.111  7.734   1.00 13.43 ? 52   LYS A O   1 
ATOM   394  C CB  . LYS A 1 52  ? -8.402  -2.961  7.235   1.00 14.50 ? 52   LYS A CB  1 
ATOM   395  C CG  . LYS A 1 52  ? -9.892  -3.000  7.530   1.00 17.59 ? 52   LYS A CG  1 
ATOM   396  C CD  . LYS A 1 52  ? -10.578 -3.703  6.431   1.00 18.37 ? 52   LYS A CD  1 
ATOM   397  C CE  . LYS A 1 52  ? -12.095 -3.913  6.776   1.00 20.65 ? 52   LYS A CE  1 
ATOM   398  N NZ  . LYS A 1 52  ? -12.935 -2.813  6.396   1.00 24.85 ? 52   LYS A NZ  1 
ATOM   399  N N   . ARG A 1 53  ? -9.395  0.002   5.610   1.00 13.67 ? 53   ARG A N   1 
ATOM   400  C CA  . ARG A 1 53  ? -10.185 1.211   5.856   1.00 14.53 ? 53   ARG A CA  1 
ATOM   401  C C   . ARG A 1 53  ? -11.399 0.805   6.670   1.00 14.40 ? 53   ARG A C   1 
ATOM   402  O O   . ARG A 1 53  ? -12.203 -0.019  6.224   1.00 14.85 ? 53   ARG A O   1 
ATOM   403  C CB  . ARG A 1 53  ? -10.592 1.863   4.530   1.00 14.60 ? 53   ARG A CB  1 
ATOM   404  C CG  . ARG A 1 53  ? -11.287 3.221   4.688   1.00 15.17 ? 53   ARG A CG  1 
ATOM   405  C CD  . ARG A 1 53  ? -11.624 3.899   3.378   1.00 16.16 ? 53   ARG A CD  1 
ATOM   406  N NE  A ARG A 1 53  ? -12.392 5.110   3.661   0.50 18.52 ? 53   ARG A NE  1 
ATOM   407  N NE  B ARG A 1 53  ? -12.454 5.094   3.590   0.50 18.08 ? 53   ARG A NE  1 
ATOM   408  C CZ  A ARG A 1 53  ? -12.643 6.074   2.786   0.50 17.37 ? 53   ARG A CZ  1 
ATOM   409  C CZ  B ARG A 1 53  ? -12.079 6.348   3.322   0.50 16.14 ? 53   ARG A CZ  1 
ATOM   410  N NH1 A ARG A 1 53  ? -12.198 6.003   1.544   0.50 18.09 ? 53   ARG A NH1 1 
ATOM   411  N NH1 B ARG A 1 53  ? -10.885 6.607   2.801   0.50 18.10 ? 53   ARG A NH1 1 
ATOM   412  N NH2 A ARG A 1 53  ? -13.354 7.121   3.167   0.50 18.33 ? 53   ARG A NH2 1 
ATOM   413  N NH2 B ARG A 1 53  ? -12.907 7.360   3.576   0.50 15.27 ? 53   ARG A NH2 1 
ATOM   414  N N   . ASN A 1 54  ? -11.522 1.365   7.878   1.00 15.78 ? 54   ASN A N   1 
ATOM   415  C CA  . ASN A 1 54  ? -12.530 0.916   8.806   1.00 17.74 ? 54   ASN A CA  1 
ATOM   416  C C   . ASN A 1 54  ? -13.941 1.201   8.347   1.00 18.45 ? 54   ASN A C   1 
ATOM   417  O O   . ASN A 1 54  ? -14.832 0.371   8.546   1.00 19.69 ? 54   ASN A O   1 
ATOM   418  C CB  . ASN A 1 54  ? -12.255 1.500   10.178  1.00 18.85 ? 54   ASN A CB  1 
ATOM   419  C CG  . ASN A 1 54  ? -11.023 0.874   10.815  1.00 20.62 ? 54   ASN A CG  1 
ATOM   420  O OD1 . ASN A 1 54  ? -10.735 -0.316  10.593  1.00 22.55 ? 54   ASN A OD1 1 
ATOM   421  N ND2 . ASN A 1 54  ? -10.309 1.649   11.600  1.00 24.46 ? 54   ASN A ND2 1 
ATOM   422  N N   . SER A 1 55  ? -14.142 2.334   7.687   1.00 20.00 ? 55   SER A N   1 
ATOM   423  C CA  . SER A 1 55  ? -15.466 2.716   7.213   1.00 20.00 ? 55   SER A CA  1 
ATOM   424  C C   . SER A 1 55  ? -15.309 3.202   5.780   1.00 20.00 ? 55   SER A C   1 
ATOM   425  O O   . SER A 1 55  ? -14.532 4.147   5.544   1.00 20.00 ? 55   SER A O   1 
ATOM   426  C CB  . SER A 1 55  ? -15.998 3.844   8.076   1.00 20.00 ? 55   SER A CB  1 
ATOM   427  O OG  A SER A 1 55  ? -17.282 4.228   7.635   0.50 26.68 ? 55   SER A OG  1 
ATOM   428  O OG  B SER A 1 55  ? -16.453 3.335   9.312   0.50 20.00 ? 55   SER A OG  1 
ATOM   429  N N   . GLY A 1 56  ? -15.990 2.551   4.846   1.00 20.31 ? 56   GLY A N   1 
ATOM   430  C CA  . GLY A 1 56  ? -15.951 2.921   3.455   1.00 20.12 ? 56   GLY A CA  1 
ATOM   431  C C   . GLY A 1 56  ? -14.910 2.175   2.637   1.00 19.51 ? 56   GLY A C   1 
ATOM   432  O O   . GLY A 1 56  ? -14.189 1.312   3.114   1.00 19.23 ? 56   GLY A O   1 
ATOM   433  N N   . SER A 1 57  ? -14.849 2.545   1.372   1.00 17.77 ? 57   SER A N   1 
ATOM   434  C CA  . SER A 1 57  ? -14.045 1.846   0.387   1.00 17.11 ? 57   SER A CA  1 
ATOM   435  C C   . SER A 1 57  ? -13.533 2.808   -0.639  1.00 16.39 ? 57   SER A C   1 
ATOM   436  O O   . SER A 1 57  ? -13.956 3.987   -0.703  1.00 16.91 ? 57   SER A O   1 
ATOM   437  C CB  . SER A 1 57  ? -14.846 0.782   -0.320  1.00 17.94 ? 57   SER A CB  1 
ATOM   438  O OG  . SER A 1 57  ? -16.047 1.398   -0.824  1.00 20.51 ? 57   SER A OG  1 
ATOM   439  N N   . PHE A 1 58  ? -12.571 2.296   -1.403  1.00 13.01 ? 58   PHE A N   1 
ATOM   440  C CA  . PHE A 1 58  ? -12.056 2.930   -2.623  1.00 12.76 ? 58   PHE A CA  1 
ATOM   441  C C   . PHE A 1 58  ? -12.530 2.210   -3.849  1.00 12.08 ? 58   PHE A C   1 
ATOM   442  O O   . PHE A 1 58  ? -12.863 1.021   -3.796  1.00 12.93 ? 58   PHE A O   1 
ATOM   443  C CB  . PHE A 1 58  ? -10.535 2.904   -2.621  1.00 12.46 ? 58   PHE A CB  1 
ATOM   444  C CG  . PHE A 1 58  ? -9.906  3.626   -1.455  1.00 12.67 ? 58   PHE A CG  1 
ATOM   445  C CD1 . PHE A 1 58  ? -9.957  5.001   -1.360  1.00 13.68 ? 58   PHE A CD1 1 
ATOM   446  C CD2 . PHE A 1 58  ? -9.282  2.912   -0.441  1.00 13.73 ? 58   PHE A CD2 1 
ATOM   447  C CE1 . PHE A 1 58  ? -9.361  5.703   -0.304  1.00 14.02 ? 58   PHE A CE1 1 
ATOM   448  C CE2 . PHE A 1 58  ? -8.697  3.615   0.640   1.00 15.07 ? 58   PHE A CE2 1 
ATOM   449  C CZ  . PHE A 1 58  ? -8.743  5.012   0.705   1.00 14.85 ? 58   PHE A CZ  1 
ATOM   450  N N   . ARG A 1 59  ? -12.537 2.900   -4.978  1.00 11.64 ? 59   ARG A N   1 
ATOM   451  C CA  . ARG A 1 59  ? -12.909 2.285   -6.256  1.00 13.15 ? 59   ARG A CA  1 
ATOM   452  C C   . ARG A 1 59  ? -11.906 2.684   -7.307  1.00 12.66 ? 59   ARG A C   1 
ATOM   453  O O   . ARG A 1 59  ? -11.675 3.868   -7.549  1.00 12.98 ? 59   ARG A O   1 
ATOM   454  C CB  . ARG A 1 59  ? -14.297 2.774   -6.702  1.00 13.64 ? 59   ARG A CB  1 
ATOM   455  C CG  . ARG A 1 59  ? -15.345 2.387   -5.796  1.00 15.72 ? 59   ARG A CG  1 
ATOM   456  C CD  . ARG A 1 59  ? -16.681 2.904   -6.271  1.00 16.55 ? 59   ARG A CD  1 
ATOM   457  N NE  . ARG A 1 59  ? -17.526 2.820   -5.155  1.00 18.61 ? 59   ARG A NE  1 
ATOM   458  C CZ  . ARG A 1 59  ? -18.462 1.966   -4.954  1.00 19.37 ? 59   ARG A CZ  1 
ATOM   459  N NH1 . ARG A 1 59  ? -18.805 1.139   -5.930  1.00 21.86 ? 59   ARG A NH1 1 
ATOM   460  N NH2 . ARG A 1 59  ? -19.107 1.975   -3.791  1.00 23.35 ? 59   ARG A NH2 1 
ATOM   461  N N   . GLY A 1 60  ? -11.326 1.682   -7.950  1.00 11.76 ? 60   GLY A N   1 
ATOM   462  C CA  . GLY A 1 60  ? -10.452 1.888   -9.109  1.00 11.97 ? 60   GLY A CA  1 
ATOM   463  C C   . GLY A 1 60  ? -9.372  2.902   -8.873  1.00 12.26 ? 60   GLY A C   1 
ATOM   464  O O   . GLY A 1 60  ? -8.759  2.917   -7.779  1.00 12.06 ? 60   GLY A O   1 
ATOM   465  N N   . GLY A 1 61  ? -9.099  3.738   -9.859  1.00 11.32 ? 61   GLY A N   1 
ATOM   466  C CA  . GLY A 1 61  ? -8.154  4.811   -9.717  1.00 11.85 ? 61   GLY A CA  1 
ATOM   467  C C   . GLY A 1 61  ? -6.710  4.339   -9.657  1.00 10.69 ? 61   GLY A C   1 
ATOM   468  O O   . GLY A 1 61  ? -6.292  3.440   -10.432 1.00 11.02 ? 61   GLY A O   1 
ATOM   469  N N   . SER A 1 62  ? -5.923  4.934   -8.788  1.00 10.40 ? 62   SER A N   1 
ATOM   470  C CA  . SER A 1 62  ? -4.490  4.715   -8.740  1.00 10.44 ? 62   SER A CA  1 
ATOM   471  C C   . SER A 1 62  ? -4.001  4.871   -7.329  1.00 10.82 ? 62   SER A C   1 
ATOM   472  O O   . SER A 1 62  ? -4.611  5.580   -6.518  1.00 10.87 ? 62   SER A O   1 
ATOM   473  C CB  . SER A 1 62  ? -3.768  5.647   -9.717  1.00 11.71 ? 62   SER A CB  1 
ATOM   474  O OG  . SER A 1 62  ? -4.142  7.012   -9.549  1.00 11.91 ? 62   SER A OG  1 
ATOM   475  N N   . LEU A 1 63  ? -2.887  4.213   -7.036  1.00 10.11 ? 63   LEU A N   1 
ATOM   476  C CA  . LEU A 1 63  ? -2.201  4.290   -5.766  1.00 9.38  ? 63   LEU A CA  1 
ATOM   477  C C   . LEU A 1 63  ? -0.823  4.878   -5.972  1.00 9.88  ? 63   LEU A C   1 
ATOM   478  O O   . LEU A 1 63  ? -0.084  4.458   -6.838  1.00 10.88 ? 63   LEU A O   1 
ATOM   479  C CB  . LEU A 1 63  ? -2.058  2.881   -5.166  1.00 10.40 ? 63   LEU A CB  1 
ATOM   480  C CG  . LEU A 1 63  ? -3.337  2.301   -4.637  1.00 10.08 ? 63   LEU A CG  1 
ATOM   481  C CD1 . LEU A 1 63  ? -3.129  0.822   -4.309  1.00 13.46 ? 63   LEU A CD1 1 
ATOM   482  C CD2 . LEU A 1 63  ? -3.832  3.019   -3.425  1.00 11.60 ? 63   LEU A CD2 1 
ATOM   483  N N   . ARG A 1 64  ? -0.455  5.849   -5.166  1.00 9.54  ? 64   ARG A N   1 
ATOM   484  C CA  . ARG A 1 64  ? 0.803   6.535   -5.199  1.00 9.65  ? 64   ARG A CA  1 
ATOM   485  C C   . ARG A 1 64  ? 1.507   6.382   -3.867  1.00 9.15  ? 64   ARG A C   1 
ATOM   486  O O   . ARG A 1 64  ? 0.870   6.496   -2.824  1.00 10.12 ? 64   ARG A O   1 
ATOM   487  C CB  . ARG A 1 64  ? 0.566   8.033   -5.528  1.00 10.54 ? 64   ARG A CB  1 
ATOM   488  C CG  . ARG A 1 64  ? 1.767   8.952   -5.396  1.00 10.85 ? 64   ARG A CG  1 
ATOM   489  C CD  . ARG A 1 64  ? 1.752   9.765   -4.066  1.00 11.34 ? 64   ARG A CD  1 
ATOM   490  N NE  . ARG A 1 64  ? 2.831   10.757  -4.020  1.00 11.36 ? 64   ARG A NE  1 
ATOM   491  C CZ  . ARG A 1 64  ? 4.063   10.515  -3.657  1.00 13.06 ? 64   ARG A CZ  1 
ATOM   492  N NH1 . ARG A 1 64  ? 4.422   9.371   -3.090  1.00 13.13 ? 64   ARG A NH1 1 
ATOM   493  N NH2 . ARG A 1 64  ? 4.969   11.467  -3.846  1.00 15.12 ? 64   ARG A NH2 1 
ATOM   494  N N   . PHE A 1 65  ? 2.800   6.118   -3.866  1.00 9.91  ? 65   PHE A N   1 
ATOM   495  C CA  . PHE A 1 65  ? 3.555   5.967   -2.616  1.00 9.96  ? 65   PHE A CA  1 
ATOM   496  C C   . PHE A 1 65  ? 5.017   6.080   -2.912  1.00 10.19 ? 65   PHE A C   1 
ATOM   497  O O   . PHE A 1 65  ? 5.441   5.823   -4.053  1.00 10.30 ? 65   PHE A O   1 
ATOM   498  C CB  . PHE A 1 65  ? 3.226   4.640   -1.894  1.00 10.68 ? 65   PHE A CB  1 
ATOM   499  C CG  . PHE A 1 65  ? 3.346   3.421   -2.754  1.00 9.90  ? 65   PHE A CG  1 
ATOM   500  C CD1 . PHE A 1 65  ? 4.551   2.761   -2.864  1.00 11.39 ? 65   PHE A CD1 1 
ATOM   501  C CD2 . PHE A 1 65  ? 2.271   2.990   -3.497  1.00 11.53 ? 65   PHE A CD2 1 
ATOM   502  C CE1 . PHE A 1 65  ? 4.678   1.647   -3.716  1.00 11.24 ? 65   PHE A CE1 1 
ATOM   503  C CE2 . PHE A 1 65  ? 2.408   1.848   -4.312  1.00 11.40 ? 65   PHE A CE2 1 
ATOM   504  C CZ  . PHE A 1 65  ? 3.604   1.222   -4.427  1.00 11.29 ? 65   PHE A CZ  1 
ATOM   505  N N   . ASP A 1 66  ? 5.808   6.413   -1.903  1.00 9.76  ? 66   ASP A N   1 
ATOM   506  C CA  . ASP A 1 66  ? 7.235   6.298   -1.932  1.00 10.48 ? 66   ASP A CA  1 
ATOM   507  C C   . ASP A 1 66  ? 7.654   5.045   -1.247  1.00 9.97  ? 66   ASP A C   1 
ATOM   508  O O   . ASP A 1 66  ? 7.191   4.758   -0.135  1.00 11.00 ? 66   ASP A O   1 
ATOM   509  C CB  . ASP A 1 66  ? 7.904   7.490   -1.227  1.00 11.48 ? 66   ASP A CB  1 
ATOM   510  C CG  . ASP A 1 66  ? 7.693   8.770   -1.921  1.00 14.29 ? 66   ASP A CG  1 
ATOM   511  O OD1 . ASP A 1 66  ? 7.221   8.828   -3.061  1.00 13.49 ? 66   ASP A OD1 1 
ATOM   512  O OD2 . ASP A 1 66  ? 7.966   9.837   -1.301  1.00 17.12 ? 66   ASP A OD2 1 
ATOM   513  N N   . MET A 1 67  ? 8.533   4.266   -1.830  1.00 9.71  ? 67   MET A N   1 
ATOM   514  C CA  . MET A 1 67  ? 8.996   3.051   -1.223  1.00 10.39 ? 67   MET A CA  1 
ATOM   515  C C   . MET A 1 67  ? 10.438  2.772   -1.504  1.00 10.39 ? 67   MET A C   1 
ATOM   516  O O   . MET A 1 67  ? 10.929  3.023   -2.615  1.00 10.84 ? 67   MET A O   1 
ATOM   517  C CB  . MET A 1 67  ? 8.133   1.868   -1.734  1.00 10.32 ? 67   MET A CB  1 
ATOM   518  C CG  . MET A 1 67  ? 8.515   0.501   -1.177  1.00 10.01 ? 67   MET A CG  1 
ATOM   519  S SD  . MET A 1 67  ? 7.378   -0.813  -1.684  1.00 13.07 ? 67   MET A SD  1 
ATOM   520  C CE  . MET A 1 67  ? 7.787   -1.020  -3.375  1.00 17.99 ? 67   MET A CE  1 
ATOM   521  N N   . LYS A 1 68  ? 11.120  2.233   -0.521  1.00 10.66 ? 68   LYS A N   1 
ATOM   522  C CA  . LYS A 1 68  ? 12.397  1.540   -0.703  1.00 12.53 ? 68   LYS A CA  1 
ATOM   523  C C   . LYS A 1 68  ? 12.267  0.174   -0.083  1.00 11.97 ? 68   LYS A C   1 
ATOM   524  O O   . LYS A 1 68  ? 11.414  -0.025  0.791   1.00 11.88 ? 68   LYS A O   1 
ATOM   525  C CB  . LYS A 1 68  ? 13.618  2.333   -0.205  1.00 14.17 ? 68   LYS A CB  1 
ATOM   526  C CG  . LYS A 1 68  ? 13.630  2.654   1.208   1.00 13.63 ? 68   LYS A CG  1 
ATOM   527  C CD  . LYS A 1 68  ? 14.954  3.419   1.572   1.00 15.50 ? 68   LYS A CD  1 
ATOM   528  C CE  . LYS A 1 68  ? 15.036  3.631   3.037   1.00 19.22 ? 68   LYS A CE  1 
ATOM   529  N NZ  . LYS A 1 68  ? 16.160  4.578   3.369   1.00 24.09 ? 68   LYS A NZ  1 
ATOM   530  N N   . ASN A 1 69  ? 13.056  -0.778  -0.508  1.00 12.22 ? 69   ASN A N   1 
ATOM   531  C CA  . ASN A 1 69  ? 12.731  -2.160  -0.258  1.00 12.38 ? 69   ASN A CA  1 
ATOM   532  C C   . ASN A 1 69  ? 13.914  -3.034  -0.633  1.00 12.24 ? 69   ASN A C   1 
ATOM   533  O O   . ASN A 1 69  ? 14.432  -2.921  -1.744  1.00 12.91 ? 69   ASN A O   1 
ATOM   534  C CB  . ASN A 1 69  ? 11.417  -2.606  -0.972  1.00 11.80 ? 69   ASN A CB  1 
ATOM   535  C CG  . ASN A 1 69  ? 11.352  -2.204  -2.427  1.00 11.06 ? 69   ASN A CG  1 
ATOM   536  O OD1 . ASN A 1 69  ? 11.337  -1.040  -2.727  1.00 12.37 ? 69   ASN A OD1 1 
ATOM   537  N ND2 . ASN A 1 69  ? 11.242  -3.174  -3.332  1.00 11.51 ? 69   ASN A ND2 1 
ATOM   538  N N   . GLU A 1 70  ? 14.292  -3.935  0.243   1.00 13.04 ? 70   GLU A N   1 
ATOM   539  C CA  . GLU A 1 70  ? 15.426  -4.831  0.026   1.00 14.32 ? 70   GLU A CA  1 
ATOM   540  C C   . GLU A 1 70  ? 15.108  -5.960  -0.924  1.00 14.95 ? 70   GLU A C   1 
ATOM   541  O O   . GLU A 1 70  ? 16.028  -6.544  -1.510  1.00 17.01 ? 70   GLU A O   1 
ATOM   542  C CB  . GLU A 1 70  ? 15.921  -5.390  1.369   1.00 14.98 ? 70   GLU A CB  1 
ATOM   543  C CG  . GLU A 1 70  ? 16.528  -4.314  2.245   1.00 16.58 ? 70   GLU A CG  1 
ATOM   544  C CD  . GLU A 1 70  ? 16.776  -4.705  3.672   1.00 17.99 ? 70   GLU A CD  1 
ATOM   545  O OE1 . GLU A 1 70  ? 16.157  -5.633  4.208   1.00 18.10 ? 70   GLU A OE1 1 
ATOM   546  O OE2 . GLU A 1 70  ? 17.639  -4.014  4.279   1.00 23.99 ? 70   GLU A OE2 1 
ATOM   547  N N   . GLY A 1 71  ? 13.824  -6.290  -1.075  1.00 12.99 ? 71   GLY A N   1 
ATOM   548  C CA  . GLY A 1 71  ? 13.369  -7.370  -1.958  1.00 12.69 ? 71   GLY A CA  1 
ATOM   549  C C   . GLY A 1 71  ? 12.160  -6.988  -2.762  1.00 12.01 ? 71   GLY A C   1 
ATOM   550  O O   . GLY A 1 71  ? 11.614  -5.891  -2.603  1.00 11.84 ? 71   GLY A O   1 
ATOM   551  N N   . LYS A 1 72  ? 11.684  -7.890  -3.603  1.00 11.49 ? 72   LYS A N   1 
ATOM   552  C CA  . LYS A 1 72  ? 10.435  -7.655  -4.322  1.00 11.93 ? 72   LYS A CA  1 
ATOM   553  C C   . LYS A 1 72  ? 9.266   -7.466  -3.360  1.00 11.45 ? 72   LYS A C   1 
ATOM   554  O O   . LYS A 1 72  ? 9.144   -8.155  -2.366  1.00 11.11 ? 72   LYS A O   1 
ATOM   555  C CB  . LYS A 1 72  ? 10.093  -8.812  -5.249  1.00 12.93 ? 72   LYS A CB  1 
ATOM   556  C CG  . LYS A 1 72  ? 10.837  -8.840  -6.510  1.00 14.12 ? 72   LYS A CG  1 
ATOM   557  C CD  . LYS A 1 72  ? 10.273  -9.944  -7.400  1.00 14.95 ? 72   LYS A CD  1 
ATOM   558  C CE  . LYS A 1 72  ? 11.036  -10.070 -8.691  1.00 17.33 ? 72   LYS A CE  1 
ATOM   559  N NZ  . LYS A 1 72  ? 10.635  -11.302 -9.384  1.00 19.61 ? 72   LYS A NZ  1 
ATOM   560  N N   . VAL A 1 73  ? 8.419   -6.503  -3.679  1.00 10.01 ? 73   VAL A N   1 
ATOM   561  C CA  . VAL A 1 73  ? 7.197   -6.206  -2.909  1.00 10.32 ? 73   VAL A CA  1 
ATOM   562  C C   . VAL A 1 73  ? 5.982   -6.336  -3.792  1.00 10.01 ? 73   VAL A C   1 
ATOM   563  O O   . VAL A 1 73  ? 5.902   -5.699  -4.838  1.00 11.25 ? 73   VAL A O   1 
ATOM   564  C CB  . VAL A 1 73  ? 7.257   -4.783  -2.289  1.00 11.24 ? 73   VAL A CB  1 
ATOM   565  C CG1 . VAL A 1 73  ? 5.977   -4.448  -1.550  1.00 11.81 ? 73   VAL A CG1 1 
ATOM   566  C CG2 . VAL A 1 73  ? 8.476   -4.679  -1.357  1.00 9.72  ? 73   VAL A CG2 1 
ATOM   567  N N   . ALA A 1 74  ? 5.064   -7.187  -3.377  1.00 9.29  ? 74   ALA A N   1 
ATOM   568  C CA  . ALA A 1 74  ? 3.776   -7.269  -4.065  1.00 9.79  ? 74   ALA A CA  1 
ATOM   569  C C   . ALA A 1 74  ? 2.803   -6.264  -3.443  1.00 10.28 ? 74   ALA A C   1 
ATOM   570  O O   . ALA A 1 74  ? 2.633   -6.200  -2.230  1.00 10.45 ? 74   ALA A O   1 
ATOM   571  C CB  . ALA A 1 74  ? 3.233   -8.662  -3.983  1.00 10.88 ? 74   ALA A CB  1 
ATOM   572  N N   . ILE A 1 75  ? 2.181   -5.500  -4.336  1.00 9.97  ? 75   ILE A N   1 
ATOM   573  C CA  . ILE A 1 75  ? 1.115   -4.565  -3.976  1.00 10.59 ? 75   ILE A CA  1 
ATOM   574  C C   . ILE A 1 75  ? -0.207  -5.234  -4.319  1.00 9.53  ? 75   ILE A C   1 
ATOM   575  O O   . ILE A 1 75  ? -0.396  -5.577  -5.508  1.00 10.76 ? 75   ILE A O   1 
ATOM   576  C CB  . ILE A 1 75  ? 1.246   -3.253  -4.777  1.00 11.29 ? 75   ILE A CB  1 
ATOM   577  C CG1 . ILE A 1 75  ? 2.680   -2.694  -4.693  1.00 12.87 ? 75   ILE A CG1 1 
ATOM   578  C CG2 . ILE A 1 75  ? 0.161   -2.291  -4.312  1.00 11.08 ? 75   ILE A CG2 1 
ATOM   579  C CD1 . ILE A 1 75  ? 3.068   -2.344  -3.352  1.00 14.67 ? 75   ILE A CD1 1 
ATOM   580  N N   . LEU A 1 76  ? -1.093  -5.386  -3.351  1.00 20.00 ? 76   LEU A N   1 
ATOM   581  C CA  . LEU A 1 76  ? -2.430  -5.955  -3.594  1.00 20.00 ? 76   LEU A CA  1 
ATOM   582  C C   . LEU A 1 76  ? -3.483  -5.051  -3.036  1.00 20.00 ? 76   LEU A C   1 
ATOM   583  O O   . LEU A 1 76  ? -3.226  -4.243  -2.132  1.00 20.00 ? 76   LEU A O   1 
ATOM   584  C CB  . LEU A 1 76  ? -2.605  -7.365  -2.994  1.00 20.00 ? 76   LEU A CB  1 
ATOM   585  C CG  . LEU A 1 76  ? -1.544  -8.374  -3.418  1.00 13.20 ? 76   LEU A CG  1 
ATOM   586  C CD1 . LEU A 1 76  ? -0.435  -8.417  -2.404  1.00 14.34 ? 76   LEU A CD1 1 
ATOM   587  C CD2 . LEU A 1 76  ? -2.199  -9.767  -3.581  1.00 16.07 ? 76   LEU A CD2 1 
ATOM   588  N N   . VAL A 1 77  ? -4.707  -5.190  -3.539  1.00 9.93  ? 77   VAL A N   1 
ATOM   589  C CA  . VAL A 1 77  ? -5.885  -4.643  -2.853  1.00 9.41  ? 77   VAL A CA  1 
ATOM   590  C C   . VAL A 1 77  ? -6.864  -5.753  -2.630  1.00 8.92  ? 77   VAL A C   1 
ATOM   591  O O   . VAL A 1 77  ? -6.794  -6.786  -3.328  1.00 10.25 ? 77   VAL A O   1 
ATOM   592  C CB  . VAL A 1 77  ? -6.542  -3.473  -3.642  1.00 10.34 ? 77   VAL A CB  1 
ATOM   593  C CG1 . VAL A 1 77  ? -5.557  -2.344  -3.786  1.00 10.10 ? 77   VAL A CG1 1 
ATOM   594  C CG2 . VAL A 1 77  ? -7.089  -3.899  -4.986  1.00 10.95 ? 77   VAL A CG2 1 
ATOM   595  N N   . GLU A 1 78  ? -7.740  -5.578  -1.666  1.00 9.96  ? 78   GLU A N   1 
ATOM   596  C CA  . GLU A 1 78  ? -8.746  -6.609  -1.376  1.00 11.10 ? 78   GLU A CA  1 
ATOM   597  C C   . GLU A 1 78  ? -10.070 -5.957  -1.042  1.00 11.51 ? 78   GLU A C   1 
ATOM   598  O O   . GLU A 1 78  ? -10.130 -4.861  -0.526  1.00 10.89 ? 78   GLU A O   1 
ATOM   599  C CB  . GLU A 1 78  ? -8.353  -7.539  -0.213  1.00 11.68 ? 78   GLU A CB  1 
ATOM   600  C CG  . GLU A 1 78  ? -6.894  -7.958  -0.155  1.00 12.03 ? 78   GLU A CG  1 
ATOM   601  C CD  . GLU A 1 78  ? -6.619  -8.937  0.961   1.00 13.25 ? 78   GLU A CD  1 
ATOM   602  O OE1 . GLU A 1 78  ? -7.469  -9.770  1.261   1.00 13.90 ? 78   GLU A OE1 1 
ATOM   603  O OE2 . GLU A 1 78  ? -5.531  -8.904  1.567   1.00 13.61 ? 78   GLU A OE2 1 
ATOM   604  N N   . ASN A 1 79  ? -11.133 -6.722  -1.336  1.00 12.77 ? 79   ASN A N   1 
ATOM   605  C CA  . ASN A 1 79  ? -12.496 -6.417  -0.929  1.00 13.39 ? 79   ASN A CA  1 
ATOM   606  C C   . ASN A 1 79  ? -12.811 -7.388  0.192   1.00 14.07 ? 79   ASN A C   1 
ATOM   607  O O   . ASN A 1 79  ? -12.930 -8.593  -0.035  1.00 14.18 ? 79   ASN A O   1 
ATOM   608  C CB  . ASN A 1 79  ? -13.458 -6.593  -2.109  1.00 13.46 ? 79   ASN A CB  1 
ATOM   609  C CG  . ASN A 1 79  ? -14.917 -6.310  -1.734  1.00 15.18 ? 79   ASN A CG  1 
ATOM   610  O OD1 . ASN A 1 79  ? -15.482 -6.946  -0.845  1.00 18.64 ? 79   ASN A OD1 1 
ATOM   611  N ND2 . ASN A 1 79  ? -15.498 -5.297  -2.355  1.00 13.38 ? 79   ASN A ND2 1 
ATOM   612  N N   . SER A 1 80  ? -12.950 -6.857  1.380   1.00 15.24 ? 80   SER A N   1 
ATOM   613  C CA  . SER A 1 80  ? -13.131 -7.730  2.550   1.00 17.19 ? 80   SER A CA  1 
ATOM   614  C C   . SER A 1 80  ? -14.494 -8.411  2.616   1.00 19.91 ? 80   SER A C   1 
ATOM   615  O O   . SER A 1 80  ? -14.608 -9.505  3.191   1.00 22.15 ? 80   SER A O   1 
ATOM   616  C CB  . SER A 1 80  ? -12.846 -6.969  3.831   1.00 17.78 ? 80   SER A CB  1 
ATOM   617  O OG  . SER A 1 80  ? -13.843 -6.000  4.152   1.00 19.90 ? 80   SER A OG  1 
ATOM   618  N N   . GLU A 1 81  ? -15.509 -7.794  2.038   1.00 21.57 ? 81   GLU A N   1 
ATOM   619  C CA  . GLU A 1 81  ? -16.854 -8.380  2.064   1.00 22.37 ? 81   GLU A CA  1 
ATOM   620  C C   . GLU A 1 81  ? -16.910 -9.604  1.182   1.00 22.39 ? 81   GLU A C   1 
ATOM   621  O O   . GLU A 1 81  ? -17.476 -10.647 1.568   1.00 23.45 ? 81   GLU A O   1 
ATOM   622  C CB  . GLU A 1 81  ? -17.868 -7.340  1.597   1.00 22.65 ? 81   GLU A CB  1 
ATOM   623  C CG  . GLU A 1 81  ? -19.317 -7.828  1.486   1.00 25.36 ? 81   GLU A CG  1 
ATOM   624  C CD  . GLU A 1 81  ? -20.272 -6.666  1.219   1.00 27.75 ? 81   GLU A CD  1 
ATOM   625  O OE1 . GLU A 1 81  ? -20.212 -6.071  0.114   1.00 31.66 ? 81   GLU A OE1 1 
ATOM   626  O OE2 . GLU A 1 81  ? -21.095 -6.342  2.114   1.00 35.30 ? 81   GLU A OE2 1 
ATOM   627  N N   . ALA A 1 82  ? -16.339 -9.508  -0.016  1.00 21.96 ? 82   ALA A N   1 
ATOM   628  C CA  . ALA A 1 82  ? -16.278 -10.599 -0.948  1.00 22.09 ? 82   ALA A CA  1 
ATOM   629  C C   . ALA A 1 82  ? -15.143 -11.574 -0.673  1.00 22.31 ? 82   ALA A C   1 
ATOM   630  O O   . ALA A 1 82  ? -15.122 -12.660 -1.232  1.00 22.97 ? 82   ALA A O   1 
ATOM   631  C CB  . ALA A 1 82  ? -16.141 -10.062 -2.380  1.00 22.78 ? 82   ALA A CB  1 
ATOM   632  N N   . ASP A 1 83  ? -14.182 -11.148 0.155   1.00 21.56 ? 83   ASP A N   1 
ATOM   633  C CA  . ASP A 1 83  ? -12.899 -11.839 0.342   1.00 20.69 ? 83   ASP A CA  1 
ATOM   634  C C   . ASP A 1 83  ? -12.202 -12.089 -0.984  1.00 19.52 ? 83   ASP A C   1 
ATOM   635  O O   . ASP A 1 83  ? -11.795 -13.180 -1.295  1.00 19.60 ? 83   ASP A O   1 
ATOM   636  C CB  . ASP A 1 83  ? -13.049 -13.135 1.139   1.00 20.64 ? 83   ASP A CB  1 
ATOM   637  C CG  . ASP A 1 83  ? -11.725 -13.706 1.560   1.00 24.16 ? 83   ASP A CG  1 
ATOM   638  O OD1 . ASP A 1 83  ? -10.783 -12.901 1.755   1.00 24.18 ? 83   ASP A OD1 1 
ATOM   639  O OD2 . ASP A 1 83  ? -11.536 -14.937 1.707   1.00 26.49 ? 83   ASP A OD2 1 
ATOM   640  N N   . GLU A 1 84  ? -12.070 -11.017 -1.762  1.00 18.11 ? 84   GLU A N   1 
ATOM   641  C CA  . GLU A 1 84  ? -11.460 -11.073 -3.077  1.00 17.49 ? 84   GLU A CA  1 
ATOM   642  C C   . GLU A 1 84  ? -10.210 -10.190 -3.093  1.00 16.27 ? 84   GLU A C   1 
ATOM   643  O O   . GLU A 1 84  ? -10.279 -9.033  -2.691  1.00 15.01 ? 84   GLU A O   1 
ATOM   644  C CB  . GLU A 1 84  ? -12.452 -10.607 -4.151  1.00 18.99 ? 84   GLU A CB  1 
ATOM   645  C CG  . GLU A 1 84  ? -11.940 -10.709 -5.584  1.00 20.94 ? 84   GLU A CG  1 
ATOM   646  C CD  . GLU A 1 84  ? -11.899 -12.107 -6.196  1.00 26.91 ? 84   GLU A CD  1 
ATOM   647  O OE1 . GLU A 1 84  ? -12.205 -13.090 -5.511  1.00 28.92 ? 84   GLU A OE1 1 
ATOM   648  O OE2 . GLU A 1 84  ? -11.520 -12.203 -7.386  1.00 32.49 ? 84   GLU A OE2 1 
ATOM   649  N N   . LYS A 1 85  ? -9.119  -10.728 -3.598  1.00 14.85 ? 85   LYS A N   1 
ATOM   650  C CA  . LYS A 1 85  ? -7.838  -10.022 -3.689  1.00 15.10 ? 85   LYS A CA  1 
ATOM   651  C C   . LYS A 1 85  ? -7.466  -9.767  -5.132  1.00 14.61 ? 85   LYS A C   1 
ATOM   652  O O   . LYS A 1 85  ? -7.961  -10.451 -6.061  1.00 15.87 ? 85   LYS A O   1 
ATOM   653  C CB  . LYS A 1 85  ? -6.748  -10.795 -2.977  1.00 16.66 ? 85   LYS A CB  1 
ATOM   654  C CG  . LYS A 1 85  ? -6.202  -11.930 -3.723  1.00 20.36 ? 85   LYS A CG  1 
ATOM   655  C CD  . LYS A 1 85  ? -5.185  -12.690 -2.897  1.00 22.21 ? 85   LYS A CD  1 
ATOM   656  C CE  . LYS A 1 85  ? -4.565  -13.801 -3.714  1.00 26.16 ? 85   LYS A CE  1 
ATOM   657  N NZ  . LYS A 1 85  ? -3.839  -13.190 -4.881  1.00 32.56 ? 85   LYS A NZ  1 
ATOM   658  N N   . PHE A 1 86  ? -6.613  -8.781  -5.354  1.00 11.98 ? 86   PHE A N   1 
ATOM   659  C CA  . PHE A 1 86  ? -6.185  -8.378  -6.680  1.00 12.03 ? 86   PHE A CA  1 
ATOM   660  C C   . PHE A 1 86  ? -4.757  -7.928  -6.618  1.00 11.82 ? 86   PHE A C   1 
ATOM   661  O O   . PHE A 1 86  ? -4.460  -7.016  -5.844  1.00 11.42 ? 86   PHE A O   1 
ATOM   662  C CB  . PHE A 1 86  ? -7.137  -7.244  -7.207  1.00 12.38 ? 86   PHE A CB  1 
ATOM   663  C CG  . PHE A 1 86  ? -6.735  -6.645  -8.517  1.00 12.66 ? 86   PHE A CG  1 
ATOM   664  C CD1 . PHE A 1 86  ? -5.870  -5.563  -8.591  1.00 12.84 ? 86   PHE A CD1 1 
ATOM   665  C CD2 . PHE A 1 86  ? -7.267  -7.142  -9.714  1.00 13.76 ? 86   PHE A CD2 1 
ATOM   666  C CE1 . PHE A 1 86  ? -5.532  -5.021  -9.781  1.00 13.61 ? 86   PHE A CE1 1 
ATOM   667  C CE2 . PHE A 1 86  ? -6.917  -6.589  -10.915 1.00 14.65 ? 86   PHE A CE2 1 
ATOM   668  C CZ  . PHE A 1 86  ? -6.069  -5.525  -10.954 1.00 14.63 ? 86   PHE A CZ  1 
ATOM   669  N N   . GLU A 1 87  ? -3.894  -8.471  -7.470  0.50 20.00 ? 87   GLU A N   1 
ATOM   670  C CA  . GLU A 1 87  ? -2.487  -8.058  -7.532  0.50 20.00 ? 87   GLU A CA  1 
ATOM   671  C C   . GLU A 1 87  ? -2.370  -6.880  -8.446  0.50 20.00 ? 87   GLU A C   1 
ATOM   672  O O   . GLU A 1 87  ? -2.615  -6.959  -9.646  0.50 20.00 ? 87   GLU A O   1 
ATOM   673  C CB  . GLU A 1 87  ? -1.496  -9.144  -7.974  0.50 20.00 ? 87   GLU A CB  1 
ATOM   674  C CG  A GLU A 1 87  ? -0.061  -8.627  -7.797  0.50 18.23 ? 87   GLU A CG  1 
ATOM   675  C CG  B GLU A 1 87  ? -1.912  -10.491 -7.364  0.50 20.00 ? 87   GLU A CG  1 
ATOM   676  C CD  A GLU A 1 87  ? 1.033   -9.568  -8.213  0.50 21.08 ? 87   GLU A CD  1 
ATOM   677  C CD  B GLU A 1 87  ? -1.606  -11.709 -8.190  0.50 20.00 ? 87   GLU A CD  1 
ATOM   678  O OE1 A GLU A 1 87  ? 0.968   -10.758 -7.823  0.50 27.79 ? 87   GLU A OE1 1 
ATOM   679  O OE1 B GLU A 1 87  ? -0.489  -11.771 -8.758  0.50 20.00 ? 87   GLU A OE1 1 
ATOM   680  O OE2 A GLU A 1 87  ? 1.962   -9.035  -8.870  0.50 22.57 ? 87   GLU A OE2 1 
ATOM   681  O OE2 B GLU A 1 87  ? -2.552  -12.530 -8.285  0.50 20.00 ? 87   GLU A OE2 1 
ATOM   682  N N   . VAL A 1 88  ? -1.922  -5.774  -7.882  1.00 11.80 ? 88   VAL A N   1 
ATOM   683  C CA  . VAL A 1 88  ? -1.730  -4.549  -8.621  1.00 11.91 ? 88   VAL A CA  1 
ATOM   684  C C   . VAL A 1 88  ? -0.410  -4.557  -9.364  1.00 12.69 ? 88   VAL A C   1 
ATOM   685  O O   . VAL A 1 88  ? -0.367  -4.300  -10.570 1.00 14.65 ? 88   VAL A O   1 
ATOM   686  C CB  . VAL A 1 88  ? -1.755  -3.317  -7.679  1.00 11.23 ? 88   VAL A CB  1 
ATOM   687  C CG1 . VAL A 1 88  ? -1.498  -2.016  -8.439  1.00 13.60 ? 88   VAL A CG1 1 
ATOM   688  C CG2 . VAL A 1 88  ? -3.107  -3.267  -6.945  1.00 11.92 ? 88   VAL A CG2 1 
ATOM   689  N N   . GLU A 1 89  ? 0.680   -4.868  -8.673  1.00 11.42 ? 89   GLU A N   1 
ATOM   690  C CA  . GLU A 1 89  ? 2.009   -4.849  -9.263  1.00 12.28 ? 89   GLU A CA  1 
ATOM   691  C C   . GLU A 1 89  ? 2.969   -5.538  -8.315  1.00 12.39 ? 89   GLU A C   1 
ATOM   692  O O   . GLU A 1 89  ? 2.729   -5.611  -7.138  1.00 11.47 ? 89   GLU A O   1 
ATOM   693  C CB  . GLU A 1 89  ? 2.489   -3.395  -9.502  1.00 14.15 ? 89   GLU A CB  1 
ATOM   694  C CG  . GLU A 1 89  ? 3.769   -3.251  -10.303 1.00 16.63 ? 89   GLU A CG  1 
ATOM   695  C CD  . GLU A 1 89  ? 3.729   -4.034  -11.570 1.00 23.74 ? 89   GLU A CD  1 
ATOM   696  O OE1 . GLU A 1 89  ? 3.130   -3.502  -12.534 1.00 30.08 ? 89   GLU A OE1 1 
ATOM   697  O OE2 . GLU A 1 89  ? 4.219   -5.192  -11.597 1.00 27.00 ? 89   GLU A OE2 1 
ATOM   698  N N   . THR A 1 90  ? 4.076   -6.050  -8.838  1.00 13.66 ? 90   THR A N   1 
ATOM   699  C CA  . THR A 1 90  ? 5.218   -6.486  -8.001  1.00 13.15 ? 90   THR A CA  1 
ATOM   700  C C   . THR A 1 90  ? 6.384   -5.586  -8.315  1.00 14.25 ? 90   THR A C   1 
ATOM   701  O O   . THR A 1 90  ? 6.707   -5.399  -9.493  1.00 15.77 ? 90   THR A O   1 
ATOM   702  C CB  . THR A 1 90  ? 5.505   -7.991  -8.168  1.00 14.39 ? 90   THR A CB  1 
ATOM   703  O OG1 . THR A 1 90  ? 4.422   -8.759  -7.637  1.00 17.28 ? 90   THR A OG1 1 
ATOM   704  C CG2 . THR A 1 90  ? 6.693   -8.403  -7.317  1.00 16.28 ? 90   THR A CG2 1 
ATOM   705  N N   . ILE A 1 91  ? 6.963   -4.962  -7.302  1.00 13.51 ? 91   ILE A N   1 
ATOM   706  C CA  . ILE A 1 91  ? 8.020   -3.960  -7.502  1.00 14.17 ? 91   ILE A CA  1 
ATOM   707  C C   . ILE A 1 91  ? 9.363   -4.509  -7.081  1.00 13.16 ? 91   ILE A C   1 
ATOM   708  O O   . ILE A 1 91  ? 9.501   -5.093  -6.027  1.00 11.79 ? 91   ILE A O   1 
ATOM   709  C CB  . ILE A 1 91  ? 7.646   -2.733  -6.708  1.00 14.20 ? 91   ILE A CB  1 
ATOM   710  C CG1 . ILE A 1 91  ? 6.423   -2.048  -7.386  1.00 17.41 ? 91   ILE A CG1 1 
ATOM   711  C CG2 . ILE A 1 91  ? 8.789   -1.764  -6.593  1.00 16.35 ? 91   ILE A CG2 1 
ATOM   712  C CD1 . ILE A 1 91  ? 5.751   -1.014  -6.583  1.00 18.44 ? 91   ILE A CD1 1 
ATOM   713  N N   . SER A 1 92  ? 10.367  -4.313  -7.948  1.00 13.53 ? 92   SER A N   1 
ATOM   714  C CA  . SER A 1 92  ? 11.703  -4.813  -7.701  1.00 13.81 ? 92   SER A CA  1 
ATOM   715  C C   . SER A 1 92  ? 12.400  -4.033  -6.600  1.00 14.09 ? 92   SER A C   1 
ATOM   716  O O   . SER A 1 92  ? 12.008  -2.914  -6.291  1.00 13.11 ? 92   SER A O   1 
ATOM   717  C CB  . SER A 1 92  ? 12.542  -4.815  -8.986  1.00 16.36 ? 92   SER A CB  1 
ATOM   718  O OG  . SER A 1 92  ? 12.172  -5.964  -9.768  1.00 19.09 ? 92   SER A OG  1 
ATOM   719  N N   . PRO A 1 93  ? 13.478  -4.583  -6.028  1.00 13.93 ? 93   PRO A N   1 
ATOM   720  C CA  . PRO A 1 93  ? 14.231  -3.900  -4.960  1.00 14.08 ? 93   PRO A CA  1 
ATOM   721  C C   . PRO A 1 93  ? 14.764  -2.547  -5.360  1.00 14.53 ? 93   PRO A C   1 
ATOM   722  O O   . PRO A 1 93  ? 15.087  -2.318  -6.540  1.00 15.99 ? 93   PRO A O   1 
ATOM   723  C CB  . PRO A 1 93  ? 15.393  -4.858  -4.675  1.00 14.82 ? 93   PRO A CB  1 
ATOM   724  C CG  . PRO A 1 93  ? 14.957  -6.155  -5.237  1.00 15.38 ? 93   PRO A CG  1 
ATOM   725  C CD  . PRO A 1 93  ? 14.017  -5.924  -6.298  1.00 14.73 ? 93   PRO A CD  1 
ATOM   726  N N   . SER A 1 94  ? 14.887  -1.666  -4.376  1.00 14.19 ? 94   SER A N   1 
ATOM   727  C CA  . SER A 1 94  ? 15.565  -0.386  -4.542  1.00 14.10 ? 94   SER A CA  1 
ATOM   728  C C   . SER A 1 94  ? 16.121  0.064   -3.217  1.00 14.34 ? 94   SER A C   1 
ATOM   729  O O   . SER A 1 94  ? 15.405  0.068   -2.208  1.00 14.00 ? 94   SER A O   1 
ATOM   730  C CB  . SER A 1 94  ? 14.604  0.689   -5.039  1.00 14.29 ? 94   SER A CB  1 
ATOM   731  O OG  . SER A 1 94  ? 15.302  1.928   -5.194  1.00 16.56 ? 94   SER A OG  1 
ATOM   732  N N   . ASP A 1 95  ? 17.379  0.503   -3.193  1.00 15.24 ? 95   ASP A N   1 
ATOM   733  C CA  . ASP A 1 95  ? 18.005  0.960   -1.964  1.00 16.74 ? 95   ASP A CA  1 
ATOM   734  C C   . ASP A 1 95  ? 17.684  2.396   -1.650  1.00 16.63 ? 95   ASP A C   1 
ATOM   735  O O   . ASP A 1 95  ? 18.021  2.859   -0.555  1.00 19.13 ? 95   ASP A O   1 
ATOM   736  C CB  . ASP A 1 95  ? 19.523  0.692   -1.939  1.00 18.55 ? 95   ASP A CB  1 
ATOM   737  C CG  . ASP A 1 95  ? 20.244  1.315   -3.046  1.00 24.17 ? 95   ASP A CG  1 
ATOM   738  O OD1 . ASP A 1 95  ? 19.675  2.128   -3.809  1.00 28.96 ? 95   ASP A OD1 1 
ATOM   739  O OD2 . ASP A 1 95  ? 21.456  1.036   -3.213  1.00 28.69 ? 95   ASP A OD2 1 
ATOM   740  N N   . GLU A 1 96  ? 17.023  3.098   -2.564  1.00 15.66 ? 96   GLU A N   1 
ATOM   741  C CA  . GLU A 1 96  ? 16.585  4.461   -2.366  1.00 16.48 ? 96   GLU A CA  1 
ATOM   742  C C   . GLU A 1 96  ? 15.071  4.564   -2.598  1.00 15.06 ? 96   GLU A C   1 
ATOM   743  O O   . GLU A 1 96  ? 14.488  3.806   -3.391  1.00 14.54 ? 96   GLU A O   1 
ATOM   744  C CB  . GLU A 1 96  ? 17.300  5.376   -3.358  1.00 19.22 ? 96   GLU A CB  1 
ATOM   745  C CG  . GLU A 1 96  ? 18.822  5.366   -3.231  1.00 26.09 ? 96   GLU A CG  1 
ATOM   746  C CD  . GLU A 1 96  ? 19.388  6.413   -2.278  1.00 34.89 ? 96   GLU A CD  1 
ATOM   747  O OE1 . GLU A 1 96  ? 18.633  6.992   -1.457  1.00 38.68 ? 96   GLU A OE1 1 
ATOM   748  O OE2 . GLU A 1 96  ? 20.618  6.667   -2.353  1.00 39.58 ? 96   GLU A OE2 1 
ATOM   749  N N   . TYR A 1 97  ? 14.445  5.528   -1.961  1.00 13.82 ? 97   TYR A N   1 
ATOM   750  C CA  . TYR A 1 97  ? 13.027  5.763   -2.209  1.00 13.51 ? 97   TYR A CA  1 
ATOM   751  C C   . TYR A 1 97  ? 12.751  6.060   -3.671  1.00 13.17 ? 97   TYR A C   1 
ATOM   752  O O   . TYR A 1 97  ? 13.504  6.822   -4.318  1.00 14.93 ? 97   TYR A O   1 
ATOM   753  C CB  . TYR A 1 97  ? 12.475  6.878   -1.353  1.00 14.27 ? 97   TYR A CB  1 
ATOM   754  C CG  . TYR A 1 97  ? 12.239  6.520   0.098   1.00 15.66 ? 97   TYR A CG  1 
ATOM   755  C CD1 . TYR A 1 97  ? 11.122  5.802   0.484   1.00 14.50 ? 97   TYR A CD1 1 
ATOM   756  C CD2 . TYR A 1 97  ? 13.119  6.950   1.105   1.00 15.26 ? 97   TYR A CD2 1 
ATOM   757  C CE1 . TYR A 1 97  ? 10.885  5.495   1.796   1.00 14.89 ? 97   TYR A CE1 1 
ATOM   758  C CE2 . TYR A 1 97  ? 12.869  6.649   2.440   1.00 15.33 ? 97   TYR A CE2 1 
ATOM   759  C CZ  . TYR A 1 97  ? 11.754  5.899   2.763   1.00 14.04 ? 97   TYR A CZ  1 
ATOM   760  O OH  . TYR A 1 97  ? 11.514  5.601   4.084   1.00 16.21 ? 97   TYR A OH  1 
ATOM   761  N N   . VAL A 1 98  ? 11.696  5.461   -4.196  1.00 12.69 ? 98   VAL A N   1 
ATOM   762  C CA  . VAL A 1 98  ? 11.209  5.713   -5.522  1.00 12.84 ? 98   VAL A CA  1 
ATOM   763  C C   . VAL A 1 98  ? 9.729   6.020   -5.398  1.00 12.55 ? 98   VAL A C   1 
ATOM   764  O O   . VAL A 1 98  ? 9.029   5.363   -4.578  1.00 11.64 ? 98   VAL A O   1 
ATOM   765  C CB  . VAL A 1 98  ? 11.387  4.457   -6.431  1.00 13.09 ? 98   VAL A CB  1 
ATOM   766  C CG1 . VAL A 1 98  ? 10.767  4.678   -7.796  1.00 14.50 ? 98   VAL A CG1 1 
ATOM   767  C CG2 . VAL A 1 98  ? 12.865  4.105   -6.560  1.00 15.06 ? 98   VAL A CG2 1 
ATOM   768  N N   . THR A 1 99  ? 9.204   6.971   -6.130  1.00 11.70 ? 99   THR A N   1 
ATOM   769  C CA  . THR A 1 99  ? 7.777   7.258   -6.167  1.00 11.72 ? 99   THR A CA  1 
ATOM   770  C C   . THR A 1 99  ? 7.124   6.377   -7.203  1.00 13.03 ? 99   THR A C   1 
ATOM   771  O O   . THR A 1 99  ? 7.535   6.392   -8.370  1.00 13.75 ? 99   THR A O   1 
ATOM   772  C CB  . THR A 1 99  ? 7.520   8.727   -6.507  1.00 12.67 ? 99   THR A CB  1 
ATOM   773  O OG1 . THR A 1 99  ? 8.156   9.542   -5.507  1.00 14.54 ? 99   THR A OG1 1 
ATOM   774  C CG2 . THR A 1 99  ? 6.051   9.009   -6.510  1.00 12.56 ? 99   THR A CG2 1 
ATOM   775  N N   . TYR A 1 100 ? 6.093   5.634   -6.813  1.00 10.67 ? 100  TYR A N   1 
ATOM   776  C CA  . TYR A 1 100 ? 5.301   4.791   -7.707  1.00 11.16 ? 100  TYR A CA  1 
ATOM   777  C C   . TYR A 1 100 ? 3.900   5.376   -7.814  1.00 10.64 ? 100  TYR A C   1 
ATOM   778  O O   . TYR A 1 100 ? 3.348   5.859   -6.824  1.00 12.12 ? 100  TYR A O   1 
ATOM   779  C CB  . TYR A 1 100 ? 5.211   3.351   -7.171  1.00 11.63 ? 100  TYR A CB  1 
ATOM   780  C CG  . TYR A 1 100 ? 6.564   2.705   -7.107  1.00 11.89 ? 100  TYR A CG  1 
ATOM   781  C CD1 . TYR A 1 100 ? 7.147   2.140   -8.244  1.00 12.28 ? 100  TYR A CD1 1 
ATOM   782  C CD2 . TYR A 1 100 ? 7.304   2.712   -5.948  1.00 11.65 ? 100  TYR A CD2 1 
ATOM   783  C CE1 . TYR A 1 100 ? 8.425   1.607   -8.169  1.00 13.41 ? 100  TYR A CE1 1 
ATOM   784  C CE2 . TYR A 1 100 ? 8.545   2.219   -5.883  1.00 12.53 ? 100  TYR A CE2 1 
ATOM   785  C CZ  . TYR A 1 100 ? 9.118   1.669   -6.994  1.00 12.47 ? 100  TYR A CZ  1 
ATOM   786  O OH  . TYR A 1 100 ? 10.392  1.146   -6.904  1.00 13.62 ? 100  TYR A OH  1 
ATOM   787  N N   . ILE A 1 101 ? 3.323   5.358   -9.003  1.00 11.06 ? 101  ILE A N   1 
ATOM   788  C CA  . ILE A 1 101 ? 1.937   5.676   -9.218  1.00 11.26 ? 101  ILE A CA  1 
ATOM   789  C C   . ILE A 1 101 ? 1.340   4.600   -10.108 1.00 11.86 ? 101  ILE A C   1 
ATOM   790  O O   . ILE A 1 101 ? 1.706   4.501   -11.289 1.00 12.71 ? 101  ILE A O   1 
ATOM   791  C CB  . ILE A 1 101 ? 1.742   7.103   -9.859  1.00 12.10 ? 101  ILE A CB  1 
ATOM   792  C CG1 . ILE A 1 101 ? 2.528   8.168   -9.101  1.00 13.10 ? 101  ILE A CG1 1 
ATOM   793  C CG2 . ILE A 1 101 ? 0.261   7.402   -9.920  1.00 12.62 ? 101  ILE A CG2 1 
ATOM   794  C CD1 . ILE A 1 101 ? 2.529   9.575   -9.729  1.00 15.40 ? 101  ILE A CD1 1 
ATOM   795  N N   . LEU A 1 102 ? 0.458   3.812   -9.558  1.00 10.90 ? 102  LEU A N   1 
ATOM   796  C CA  . LEU A 1 102 ? 0.037   2.555   -10.154 1.00 11.19 ? 102  LEU A CA  1 
ATOM   797  C C   . LEU A 1 102 ? -1.441  2.541   -10.365 1.00 11.08 ? 102  LEU A C   1 
ATOM   798  O O   . LEU A 1 102 ? -2.216  2.731   -9.445  1.00 11.43 ? 102  LEU A O   1 
ATOM   799  C CB  . LEU A 1 102 ? 0.385   1.419   -9.213  1.00 12.72 ? 102  LEU A CB  1 
ATOM   800  C CG  . LEU A 1 102 ? 1.836   1.302   -8.741  1.00 14.63 ? 102  LEU A CG  1 
ATOM   801  C CD1 . LEU A 1 102 ? 1.936   0.160   -7.725  1.00 15.56 ? 102  LEU A CD1 1 
ATOM   802  C CD2 . LEU A 1 102 ? 2.737   1.109   -9.871  1.00 16.08 ? 102  LEU A CD2 1 
ATOM   803  N N   . ASP A 1 103 ? -1.897  2.249   -11.571 1.00 11.23 ? 103  ASP A N   1 
ATOM   804  C CA  . ASP A 1 103 ? -3.311  2.048   -11.809 1.00 11.52 ? 103  ASP A CA  1 
ATOM   805  C C   . ASP A 1 103 ? -3.831  0.814   -11.127 1.00 11.31 ? 103  ASP A C   1 
ATOM   806  O O   . ASP A 1 103 ? -3.151  -0.231  -11.121 1.00 11.54 ? 103  ASP A O   1 
ATOM   807  C CB  . ASP A 1 103 ? -3.553  1.914   -13.326 1.00 12.80 ? 103  ASP A CB  1 
ATOM   808  C CG  . ASP A 1 103 ? -3.444  3.221   -14.040 1.00 14.83 ? 103  ASP A CG  1 
ATOM   809  O OD1 . ASP A 1 103 ? -4.127  4.174   -13.620 1.00 14.24 ? 103  ASP A OD1 1 
ATOM   810  O OD2 . ASP A 1 103 ? -2.685  3.384   -15.019 1.00 17.90 ? 103  ASP A OD2 1 
ATOM   811  N N   . VAL A 1 104 ? -5.015  0.915   -10.546 1.00 11.00 ? 104  VAL A N   1 
ATOM   812  C CA  . VAL A 1 104 ? -5.702  -0.183  -9.908  1.00 11.59 ? 104  VAL A CA  1 
ATOM   813  C C   . VAL A 1 104 ? -6.882  -0.486  -10.811 1.00 12.67 ? 104  VAL A C   1 
ATOM   814  O O   . VAL A 1 104 ? -7.872  0.272   -10.827 1.00 14.03 ? 104  VAL A O   1 
ATOM   815  C CB  . VAL A 1 104 ? -6.189  0.179   -8.518  1.00 11.08 ? 104  VAL A CB  1 
ATOM   816  C CG1 . VAL A 1 104 ? -6.968  -0.977  -7.903  1.00 13.02 ? 104  VAL A CG1 1 
ATOM   817  C CG2 . VAL A 1 104 ? -4.990  0.589   -7.628  1.00 12.47 ? 104  VAL A CG2 1 
ATOM   818  N N   . ASP A 1 105 ? -6.819  -1.610  -11.502 1.00 13.72 ? 105  ASP A N   1 
ATOM   819  C CA  . ASP A 1 105 ? -7.840  -1.949  -12.500 1.00 14.32 ? 105  ASP A CA  1 
ATOM   820  C C   . ASP A 1 105 ? -8.880  -2.911  -11.981 1.00 14.53 ? 105  ASP A C   1 
ATOM   821  O O   . ASP A 1 105 ? -9.835  -3.219  -12.682 1.00 16.20 ? 105  ASP A O   1 
ATOM   822  C CB  . ASP A 1 105 ? -7.172  -2.457  -13.765 1.00 15.49 ? 105  ASP A CB  1 
ATOM   823  C CG  . ASP A 1 105 ? -6.484  -1.371  -14.542 1.00 18.51 ? 105  ASP A CG  1 
ATOM   824  O OD1 . ASP A 1 105 ? -6.568  -0.150  -14.210 1.00 18.87 ? 105  ASP A OD1 1 
ATOM   825  O OD2 . ASP A 1 105 ? -5.839  -1.685  -15.560 1.00 20.64 ? 105  ASP A OD2 1 
ATOM   826  N N   . PHE A 1 106 ? -8.797  -3.285  -10.714 1.00 11.93 ? 106  PHE A N   1 
ATOM   827  C CA  . PHE A 1 106 ? -9.767  -4.108  -10.032 1.00 11.53 ? 106  PHE A CA  1 
ATOM   828  C C   . PHE A 1 106 ? -11.133 -3.436  -10.163 1.00 11.79 ? 106  PHE A C   1 
ATOM   829  O O   . PHE A 1 106 ? -11.260 -2.194  -10.034 1.00 12.26 ? 106  PHE A O   1 
ATOM   830  C CB  . PHE A 1 106 ? -9.349  -4.125  -8.562  1.00 11.47 ? 106  PHE A CB  1 
ATOM   831  C CG  . PHE A 1 106 ? -10.073 -5.090  -7.651  1.00 11.11 ? 106  PHE A CG  1 
ATOM   832  C CD1 . PHE A 1 106 ? -10.374 -6.390  -8.043  1.00 12.36 ? 106  PHE A CD1 1 
ATOM   833  C CD2 . PHE A 1 106 ? -10.354 -4.741  -6.347  1.00 13.21 ? 106  PHE A CD2 1 
ATOM   834  C CE1 . PHE A 1 106 ? -10.900 -7.290  -7.142  1.00 13.18 ? 106  PHE A CE1 1 
ATOM   835  C CE2 . PHE A 1 106 ? -10.924 -5.632  -5.443  1.00 12.78 ? 106  PHE A CE2 1 
ATOM   836  C CZ  . PHE A 1 106 ? -11.174 -6.924  -5.843  1.00 12.76 ? 106  PHE A CZ  1 
ATOM   837  N N   . ASP A 1 107 ? -12.141 -4.260  -10.390 1.00 11.63 ? 107  ASP A N   1 
ATOM   838  C CA  . ASP A 1 107 ? -13.498 -3.750  -10.654 1.00 11.67 ? 107  ASP A CA  1 
ATOM   839  C C   . ASP A 1 107 ? -14.507 -4.049  -9.549  1.00 12.67 ? 107  ASP A C   1 
ATOM   840  O O   . ASP A 1 107 ? -15.723 -3.990  -9.781  1.00 12.49 ? 107  ASP A O   1 
ATOM   841  C CB  . ASP A 1 107 ? -13.988 -4.201  -12.015 1.00 12.63 ? 107  ASP A CB  1 
ATOM   842  C CG  . ASP A 1 107 ? -13.935 -5.672  -12.186 1.00 12.27 ? 107  ASP A CG  1 
ATOM   843  O OD1 . ASP A 1 107 ? -14.043 -6.392  -11.214 1.00 13.16 ? 107  ASP A OD1 1 
ATOM   844  O OD2 . ASP A 1 107 ? -13.778 -6.169  -13.345 1.00 18.25 ? 107  ASP A OD2 1 
ATOM   845  N N   . LEU A 1 108 ? -14.046 -4.366  -8.340  1.00 12.20 ? 108  LEU A N   1 
ATOM   846  C CA  . LEU A 1 108 ? -14.814 -4.292  -7.110  1.00 12.08 ? 108  LEU A CA  1 
ATOM   847  C C   . LEU A 1 108 ? -14.227 -3.167  -6.288  1.00 12.40 ? 108  LEU A C   1 
ATOM   848  O O   . LEU A 1 108 ? -13.016 -2.891  -6.410  1.00 11.27 ? 108  LEU A O   1 
ATOM   849  C CB  . LEU A 1 108 ? -14.691 -5.580  -6.299  1.00 13.29 ? 108  LEU A CB  1 
ATOM   850  C CG  . LEU A 1 108 ? -15.493 -6.777  -6.782  1.00 13.20 ? 108  LEU A CG  1 
ATOM   851  C CD1 . LEU A 1 108 ? -15.061 -7.981  -6.005  1.00 15.63 ? 108  LEU A CD1 1 
ATOM   852  C CD2 . LEU A 1 108 ? -16.973 -6.545  -6.622  1.00 14.01 ? 108  LEU A CD2 1 
ATOM   853  N N   . PRO A 1 109 ? -15.011 -2.571  -5.398  1.00 11.79 ? 109  PRO A N   1 
ATOM   854  C CA  . PRO A 1 109 ? -14.439 -1.647  -4.429  1.00 11.87 ? 109  PRO A CA  1 
ATOM   855  C C   . PRO A 1 109 ? -13.427 -2.379  -3.564  1.00 11.54 ? 109  PRO A C   1 
ATOM   856  O O   . PRO A 1 109 ? -13.508 -3.584  -3.406  1.00 12.35 ? 109  PRO A O   1 
ATOM   857  C CB  . PRO A 1 109 ? -15.645 -1.231  -3.581  1.00 12.62 ? 109  PRO A CB  1 
ATOM   858  C CG  . PRO A 1 109 ? -16.838 -1.480  -4.497  1.00 13.35 ? 109  PRO A CG  1 
ATOM   859  C CD  . PRO A 1 109 ? -16.476 -2.726  -5.204  1.00 12.62 ? 109  PRO A CD  1 
ATOM   860  N N   . PHE A 1 110 ? -12.452 -1.638  -3.055  1.00 11.63 ? 110  PHE A N   1 
ATOM   861  C CA  . PHE A 1 110 ? -11.448 -2.216  -2.148  1.00 11.27 ? 110  PHE A CA  1 
ATOM   862  C C   . PHE A 1 110 ? -11.368 -1.459  -0.856  1.00 11.24 ? 110  PHE A C   1 
ATOM   863  O O   . PHE A 1 110 ? -11.424 -0.237  -0.830  1.00 11.91 ? 110  PHE A O   1 
ATOM   864  C CB  . PHE A 1 110 ? -10.086 -2.424  -2.808  1.00 10.79 ? 110  PHE A CB  1 
ATOM   865  C CG  . PHE A 1 110 ? -9.403  -1.198  -3.266  1.00 10.76 ? 110  PHE A CG  1 
ATOM   866  C CD1 . PHE A 1 110 ? -9.629  -0.691  -4.544  1.00 11.53 ? 110  PHE A CD1 1 
ATOM   867  C CD2 . PHE A 1 110 ? -8.471  -0.575  -2.474  1.00 10.81 ? 110  PHE A CD2 1 
ATOM   868  C CE1 . PHE A 1 110 ? -8.987  0.403   -4.995  1.00 13.17 ? 110  PHE A CE1 1 
ATOM   869  C CE2 . PHE A 1 110 ? -7.798  0.517   -2.945  1.00 11.63 ? 110  PHE A CE2 1 
ATOM   870  C CZ  . PHE A 1 110 ? -8.077  1.014   -4.215  1.00 12.27 ? 110  PHE A CZ  1 
ATOM   871  N N   . ASP A 1 111 ? -11.189 -2.199  0.236   1.00 10.79 ? 111  ASP A N   1 
ATOM   872  C CA  . ASP A 1 111 ? -11.022 -1.595  1.551   1.00 11.31 ? 111  ASP A CA  1 
ATOM   873  C C   . ASP A 1 111 ? -9.752  -2.077  2.236   1.00 11.74 ? 111  ASP A C   1 
ATOM   874  O O   . ASP A 1 111 ? -9.509  -1.689  3.380   1.00 12.70 ? 111  ASP A O   1 
ATOM   875  C CB  . ASP A 1 111 ? -12.246 -1.813  2.465   1.00 12.94 ? 111  ASP A CB  1 
ATOM   876  C CG  . ASP A 1 111 ? -12.582 -3.192  2.698   1.00 14.57 ? 111  ASP A CG  1 
ATOM   877  O OD1 . ASP A 1 111 ? -12.109 -4.122  2.048   1.00 15.39 ? 111  ASP A OD1 1 
ATOM   878  O OD2 . ASP A 1 111 ? -13.446 -3.481  3.573   1.00 20.29 ? 111  ASP A OD2 1 
ATOM   879  N N   . ARG A 1 112 ? -8.943  -2.892  1.571   1.00 10.94 ? 112  ARG A N   1 
ATOM   880  C CA  . ARG A 1 112 ? -7.637  -3.323  2.098   1.00 10.20 ? 112  ARG A CA  1 
ATOM   881  C C   . ARG A 1 112 ? -6.588  -3.028  1.047   1.00 9.60  ? 112  ARG A C   1 
ATOM   882  O O   . ARG A 1 112 ? -6.764  -3.299  -0.127  1.00 10.63 ? 112  ARG A O   1 
ATOM   883  C CB  . ARG A 1 112 ? -7.641  -4.820  2.426   1.00 9.68  ? 112  ARG A CB  1 
ATOM   884  C CG  . ARG A 1 112 ? -8.545  -5.191  3.575   1.00 11.26 ? 112  ARG A CG  1 
ATOM   885  C CD  . ARG A 1 112 ? -8.675  -6.669  3.830   1.00 11.61 ? 112  ARG A CD  1 
ATOM   886  N NE  . ARG A 1 112 ? -7.381  -7.212  4.220   1.00 11.57 ? 112  ARG A NE  1 
ATOM   887  C CZ  . ARG A 1 112 ? -7.122  -8.472  4.511   1.00 12.04 ? 112  ARG A CZ  1 
ATOM   888  N NH1 . ARG A 1 112 ? -8.061  -9.384  4.485   1.00 12.74 ? 112  ARG A NH1 1 
ATOM   889  N NH2 . ARG A 1 112 ? -5.907  -8.836  4.841   1.00 11.76 ? 112  ARG A NH2 1 
ATOM   890  N N   . ILE A 1 113 ? -5.465  -2.468  1.481   1.00 9.53  ? 113  ILE A N   1 
ATOM   891  C CA  . ILE A 1 113 ? -4.290  -2.199  0.645   1.00 9.56  ? 113  ILE A CA  1 
ATOM   892  C C   . ILE A 1 113 ? -3.119  -2.936  1.299   1.00 8.92  ? 113  ILE A C   1 
ATOM   893  O O   . ILE A 1 113 ? -2.783  -2.652  2.457   1.00 10.12 ? 113  ILE A O   1 
ATOM   894  C CB  . ILE A 1 113 ? -3.987  -0.687  0.553   1.00 9.53  ? 113  ILE A CB  1 
ATOM   895  C CG1 . ILE A 1 113 ? -5.184  0.072   -0.010  1.00 10.92 ? 113  ILE A CG1 1 
ATOM   896  C CG2 . ILE A 1 113 ? -2.714  -0.459  -0.288  1.00 10.95 ? 113  ILE A CG2 1 
ATOM   897  C CD1 . ILE A 1 113 ? -5.099  1.590   0.120   1.00 12.46 ? 113  ILE A CD1 1 
ATOM   898  N N   . ASP A 1 114 ? -2.494  -3.819  0.553   1.00 9.80  ? 114  ASP A N   1 
ATOM   899  C CA  . ASP A 1 114 ? -1.461  -4.728  1.073   1.00 9.29  ? 114  ASP A CA  1 
ATOM   900  C C   . ASP A 1 114 ? -0.111  -4.444  0.431   1.00 9.49  ? 114  ASP A C   1 
ATOM   901  O O   . ASP A 1 114 ? 0.000   -4.235  -0.787  1.00 9.67  ? 114  ASP A O   1 
ATOM   902  C CB  . ASP A 1 114 ? -1.801  -6.173  0.741   1.00 10.89 ? 114  ASP A CB  1 
ATOM   903  C CG  . ASP A 1 114 ? -3.147  -6.632  1.208   1.00 10.75 ? 114  ASP A CG  1 
ATOM   904  O OD1 . ASP A 1 114 ? -3.810  -5.947  1.999   1.00 12.07 ? 114  ASP A OD1 1 
ATOM   905  O OD2 . ASP A 1 114 ? -3.562  -7.752  0.710   1.00 12.66 ? 114  ASP A OD2 1 
ATOM   906  N N   . PHE A 1 115 ? 0.937   -4.480  1.264   1.00 9.25  ? 115  PHE A N   1 
ATOM   907  C CA  . PHE A 1 115 ? 2.317   -4.461  0.825   1.00 9.08  ? 115  PHE A CA  1 
ATOM   908  C C   . PHE A 1 115 ? 2.960   -5.710  1.392   1.00 9.21  ? 115  PHE A C   1 
ATOM   909  O O   . PHE A 1 115 ? 3.090   -5.823  2.605   1.00 9.94  ? 115  PHE A O   1 
ATOM   910  C CB  . PHE A 1 115 ? 3.070   -3.193  1.308   1.00 10.71 ? 115  PHE A CB  1 
ATOM   911  C CG  . PHE A 1 115 ? 2.507   -1.900  0.811   1.00 12.11 ? 115  PHE A CG  1 
ATOM   912  C CD1 . PHE A 1 115 ? 1.402   -1.302  1.414   1.00 13.50 ? 115  PHE A CD1 1 
ATOM   913  C CD2 . PHE A 1 115 ? 3.161   -1.244  -0.214  1.00 15.35 ? 115  PHE A CD2 1 
ATOM   914  C CE1 . PHE A 1 115 ? 0.935   -0.079  0.923   1.00 14.85 ? 115  PHE A CE1 1 
ATOM   915  C CE2 . PHE A 1 115 ? 2.649   -0.030  -0.671  1.00 17.82 ? 115  PHE A CE2 1 
ATOM   916  C CZ  . PHE A 1 115 ? 1.557   0.502   -0.096  1.00 15.40 ? 115  PHE A CZ  1 
ATOM   917  N N   . GLN A 1 116 ? 3.319   -6.636  0.508   1.00 9.97  ? 116  GLN A N   1 
ATOM   918  C CA  . GLN A 1 116 ? 3.721   -7.981  0.895   1.00 10.27 ? 116  GLN A CA  1 
ATOM   919  C C   . GLN A 1 116 ? 5.156   -8.285  0.486   1.00 10.18 ? 116  GLN A C   1 
ATOM   920  O O   . GLN A 1 116 ? 5.628   -7.988  -0.604  1.00 10.27 ? 116  GLN A O   1 
ATOM   921  C CB  . GLN A 1 116 ? 2.753   -8.999  0.287   1.00 10.38 ? 116  GLN A CB  1 
ATOM   922  C CG  . GLN A 1 116 ? 3.073   -10.446 0.664   1.00 11.17 ? 116  GLN A CG  1 
ATOM   923  C CD  . GLN A 1 116 ? 2.074   -11.428 0.103   1.00 12.14 ? 116  GLN A CD  1 
ATOM   924  O OE1 . GLN A 1 116 ? 1.411   -11.145 -0.898  1.00 13.64 ? 116  GLN A OE1 1 
ATOM   925  N NE2 . GLN A 1 116 ? 2.008   -12.615 0.703   1.00 12.84 ? 116  GLN A NE2 1 
ATOM   926  N N   . ASP A 1 117 ? 5.810   -9.006  1.409   1.00 10.70 ? 117  ASP A N   1 
ATOM   927  C CA  . ASP A 1 117 ? 7.148   -9.546  1.191   1.00 11.26 ? 117  ASP A CA  1 
ATOM   928  C C   . ASP A 1 117 ? 7.033   -10.759 0.261   1.00 11.37 ? 117  ASP A C   1 
ATOM   929  O O   . ASP A 1 117 ? 7.015   -11.926 0.712   1.00 11.96 ? 117  ASP A O   1 
ATOM   930  C CB  . ASP A 1 117 ? 7.748   -9.945  2.526   1.00 11.06 ? 117  ASP A CB  1 
ATOM   931  C CG  . ASP A 1 117 ? 9.132   -10.500 2.407   1.00 11.38 ? 117  ASP A CG  1 
ATOM   932  O OD1 . ASP A 1 117 ? 9.848   -10.173 1.445   1.00 13.09 ? 117  ASP A OD1 1 
ATOM   933  O OD2 . ASP A 1 117 ? 9.550   -11.328 3.272   1.00 11.79 ? 117  ASP A OD2 1 
ATOM   934  N N   . ALA A 1 118 ? 7.040   -10.508 -1.035  1.00 12.12 ? 118  ALA A N   1 
ATOM   935  C CA  . ALA A 1 118 ? 6.813   -11.562 -2.033  1.00 12.97 ? 118  ALA A CA  1 
ATOM   936  C C   . ALA A 1 118 ? 7.796   -12.730 -1.950  1.00 13.02 ? 118  ALA A C   1 
ATOM   937  O O   . ALA A 1 118 ? 7.341   -13.882 -2.110  1.00 14.26 ? 118  ALA A O   1 
ATOM   938  C CB  . ALA A 1 118 ? 6.800   -10.984 -3.435  1.00 14.17 ? 118  ALA A CB  1 
ATOM   939  N N   . PRO A 1 119 ? 9.091   -12.492 -1.805  1.00 12.20 ? 119  PRO A N   1 
ATOM   940  C CA  . PRO A 1 119 ? 10.043  -13.611 -1.734  1.00 13.04 ? 119  PRO A CA  1 
ATOM   941  C C   . PRO A 1 119 ? 9.990   -14.375 -0.450  1.00 13.21 ? 119  PRO A C   1 
ATOM   942  O O   . PRO A 1 119 ? 10.553  -15.484 -0.406  1.00 14.77 ? 119  PRO A O   1 
ATOM   943  C CB  . PRO A 1 119 ? 11.413  -12.927 -1.849  1.00 14.31 ? 119  PRO A CB  1 
ATOM   944  C CG  . PRO A 1 119 ? 11.105  -11.577 -2.429  1.00 13.99 ? 119  PRO A CG  1 
ATOM   945  C CD  . PRO A 1 119 ? 9.780   -11.192 -1.783  1.00 12.09 ? 119  PRO A CD  1 
ATOM   946  N N   . GLY A 1 120 ? 9.396   -13.849 0.611   1.00 12.28 ? 120  GLY A N   1 
ATOM   947  C CA  . GLY A 1 120 ? 9.348   -14.552 1.872   1.00 12.76 ? 120  GLY A CA  1 
ATOM   948  C C   . GLY A 1 120 ? 10.703  -14.691 2.534   1.00 14.11 ? 120  GLY A C   1 
ATOM   949  O O   . GLY A 1 120 ? 10.862  -15.568 3.416   1.00 15.79 ? 120  GLY A O   1 
ATOM   950  N N   . ASN A 1 121 ? 11.626  -13.794 2.221   1.00 13.98 ? 121  ASN A N   1 
ATOM   951  C CA  . ASN A 1 121 ? 13.001  -13.855 2.784   1.00 15.65 ? 121  ASN A CA  1 
ATOM   952  C C   . ASN A 1 121 ? 13.228  -12.874 3.925   1.00 16.96 ? 121  ASN A C   1 
ATOM   953  O O   . ASN A 1 121 ? 14.348  -12.815 4.461   1.00 19.70 ? 121  ASN A O   1 
ATOM   954  C CB  . ASN A 1 121 ? 14.091  -13.597 1.703   1.00 16.04 ? 121  ASN A CB  1 
ATOM   955  C CG  . ASN A 1 121 ? 14.032  -14.582 0.597   1.00 16.55 ? 121  ASN A CG  1 
ATOM   956  O OD1 . ASN A 1 121 ? 13.805  -15.732 0.871   1.00 17.85 ? 121  ASN A OD1 1 
ATOM   957  N ND2 . ASN A 1 121 ? 14.195  -14.142 -0.662  1.00 17.92 ? 121  ASN A ND2 1 
ATOM   958  N N   . GLY A 1 122 ? 12.222  -12.096 4.323   1.00 15.54 ? 122  GLY A N   1 
ATOM   959  C CA  . GLY A 1 122 ? 12.382  -11.182 5.435   1.00 15.10 ? 122  GLY A CA  1 
ATOM   960  C C   . GLY A 1 122 ? 12.956  -9.825  5.074   1.00 13.91 ? 122  GLY A C   1 
ATOM   961  O O   . GLY A 1 122 ? 13.333  -9.024  5.933   1.00 15.47 ? 122  GLY A O   1 
ATOM   962  N N   . ASP A 1 123 ? 12.966  -9.521  3.782   1.00 14.35 ? 123  ASP A N   1 
ATOM   963  C CA  . ASP A 1 123 ? 13.454  -8.236  3.310   1.00 14.24 ? 123  ASP A CA  1 
ATOM   964  C C   . ASP A 1 123 ? 12.562  -7.094  3.817   1.00 13.33 ? 123  ASP A C   1 
ATOM   965  O O   . ASP A 1 123 ? 11.334  -7.186  3.760   1.00 13.54 ? 123  ASP A O   1 
ATOM   966  C CB  . ASP A 1 123 ? 13.498  -8.177  1.779   1.00 14.29 ? 123  ASP A CB  1 
ATOM   967  C CG  . ASP A 1 123 ? 14.536  -9.096  1.177   1.00 16.81 ? 123  ASP A CG  1 
ATOM   968  O OD1 . ASP A 1 123 ? 15.699  -9.080  1.663   1.00 20.58 ? 123  ASP A OD1 1 
ATOM   969  O OD2 . ASP A 1 123 ? 14.264  -9.808  0.189   1.00 17.26 ? 123  ASP A OD2 1 
ATOM   970  N N   . ARG A 1 124 ? 13.168  -6.015  4.281   1.00 13.15 ? 124  ARG A N   1 
ATOM   971  C CA  . ARG A 1 124 ? 12.425  -4.908  4.882   1.00 13.63 ? 124  ARG A CA  1 
ATOM   972  C C   . ARG A 1 124 ? 11.868  -3.966  3.823   1.00 11.97 ? 124  ARG A C   1 
ATOM   973  O O   . ARG A 1 124 ? 12.383  -3.876  2.699   1.00 12.65 ? 124  ARG A O   1 
ATOM   974  C CB  . ARG A 1 124 ? 13.267  -4.132  5.888   1.00 15.42 ? 124  ARG A CB  1 
ATOM   975  C CG  . ARG A 1 124 ? 13.517  -4.913  7.147   1.00 18.78 ? 124  ARG A CG  1 
ATOM   976  C CD  . ARG A 1 124 ? 14.529  -4.248  8.068   1.00 21.48 ? 124  ARG A CD  1 
ATOM   977  N NE  . ARG A 1 124 ? 15.798  -4.063  7.379   1.00 28.27 ? 124  ARG A NE  1 
ATOM   978  C CZ  . ARG A 1 124 ? 16.761  -3.220  7.738   1.00 31.65 ? 124  ARG A CZ  1 
ATOM   979  N NH1 . ARG A 1 124 ? 16.622  -2.420  8.789   1.00 32.17 ? 124  ARG A NH1 1 
ATOM   980  N NH2 . ARG A 1 124 ? 17.867  -3.159  7.011   1.00 32.14 ? 124  ARG A NH2 1 
ATOM   981  N N   . ILE A 1 125 ? 10.806  -3.266  4.192   1.00 11.89 ? 125  ILE A N   1 
ATOM   982  C CA  . ILE A 1 125 ? 10.090  -2.383  3.290   1.00 11.20 ? 125  ILE A CA  1 
ATOM   983  C C   . ILE A 1 125 ? 9.842   -1.080  4.032   1.00 11.52 ? 125  ILE A C   1 
ATOM   984  O O   . ILE A 1 125 ? 9.410   -1.106  5.178   1.00 11.53 ? 125  ILE A O   1 
ATOM   985  C CB  . ILE A 1 125 ? 8.726   -3.008  2.910   1.00 11.19 ? 125  ILE A CB  1 
ATOM   986  C CG1 . ILE A 1 125 ? 8.876   -4.435  2.398   1.00 10.85 ? 125  ILE A CG1 1 
ATOM   987  C CG2 . ILE A 1 125 ? 8.012   -2.163  1.884   1.00 11.36 ? 125  ILE A CG2 1 
ATOM   988  C CD1 . ILE A 1 125 ? 7.597   -5.219  2.294   1.00 12.62 ? 125  ILE A CD1 1 
ATOM   989  N N   . TRP A 1 126 ? 10.062  0.044   3.386   1.00 10.63 ? 126  TRP A N   1 
ATOM   990  C CA  . TRP A 1 126 ? 9.829   1.374   3.942   1.00 10.81 ? 126  TRP A CA  1 
ATOM   991  C C   . TRP A 1 126 ? 8.837   2.072   3.052   1.00 10.89 ? 126  TRP A C   1 
ATOM   992  O O   . TRP A 1 126 ? 9.051   2.143   1.823   1.00 11.00 ? 126  TRP A O   1 
ATOM   993  C CB  . TRP A 1 126 ? 11.115  2.211   3.900   1.00 11.79 ? 126  TRP A CB  1 
ATOM   994  C CG  . TRP A 1 126 ? 12.214  1.811   4.833   1.00 13.05 ? 126  TRP A CG  1 
ATOM   995  C CD1 . TRP A 1 126 ? 12.605  2.501   5.952   1.00 15.14 ? 126  TRP A CD1 1 
ATOM   996  C CD2 . TRP A 1 126 ? 13.126  0.711   4.696   1.00 13.30 ? 126  TRP A CD2 1 
ATOM   997  N NE1 . TRP A 1 126 ? 13.675  1.877   6.520   1.00 15.79 ? 126  TRP A NE1 1 
ATOM   998  C CE2 . TRP A 1 126 ? 14.041  0.792   5.774   1.00 15.60 ? 126  TRP A CE2 1 
ATOM   999  C CE3 . TRP A 1 126 ? 13.307  -0.309  3.747   1.00 15.10 ? 126  TRP A CE3 1 
ATOM   1000 C CZ2 . TRP A 1 126 ? 15.068  -0.161  5.961   1.00 17.23 ? 126  TRP A CZ2 1 
ATOM   1001 C CZ3 . TRP A 1 126 ? 14.314  -1.253  3.949   1.00 16.20 ? 126  TRP A CZ3 1 
ATOM   1002 C CH2 . TRP A 1 126 ? 15.188  -1.151  5.032   1.00 17.45 ? 126  TRP A CH2 1 
ATOM   1003 N N   . ILE A 1 127 ? 7.771   2.630   3.609   1.00 11.25 ? 127  ILE A N   1 
ATOM   1004 C CA  . ILE A 1 127 ? 6.727   3.318   2.845   1.00 11.36 ? 127  ILE A CA  1 
ATOM   1005 C C   . ILE A 1 127 ? 6.450   4.698   3.425   1.00 11.61 ? 127  ILE A C   1 
ATOM   1006 O O   . ILE A 1 127 ? 6.354   4.848   4.650   1.00 10.90 ? 127  ILE A O   1 
ATOM   1007 C CB  . ILE A 1 127 ? 5.408   2.511   2.836   1.00 11.53 ? 127  ILE A CB  1 
ATOM   1008 C CG1 . ILE A 1 127 ? 5.614   1.055   2.454   1.00 14.47 ? 127  ILE A CG1 1 
ATOM   1009 C CG2 . ILE A 1 127 ? 4.336   3.169   1.956   1.00 12.99 ? 127  ILE A CG2 1 
ATOM   1010 C CD1 . ILE A 1 127 ? 4.474   0.152   2.825   1.00 16.73 ? 127  ILE A CD1 1 
ATOM   1011 N N   . LYS A 1 128 ? 6.287   5.676   2.554   1.00 11.79 ? 128  LYS A N   1 
ATOM   1012 C CA  . LYS A 1 128 ? 5.879   7.048   2.923   1.00 12.48 ? 128  LYS A CA  1 
ATOM   1013 C C   . LYS A 1 128 ? 4.908   7.536   1.899   1.00 11.62 ? 128  LYS A C   1 
ATOM   1014 O O   . LYS A 1 128 ? 4.887   7.054   0.763   1.00 11.29 ? 128  LYS A O   1 
ATOM   1015 C CB  . LYS A 1 128 ? 7.084   8.048   2.951   1.00 14.03 ? 128  LYS A CB  1 
ATOM   1016 C CG  . LYS A 1 128 ? 8.129   7.775   3.964   1.00 17.95 ? 128  LYS A CG  1 
ATOM   1017 C CD  . LYS A 1 128 ? 9.170   8.915   4.078   1.00 18.78 ? 128  LYS A CD  1 
ATOM   1018 C CE  . LYS A 1 128 ? 9.811   9.253   2.794   1.00 25.81 ? 128  LYS A CE  1 
ATOM   1019 N NZ  . LYS A 1 128 ? 10.863  10.338  2.977   1.00 27.94 ? 128  LYS A NZ  1 
ATOM   1020 N N   . ASN A 1 129 ? 4.116   8.543   2.229   1.00 11.15 ? 129  ASN A N   1 
ATOM   1021 C CA  . ASN A 1 129 ? 3.420   9.322   1.231   1.00 11.28 ? 129  ASN A CA  1 
ATOM   1022 C C   . ASN A 1 129 ? 2.482   8.505   0.368   1.00 10.83 ? 129  ASN A C   1 
ATOM   1023 O O   . ASN A 1 129 ? 2.501   8.553   -0.863  1.00 11.24 ? 129  ASN A O   1 
ATOM   1024 C CB  . ASN A 1 129 ? 4.426   10.111  0.359   1.00 11.87 ? 129  ASN A CB  1 
ATOM   1025 C CG  . ASN A 1 129 ? 5.226   11.115  1.164   1.00 12.91 ? 129  ASN A CG  1 
ATOM   1026 O OD1 . ASN A 1 129 ? 4.672   11.722  2.053   1.00 15.00 ? 129  ASN A OD1 1 
ATOM   1027 N ND2 . ASN A 1 129 ? 6.500   11.250  0.875   1.00 15.34 ? 129  ASN A ND2 1 
ATOM   1028 N N   . LEU A 1 130 ? 1.647   7.752   1.038   1.00 10.87 ? 130  LEU A N   1 
ATOM   1029 C CA  . LEU A 1 130 ? 0.646   6.898   0.411   1.00 10.62 ? 130  LEU A CA  1 
ATOM   1030 C C   . LEU A 1 130 ? -0.640  7.618   0.136   1.00 10.03 ? 130  LEU A C   1 
ATOM   1031 O O   . LEU A 1 130 ? -1.294  8.176   1.086   1.00 10.65 ? 130  LEU A O   1 
ATOM   1032 C CB  . LEU A 1 130 ? 0.370   5.675   1.324   1.00 10.75 ? 130  LEU A CB  1 
ATOM   1033 C CG  . LEU A 1 130 ? -0.748  4.732   0.862   1.00 10.89 ? 130  LEU A CG  1 
ATOM   1034 C CD1 . LEU A 1 130 ? -0.435  4.100   -0.499  1.00 11.30 ? 130  LEU A CD1 1 
ATOM   1035 C CD2 . LEU A 1 130 ? -0.963  3.633   1.862   1.00 11.42 ? 130  LEU A CD2 1 
ATOM   1036 N N   . VAL A 1 131 ? -1.079  7.655   -1.123  1.00 10.83 ? 131  VAL A N   1 
ATOM   1037 C CA  . VAL A 1 131 ? -2.216  8.402   -1.583  1.00 11.06 ? 131  VAL A CA  1 
ATOM   1038 C C   . VAL A 1 131 ? -3.048  7.548   -2.529  1.00 11.67 ? 131  VAL A C   1 
ATOM   1039 O O   . VAL A 1 131 ? -2.478  6.860   -3.365  1.00 11.22 ? 131  VAL A O   1 
ATOM   1040 C CB  . VAL A 1 131 ? -1.759  9.679   -2.343  1.00 11.68 ? 131  VAL A CB  1 
ATOM   1041 C CG1 . VAL A 1 131 ? -2.965  10.458  -2.824  1.00 13.87 ? 131  VAL A CG1 1 
ATOM   1042 C CG2 . VAL A 1 131 ? -0.882  10.552  -1.472  1.00 12.27 ? 131  VAL A CG2 1 
ATOM   1043 N N   . HIS A 1 132 ? -4.353  7.570   -2.425  1.00 10.26 ? 132  HIS A N   1 
ATOM   1044 C CA  . HIS A 1 132 ? -5.225  7.018   -3.454  1.00 10.84 ? 132  HIS A CA  1 
ATOM   1045 C C   . HIS A 1 132 ? -5.841  8.141   -4.269  1.00 10.59 ? 132  HIS A C   1 
ATOM   1046 O O   . HIS A 1 132 ? -6.280  9.133   -3.693  1.00 11.89 ? 132  HIS A O   1 
ATOM   1047 C CB  . HIS A 1 132 ? -6.360  6.184   -2.861  1.00 11.62 ? 132  HIS A CB  1 
ATOM   1048 C CG  . HIS A 1 132 ? -7.331  5.687   -3.888  1.00 11.52 ? 132  HIS A CG  1 
ATOM   1049 N ND1 . HIS A 1 132 ? -8.570  6.254   -4.121  1.00 11.18 ? 132  HIS A ND1 1 
ATOM   1050 C CD2 . HIS A 1 132 ? -7.236  4.659   -4.767  1.00 12.50 ? 132  HIS A CD2 1 
ATOM   1051 C CE1 . HIS A 1 132 ? -9.187  5.610   -5.088  1.00 11.68 ? 132  HIS A CE1 1 
ATOM   1052 N NE2 . HIS A 1 132 ? -8.398  4.620   -5.495  1.00 11.06 ? 132  HIS A NE2 1 
ATOM   1053 N N   . SER A 1 133 ? -5.908  7.985   -5.578  1.00 10.98 ? 133  SER A N   1 
ATOM   1054 C CA  . SER A 1 133 ? -6.683  8.886   -6.434  1.00 10.89 ? 133  SER A CA  1 
ATOM   1055 C C   . SER A 1 133 ? -7.771  8.083   -7.117  1.00 11.42 ? 133  SER A C   1 
ATOM   1056 O O   . SER A 1 133 ? -7.544  6.928   -7.516  1.00 11.15 ? 133  SER A O   1 
ATOM   1057 C CB  . SER A 1 133 ? -5.798  9.492   -7.510  1.00 11.27 ? 133  SER A CB  1 
ATOM   1058 O OG  . SER A 1 133 ? -6.616  10.142  -8.445  1.00 12.54 ? 133  SER A OG  1 
ATOM   1059 N N   . THR A 1 134 ? -8.978  8.627   -7.272  1.00 11.19 ? 134  THR A N   1 
ATOM   1060 C CA  . THR A 1 134 ? -9.974  7.995   -8.089  1.00 11.58 ? 134  THR A CA  1 
ATOM   1061 C C   . THR A 1 134 ? -9.696  8.053   -9.599  1.00 12.06 ? 134  THR A C   1 
ATOM   1062 O O   . THR A 1 134 ? -10.352 7.378   -10.364 1.00 12.26 ? 134  THR A O   1 
ATOM   1063 C CB  . THR A 1 134 ? -11.406 8.514   -7.845  1.00 11.83 ? 134  THR A CB  1 
ATOM   1064 O OG1 . THR A 1 134 ? -11.388 9.936   -8.081  1.00 13.28 ? 134  THR A OG1 1 
ATOM   1065 C CG2 . THR A 1 134 ? -11.801 8.302   -6.436  1.00 13.33 ? 134  THR A CG2 1 
ATOM   1066 N N   . GLY A 1 135 ? -8.701  8.850   -9.967  1.00 11.89 ? 135  GLY A N   1 
ATOM   1067 C CA  . GLY A 1 135 ? -8.340  8.997   -11.362 1.00 12.69 ? 135  GLY A CA  1 
ATOM   1068 C C   . GLY A 1 135 ? -7.166  8.116   -11.721 1.00 13.36 ? 135  GLY A C   1 
ATOM   1069 O O   . GLY A 1 135 ? -6.613  7.390   -10.898 1.00 12.69 ? 135  GLY A O   1 
ATOM   1070 N N   . SER A 1 136 ? -6.783  8.166   -12.974 1.00 12.91 ? 136  SER A N   1 
ATOM   1071 C CA  . SER A 1 136 ? -5.724  7.299   -13.491 1.00 13.58 ? 136  SER A CA  1 
ATOM   1072 C C   . SER A 1 136 ? -4.358  7.760   -13.108 1.00 13.74 ? 136  SER A C   1 
ATOM   1073 O O   . SER A 1 136 ? -4.142  8.914   -12.718 1.00 13.45 ? 136  SER A O   1 
ATOM   1074 C CB  . SER A 1 136 ? -5.796  7.247   -14.998 1.00 13.62 ? 136  SER A CB  1 
ATOM   1075 O OG  . SER A 1 136 ? -5.336  8.473   -15.550 1.00 17.18 ? 136  SER A OG  1 
ATOM   1076 N N   . ALA A 1 137 ? -3.376  6.867   -13.157 1.00 13.29 ? 137  ALA A N   1 
ATOM   1077 C CA  . ALA A 1 137 ? -2.018  7.254   -12.937 1.00 14.22 ? 137  ALA A CA  1 
ATOM   1078 C C   . ALA A 1 137 ? -1.552  8.345   -13.898 1.00 14.64 ? 137  ALA A C   1 
ATOM   1079 O O   . ALA A 1 137 ? -0.846  9.269   -13.486 1.00 15.83 ? 137  ALA A O   1 
ATOM   1080 C CB  . ALA A 1 137 ? -1.094  6.029   -13.015 1.00 14.76 ? 137  ALA A CB  1 
ATOM   1081 N N   . ASP A 1 138 ? -1.944  8.243   -15.156 1.00 15.44 ? 138  ASP A N   1 
ATOM   1082 C CA  . ASP A 1 138 ? -1.570  9.251   -16.143 1.00 17.73 ? 138  ASP A CA  1 
ATOM   1083 C C   . ASP A 1 138 ? -2.054  10.624  -15.799 1.00 17.20 ? 138  ASP A C   1 
ATOM   1084 O O   . ASP A 1 138 ? -1.421  11.616  -16.165 1.00 19.35 ? 138  ASP A O   1 
ATOM   1085 C CB  . ASP A 1 138 ? -2.128  8.900   -17.519 1.00 19.27 ? 138  ASP A CB  1 
ATOM   1086 C CG  A ASP A 1 138 ? -1.073  8.504   -18.470 0.50 24.24 ? 138  ASP A CG  1 
ATOM   1087 C CG  B ASP A 1 138 ? -1.173  8.107   -18.362 0.50 22.94 ? 138  ASP A CG  1 
ATOM   1088 O OD1 A ASP A 1 138 ? -0.854  7.287   -18.684 0.50 27.93 ? 138  ASP A OD1 1 
ATOM   1089 O OD1 B ASP A 1 138 ? -0.106  7.667   -17.857 0.50 24.07 ? 138  ASP A OD1 1 
ATOM   1090 O OD2 A ASP A 1 138 ? -0.405  9.397   -19.035 0.50 27.36 ? 138  ASP A OD2 1 
ATOM   1091 O OD2 B ASP A 1 138 ? -1.453  7.851   -19.552 0.50 25.72 ? 138  ASP A OD2 1 
ATOM   1092 N N   . ASP A 1 139 ? -3.187  10.699  -15.140 1.00 15.58 ? 139  ASP A N   1 
ATOM   1093 C CA  . ASP A 1 139 ? -3.800  11.986  -14.820 1.00 15.25 ? 139  ASP A CA  1 
ATOM   1094 C C   . ASP A 1 139 ? -3.479  12.444  -13.392 1.00 14.55 ? 139  ASP A C   1 
ATOM   1095 O O   . ASP A 1 139 ? -4.047  13.437  -12.936 1.00 14.43 ? 139  ASP A O   1 
ATOM   1096 C CB  . ASP A 1 139 ? -5.293  11.848  -14.968 1.00 15.16 ? 139  ASP A CB  1 
ATOM   1097 C CG  . ASP A 1 139 ? -5.740  11.758  -16.405 1.00 17.63 ? 139  ASP A CG  1 
ATOM   1098 O OD1 . ASP A 1 139 ? -5.045  12.332  -17.259 1.00 21.76 ? 139  ASP A OD1 1 
ATOM   1099 O OD2 . ASP A 1 139 ? -6.752  11.132  -16.745 1.00 21.11 ? 139  ASP A OD2 1 
ATOM   1100 N N   . PHE A 1 140 ? -2.592  11.744  -12.678 1.00 13.83 ? 140  PHE A N   1 
ATOM   1101 C CA  . PHE A 1 140 ? -2.316  12.004  -11.274 1.00 13.54 ? 140  PHE A CA  1 
ATOM   1102 C C   . PHE A 1 140 ? -1.424  13.212  -11.117 1.00 12.98 ? 140  PHE A C   1 
ATOM   1103 O O   . PHE A 1 140 ? -0.312  13.288  -11.676 1.00 14.97 ? 140  PHE A O   1 
ATOM   1104 C CB  . PHE A 1 140 ? -1.610  10.758  -10.659 1.00 13.10 ? 140  PHE A CB  1 
ATOM   1105 C CG  . PHE A 1 140 ? -1.518  10.748  -9.172  1.00 12.88 ? 140  PHE A CG  1 
ATOM   1106 C CD1 . PHE A 1 140 ? -0.515  11.443  -8.535  1.00 14.02 ? 140  PHE A CD1 1 
ATOM   1107 C CD2 . PHE A 1 140 ? -2.374  9.987   -8.414  1.00 13.33 ? 140  PHE A CD2 1 
ATOM   1108 C CE1 . PHE A 1 140 ? -0.394  11.402  -7.169  1.00 15.67 ? 140  PHE A CE1 1 
ATOM   1109 C CE2 . PHE A 1 140 ? -2.267  9.932   -7.044  1.00 13.87 ? 140  PHE A CE2 1 
ATOM   1110 C CZ  . PHE A 1 140 ? -1.296  10.672  -6.426  1.00 15.39 ? 140  PHE A CZ  1 
ATOM   1111 N N   . VAL A 1 141 ? -1.879  14.140  -10.277 1.00 13.19 ? 141  VAL A N   1 
ATOM   1112 C CA  . VAL A 1 141 ? -1.092  15.298  -9.900  1.00 13.10 ? 141  VAL A CA  1 
ATOM   1113 C C   . VAL A 1 141 ? -0.869  15.195  -8.407  1.00 14.56 ? 141  VAL A C   1 
ATOM   1114 O O   . VAL A 1 141 ? -1.810  15.172  -7.650  1.00 16.14 ? 141  VAL A O   1 
ATOM   1115 C CB  . VAL A 1 141 ? -1.818  16.617  -10.300 1.00 12.91 ? 141  VAL A CB  1 
ATOM   1116 C CG1 . VAL A 1 141 ? -0.982  17.806  -9.866  1.00 13.73 ? 141  VAL A CG1 1 
ATOM   1117 C CG2 . VAL A 1 141 ? -2.079  16.645  -11.768 1.00 12.50 ? 141  VAL A CG2 1 
ATOM   1118 N N   . ASP A 1 142 ? 0.400   15.187  -8.031  1.00 15.35 ? 142  ASP A N   1 
ATOM   1119 C CA  . ASP A 1 142 ? 0.792   14.712  -6.728  1.00 18.27 ? 142  ASP A CA  1 
ATOM   1120 C C   . ASP A 1 142 ? 0.422   15.717  -5.634  1.00 18.22 ? 142  ASP A C   1 
ATOM   1121 O O   . ASP A 1 142 ? 0.950   16.856  -5.658  1.00 21.09 ? 142  ASP A O   1 
ATOM   1122 C CB  . ASP A 1 142 ? 2.291   14.439  -6.789  1.00 18.47 ? 142  ASP A CB  1 
ATOM   1123 C CG  . ASP A 1 142 ? 2.789   13.719  -5.597  1.00 19.96 ? 142  ASP A CG  1 
ATOM   1124 O OD1 . ASP A 1 142 ? 1.973   13.350  -4.741  1.00 19.90 ? 142  ASP A OD1 1 
ATOM   1125 O OD2 . ASP A 1 142 ? 4.004   13.487  -5.472  1.00 23.67 ? 142  ASP A OD2 1 
ATOM   1126 N N   . PRO A 1 143 ? -0.503  15.371  -4.728  1.00 19.59 ? 143  PRO A N   1 
ATOM   1127 C CA  . PRO A 1 143 ? -0.889  16.300  -3.649  1.00 20.61 ? 143  PRO A CA  1 
ATOM   1128 C C   . PRO A 1 143 ? 0.163   16.354  -2.573  1.00 22.76 ? 143  PRO A C   1 
ATOM   1129 O O   . PRO A 1 143 ? 0.176   17.323  -1.802  1.00 22.79 ? 143  PRO A O   1 
ATOM   1130 C CB  . PRO A 1 143 ? -2.185  15.716  -3.095  1.00 21.93 ? 143  PRO A CB  1 
ATOM   1131 C CG  . PRO A 1 143 ? -2.119  14.285  -3.376  1.00 20.01 ? 143  PRO A CG  1 
ATOM   1132 C CD  . PRO A 1 143 ? -1.286  14.123  -4.635  1.00 18.71 ? 143  PRO A CD  1 
HETATM 1133 C C1  . GLC B 2 .   ? 8.407   -19.620 -5.278  1.00 18.50 ? 1    GLC B C1  1 
HETATM 1134 C C2  . GLC B 2 .   ? 7.703   -20.480 -4.259  1.00 18.39 ? 1    GLC B C2  1 
HETATM 1135 C C3  . GLC B 2 .   ? 6.287   -19.884 -4.201  1.00 18.73 ? 1    GLC B C3  1 
HETATM 1136 C C4  . GLC B 2 .   ? 6.282   -18.364 -3.971  1.00 20.16 ? 1    GLC B C4  1 
HETATM 1137 C C5  . GLC B 2 .   ? 7.201   -17.665 -4.986  1.00 20.71 ? 1    GLC B C5  1 
HETATM 1138 C C6  . GLC B 2 .   ? 7.227   -16.160 -4.756  1.00 20.84 ? 1    GLC B C6  1 
HETATM 1139 O O1  . GLC B 2 .   ? 8.104   -19.901 -6.611  1.00 16.63 ? 1    GLC B O1  1 
HETATM 1140 O O2  . GLC B 2 .   ? 7.656   -21.872 -4.629  1.00 19.05 ? 1    GLC B O2  1 
HETATM 1141 O O3  . GLC B 2 .   ? 5.602   -20.584 -3.184  1.00 21.10 ? 1    GLC B O3  1 
HETATM 1142 O O4  . GLC B 2 .   ? 4.937   -17.943 -4.163  0.50 13.81 ? 1    GLC B O4  1 
HETATM 1143 O O5  . GLC B 2 .   ? 8.505   -18.238 -4.901  1.00 21.62 ? 1    GLC B O5  1 
HETATM 1144 O O6  . GLC B 2 .   ? 8.015   -15.990 -3.606  1.00 25.78 ? 1    GLC B O6  1 
HETATM 1145 C C2  . BGC B 2 .   ? 3.157   -16.460 -3.625  1.00 19.05 ? 2    BGC B C2  1 
HETATM 1146 C C3  . BGC B 2 .   ? 2.432   -15.798 -2.460  1.00 21.32 ? 2    BGC B C3  1 
HETATM 1147 C C4  . BGC B 2 .   ? 2.199   -16.761 -1.318  1.00 19.76 ? 2    BGC B C4  1 
HETATM 1148 C C5  . BGC B 2 .   ? 3.460   -17.553 -0.990  1.00 17.37 ? 2    BGC B C5  1 
HETATM 1149 C C6  . BGC B 2 .   ? 3.188   -18.692 -0.040  1.00 20.46 ? 2    BGC B C6  1 
HETATM 1150 C C1  . BGC B 2 .   ? 4.389   -17.178 -3.085  1.00 20.02 ? 2    BGC B C1  1 
HETATM 1151 O O2  . BGC B 2 .   ? 3.560   -15.460 -4.530  1.00 25.10 ? 2    BGC B O2  1 
HETATM 1152 O O3  . BGC B 2 .   ? 1.216   -15.227 -2.922  1.00 23.07 ? 2    BGC B O3  1 
HETATM 1153 O O4  . BGC B 2 .   ? 1.871   -16.069 -0.129  1.00 14.75 ? 2    BGC B O4  1 
HETATM 1154 O O5  . BGC B 2 .   ? 3.969   -18.124 -2.171  1.00 17.58 ? 2    BGC B O5  1 
HETATM 1155 O O6  . BGC B 2 .   ? 2.173   -19.461 -0.609  1.00 24.34 ? 2    BGC B O6  1 
HETATM 1156 C C2  . BGC B 2 .   ? 0.212   -16.121 1.568   1.00 16.19 ? 3    BGC B C2  1 
HETATM 1157 C C3  . BGC B 2 .   ? -1.238  -15.839 1.920   1.00 14.46 ? 3    BGC B C3  1 
HETATM 1158 C C4  . BGC B 2 .   ? -1.692  -14.517 1.259   1.00 13.05 ? 3    BGC B C4  1 
HETATM 1159 C C5  . BGC B 2 .   ? -1.334  -14.501 -0.219  1.00 12.63 ? 3    BGC B C5  1 
HETATM 1160 C C6  . BGC B 2 .   ? -1.655  -13.216 -0.950  1.00 13.61 ? 3    BGC B C6  1 
HETATM 1161 C C1  . BGC B 2 .   ? 0.479   -15.983 0.083   1.00 15.42 ? 3    BGC B C1  1 
HETATM 1162 O O2  . BGC B 2 .   ? 0.586   -17.452 1.989   1.00 18.91 ? 3    BGC B O2  1 
HETATM 1163 O O3  . BGC B 2 .   ? -1.396  -15.799 3.304   1.00 17.62 ? 3    BGC B O3  1 
HETATM 1164 O O4  . BGC B 2 .   ? -3.109  -14.355 1.317   1.00 12.69 ? 3    BGC B O4  1 
HETATM 1165 O O5  . BGC B 2 .   ? 0.065   -14.696 -0.343  1.00 13.99 ? 3    BGC B O5  1 
HETATM 1166 O O6  . BGC B 2 .   ? -1.174  -12.092 -0.271  1.00 15.06 ? 3    BGC B O6  1 
HETATM 1167 C C2  . BGC B 2 .   ? -4.975  -13.048 1.999   1.00 12.02 ? 4    BGC B C2  1 
HETATM 1168 C C3  . BGC B 2 .   ? -5.422  -12.099 3.096   1.00 12.49 ? 4    BGC B C3  1 
HETATM 1169 C C4  . BGC B 2 .   ? -5.210  -12.708 4.477   1.00 11.33 ? 4    BGC B C4  1 
HETATM 1170 C C5  . BGC B 2 .   ? -3.770  -13.213 4.601   1.00 11.59 ? 4    BGC B C5  1 
HETATM 1171 C C6  . BGC B 2 .   ? -3.461  -13.870 5.928   1.00 14.36 ? 4    BGC B C6  1 
HETATM 1172 C C1  . BGC B 2 .   ? -3.540  -13.464 2.310   1.00 12.91 ? 4    BGC B C1  1 
HETATM 1173 O O2  . BGC B 2 .   ? -5.080  -12.436 0.716   1.00 14.05 ? 4    BGC B O2  1 
HETATM 1174 O O3  . BGC B 2 .   ? -6.795  -11.730 2.974   1.00 12.59 ? 4    BGC B O3  1 
HETATM 1175 O O4  . BGC B 2 .   ? -5.460  -11.710 5.472   1.00 11.22 ? 4    BGC B O4  1 
HETATM 1176 O O5  . BGC B 2 .   ? -3.467  -14.086 3.544   1.00 12.28 ? 4    BGC B O5  1 
HETATM 1177 O O6  . BGC B 2 .   ? -4.285  -14.999 6.103   1.00 16.38 ? 4    BGC B O6  1 
HETATM 1178 C C2  . BGC B 2 .   ? -5.992  -11.116 7.666   1.00 12.34 ? 5    BGC B C2  1 
HETATM 1179 C C3  . BGC B 2 .   ? -6.989  -11.292 8.798   1.00 13.09 ? 5    BGC B C3  1 
HETATM 1180 C C4  . BGC B 2 .   ? -8.429  -11.332 8.305   1.00 14.45 ? 5    BGC B C4  1 
HETATM 1181 C C5  . BGC B 2 .   ? -8.535  -12.329 7.174   1.00 13.60 ? 5    BGC B C5  1 
HETATM 1182 C C6  . BGC B 2 .   ? -9.930  -12.285 6.554   1.00 15.94 ? 5    BGC B C6  1 
HETATM 1183 C C1  . BGC B 2 .   ? -6.259  -12.108 6.572   1.00 11.98 ? 5    BGC B C1  1 
HETATM 1184 O O2  . BGC B 2 .   ? -4.659  -11.206 8.162   1.00 13.28 ? 5    BGC B O2  1 
HETATM 1185 O O3  . BGC B 2 .   ? -6.788  -10.250 9.773   1.00 14.20 ? 5    BGC B O3  1 
HETATM 1186 O O4  . BGC B 2 .   ? -9.296  -11.765 9.362   1.00 15.93 ? 5    BGC B O4  1 
HETATM 1187 O O5  . BGC B 2 .   ? -7.597  -12.004 6.139   1.00 12.70 ? 5    BGC B O5  1 
HETATM 1188 O O6  . BGC B 2 .   ? -10.129 -13.400 5.714   1.00 17.42 ? 5    BGC B O6  1 
HETATM 1189 C C2  . BGC B 2 .   ? -11.242 -11.353 10.706  1.00 21.22 ? 6    BGC B C2  1 
HETATM 1190 C C3  . BGC B 2 .   ? -11.978 -10.287 11.494  1.00 21.25 ? 6    BGC B C3  1 
HETATM 1191 C C4  . BGC B 2 .   ? -11.012 -9.520  12.378  1.00 19.29 ? 6    BGC B C4  1 
HETATM 1192 C C5  . BGC B 2 .   ? -9.831  -8.999  11.558  1.00 19.99 ? 6    BGC B C5  1 
HETATM 1193 C C6  . BGC B 2 .   ? -8.792  -8.263  12.394  1.00 21.27 ? 6    BGC B C6  1 
HETATM 1194 C C1  . BGC B 2 .   ? -10.046 -10.740 9.970   1.00 17.81 ? 6    BGC B C1  1 
HETATM 1195 O O2  . BGC B 2 .   ? -12.070 -11.985 9.740   1.00 24.12 ? 6    BGC B O2  1 
HETATM 1196 O O3  . BGC B 2 .   ? -12.960 -10.901 12.304  1.00 25.60 ? 6    BGC B O3  1 
HETATM 1197 O O4  . BGC B 2 .   ? -11.668 -8.418  12.978  1.00 22.79 ? 6    BGC B O4  1 
HETATM 1198 O O5  . BGC B 2 .   ? -9.214  -10.069 10.873  1.00 16.89 ? 6    BGC B O5  1 
HETATM 1199 O O6  . BGC B 2 .   ? -8.161  -9.140  13.291  1.00 21.65 ? 6    BGC B O6  1 
HETATM 1200 O O   . HOH C 3 .   ? 5.195   -21.908 1.122   1.00 38.23 ? 2001 HOH A O   1 
HETATM 1201 O O   . HOH C 3 .   ? 6.685   -15.126 -8.175  1.00 29.83 ? 2002 HOH A O   1 
HETATM 1202 O O   . HOH C 3 .   ? -20.350 15.911  -13.739 1.00 43.40 ? 2003 HOH A O   1 
HETATM 1203 O O   . HOH C 3 .   ? -19.660 13.715  -15.081 1.00 22.61 ? 2004 HOH A O   1 
HETATM 1204 O O   B HOH C 3 .   ? -11.193 12.075  -12.504 0.50 20.07 ? 2005 HOH A O   1 
HETATM 1205 O O   B HOH C 3 .   ? -6.843  16.736  -3.054  0.50 15.47 ? 2006 HOH A O   1 
HETATM 1206 O O   . HOH C 3 .   ? -8.231  15.405  -10.908 1.00 14.50 ? 2007 HOH A O   1 
HETATM 1207 O O   . HOH C 3 .   ? -10.170 17.124  -6.641  1.00 22.25 ? 2008 HOH A O   1 
HETATM 1208 O O   . HOH C 3 .   ? -0.401  8.897   9.842   1.00 45.41 ? 2009 HOH A O   1 
HETATM 1209 O O   . HOH C 3 .   ? -15.180 12.205  -3.121  1.00 20.21 ? 2010 HOH A O   1 
HETATM 1210 O O   . HOH C 3 .   ? -9.281  15.651  -4.037  1.00 16.28 ? 2011 HOH A O   1 
HETATM 1211 O O   . HOH C 3 .   ? -7.082  12.844  2.303   1.00 23.24 ? 2012 HOH A O   1 
HETATM 1212 O O   . HOH C 3 .   ? -2.424  -3.024  14.930  0.50 15.35 ? 2013 HOH A O   1 
HETATM 1213 O O   . HOH C 3 .   ? -5.568  8.609   6.848   1.00 35.22 ? 2014 HOH A O   1 
HETATM 1214 O O   . HOH C 3 .   ? -1.714  -12.779 11.638  1.00 43.40 ? 2015 HOH A O   1 
HETATM 1215 O O   . HOH C 3 .   ? 0.757   11.441  7.782   1.00 24.49 ? 2016 HOH A O   1 
HETATM 1216 O O   . HOH C 3 .   ? 10.129  12.016  5.833   1.00 41.20 ? 2017 HOH A O   1 
HETATM 1217 O O   . HOH C 3 .   ? 2.837   13.733  8.031   1.00 27.97 ? 2018 HOH A O   1 
HETATM 1218 O O   . HOH C 3 .   ? 8.116   8.163   12.131  1.00 26.30 ? 2019 HOH A O   1 
HETATM 1219 O O   . HOH C 3 .   ? 3.336   11.520  11.577  1.00 38.56 ? 2020 HOH A O   1 
HETATM 1220 O O   . HOH C 3 .   ? 0.787   8.616   11.888  1.00 44.43 ? 2021 HOH A O   1 
HETATM 1221 O O   . HOH C 3 .   ? 7.125   -10.816 12.834  1.00 54.49 ? 2022 HOH A O   1 
HETATM 1222 O O   . HOH C 3 .   ? -3.529  9.583   11.256  1.00 43.70 ? 2023 HOH A O   1 
HETATM 1223 O O   . HOH C 3 .   ? -9.775  8.096   7.075   1.00 35.46 ? 2024 HOH A O   1 
HETATM 1224 O O   . HOH C 3 .   ? -12.279 4.667   8.099   1.00 22.43 ? 2025 HOH A O   1 
HETATM 1225 O O   . HOH C 3 .   ? -8.673  4.630   13.592  1.00 42.36 ? 2026 HOH A O   1 
HETATM 1226 O O   . HOH C 3 .   ? -12.165 8.009   -2.695  1.00 16.69 ? 2027 HOH A O   1 
HETATM 1227 O O   . HOH C 3 .   ? -5.391  3.811   13.264  1.00 27.79 ? 2028 HOH A O   1 
HETATM 1228 O O   . HOH C 3 .   ? -5.938  -1.062  15.437  1.00 34.70 ? 2029 HOH A O   1 
HETATM 1229 O O   . HOH C 3 .   ? -14.739 6.341   -8.830  1.00 21.77 ? 2030 HOH A O   1 
HETATM 1230 O O   . HOH C 3 .   ? 1.411   -5.259  13.613  1.00 21.31 ? 2031 HOH A O   1 
HETATM 1231 O O   . HOH C 3 .   ? -0.039  -2.837  13.438  1.00 14.50 ? 2032 HOH A O   1 
HETATM 1232 O O   . HOH C 3 .   ? -6.525  -5.089  13.588  1.00 25.53 ? 2033 HOH A O   1 
HETATM 1233 O O   . HOH C 3 .   ? -4.885  -2.720  13.784  1.00 16.90 ? 2034 HOH A O   1 
HETATM 1234 O O   . HOH C 3 .   ? -2.268  -7.208  12.316  1.00 32.49 ? 2035 HOH A O   1 
HETATM 1235 O O   . HOH C 3 .   ? 18.567  -3.033  -4.993  1.00 34.73 ? 2036 HOH A O   1 
HETATM 1236 O O   . HOH C 3 .   ? 7.141   -12.478 -6.916  1.00 20.52 ? 2037 HOH A O   1 
HETATM 1237 O O   . HOH C 3 .   ? 1.513   -15.320 9.083   1.00 41.03 ? 2038 HOH A O   1 
HETATM 1238 O O   . HOH C 3 .   ? 0.793   -13.145 11.679  1.00 28.12 ? 2039 HOH A O   1 
HETATM 1239 O O   . HOH C 3 .   ? 1.627   -9.273  11.413  1.00 35.10 ? 2040 HOH A O   1 
HETATM 1240 O O   . HOH C 3 .   ? 3.844   -4.538  14.668  1.00 15.94 ? 2041 HOH A O   1 
HETATM 1241 O O   . HOH C 3 .   ? 7.572   -2.218  16.425  1.00 21.73 ? 2042 HOH A O   1 
HETATM 1242 O O   . HOH C 3 .   ? 3.631   -1.818  15.142  1.00 13.56 ? 2043 HOH A O   1 
HETATM 1243 O O   . HOH C 3 .   ? 1.474   -0.556  14.132  1.00 15.40 ? 2044 HOH A O   1 
HETATM 1244 O O   . HOH C 3 .   ? 9.056   6.455   16.405  1.00 39.64 ? 2045 HOH A O   1 
HETATM 1245 O O   . HOH C 3 .   ? 13.205  5.565   8.335   1.00 31.02 ? 2046 HOH A O   1 
HETATM 1246 O O   . HOH C 3 .   ? 11.646  9.309   13.889  1.00 30.53 ? 2047 HOH A O   1 
HETATM 1247 O O   A HOH C 3 .   ? 6.554   10.539  -10.448 0.50 33.64 ? 2048 HOH A O   1 
HETATM 1248 O O   . HOH C 3 .   ? 13.287  -9.729  8.676   1.00 30.76 ? 2049 HOH A O   1 
HETATM 1249 O O   . HOH C 3 .   ? 9.418   -9.620  12.050  1.00 31.04 ? 2050 HOH A O   1 
HETATM 1250 O O   . HOH C 3 .   ? -4.674  5.951   -18.372 1.00 37.61 ? 2051 HOH A O   1 
HETATM 1251 O O   . HOH C 3 .   ? 7.736   -19.317 12.911  1.00 51.56 ? 2052 HOH A O   1 
HETATM 1252 O O   . HOH C 3 .   ? 17.888  -13.060 7.612   1.00 49.42 ? 2053 HOH A O   1 
HETATM 1253 O O   . HOH C 3 .   ? 11.099  -20.007 8.050   1.00 31.85 ? 2054 HOH A O   1 
HETATM 1254 O O   . HOH C 3 .   ? 2.140   -16.372 6.728   1.00 30.92 ? 2055 HOH A O   1 
HETATM 1255 O O   . HOH C 3 .   ? 9.719   -18.425 -2.213  1.00 30.94 ? 2056 HOH A O   1 
HETATM 1256 O O   . HOH C 3 .   ? 1.435   -6.246  9.349   1.00 26.59 ? 2057 HOH A O   1 
HETATM 1257 O O   . HOH C 3 .   ? -15.301 9.394   -5.699  1.00 22.56 ? 2058 HOH A O   1 
HETATM 1258 O O   . HOH C 3 .   ? -8.537  12.121  -13.079 1.00 17.71 ? 2059 HOH A O   1 
HETATM 1259 O O   . HOH C 3 .   ? -10.277 8.319   -15.262 1.00 37.48 ? 2060 HOH A O   1 
HETATM 1260 O O   . HOH C 3 .   ? -12.075 8.467   0.230   1.00 22.76 ? 2061 HOH A O   1 
HETATM 1261 O O   . HOH C 3 .   ? -12.094 6.894   6.414   1.00 24.28 ? 2062 HOH A O   1 
HETATM 1262 O O   . HOH C 3 .   ? 4.907   17.172  -6.498  1.00 36.04 ? 2063 HOH A O   1 
HETATM 1263 O O   . HOH C 3 .   ? -11.682 4.017   12.248  1.00 34.60 ? 2064 HOH A O   1 
HETATM 1264 O O   . HOH C 3 .   ? -12.360 -2.556  10.250  1.00 34.41 ? 2065 HOH A O   1 
HETATM 1265 O O   . HOH C 3 .   ? -14.727 -0.941  4.824   1.00 28.13 ? 2066 HOH A O   1 
HETATM 1266 O O   . HOH C 3 .   ? -18.067 0.447   0.477   1.00 38.09 ? 2067 HOH A O   1 
HETATM 1267 O O   . HOH C 3 .   ? -12.808 5.785   -4.398  1.00 14.22 ? 2068 HOH A O   1 
HETATM 1268 O O   . HOH C 3 .   ? -12.268 5.504   -9.661  1.00 15.99 ? 2069 HOH A O   1 
HETATM 1269 O O   . HOH C 3 .   ? -10.271 3.565   -12.592 1.00 22.88 ? 2070 HOH A O   1 
HETATM 1270 O O   A HOH C 3 .   ? -6.793  3.721   -13.036 0.50 17.53 ? 2071 HOH A O   1 
HETATM 1271 O O   B HOH C 3 .   ? -7.683  2.452   -12.862 0.50 15.62 ? 2072 HOH A O   1 
HETATM 1272 O O   . HOH C 3 .   ? 7.666   11.986  -2.953  1.00 24.24 ? 2073 HOH A O   1 
HETATM 1273 O O   . HOH C 3 .   ? 10.477  10.170  0.086   1.00 37.25 ? 2074 HOH A O   1 
HETATM 1274 O O   . HOH C 3 .   ? 15.877  6.288   5.265   1.00 43.06 ? 2075 HOH A O   1 
HETATM 1275 O O   . HOH C 3 .   ? 17.565  -2.973  -2.231  1.00 34.25 ? 2076 HOH A O   1 
HETATM 1276 O O   A HOH C 3 .   ? -7.858  16.417  -0.857  0.50 26.19 ? 2077 HOH A O   1 
HETATM 1277 O O   . HOH C 3 .   ? 11.640  -5.585  0.523   1.00 12.18 ? 2078 HOH A O   1 
HETATM 1278 O O   . HOH C 3 .   ? 13.482  -10.042 -4.177  1.00 14.74 ? 2079 HOH A O   1 
HETATM 1279 O O   . HOH C 3 .   ? 7.951   -11.369 -9.371  1.00 29.05 ? 2080 HOH A O   1 
HETATM 1280 O O   . HOH C 3 .   ? -12.881 -10.514 5.101   1.00 26.02 ? 2081 HOH A O   1 
HETATM 1281 O O   . HOH C 3 .   ? -15.639 -4.705  1.479   1.00 32.31 ? 2082 HOH A O   1 
HETATM 1282 O O   A HOH C 3 .   ? -10.068 -10.360 1.444   0.50 20.04 ? 2083 HOH A O   1 
HETATM 1283 O O   . HOH C 3 .   ? -8.766  -13.616 3.338   1.00 18.46 ? 2084 HOH A O   1 
HETATM 1284 O O   . HOH C 3 .   ? -13.409 -13.383 -8.505  1.00 35.22 ? 2085 HOH A O   1 
HETATM 1285 O O   . HOH C 3 .   ? -13.423 -14.242 -3.958  1.00 39.50 ? 2086 HOH A O   1 
HETATM 1286 O O   . HOH C 3 .   ? -9.533  -10.629 -8.323  1.00 33.64 ? 2087 HOH A O   1 
HETATM 1287 O O   . HOH C 3 .   ? -9.322  -13.478 -4.762  1.00 27.55 ? 2088 HOH A O   1 
HETATM 1288 O O   . HOH C 3 .   ? -4.834  -10.597 -9.229  1.00 24.46 ? 2089 HOH A O   1 
HETATM 1289 O O   . HOH C 3 .   ? -3.751  -13.736 -11.500 1.00 43.11 ? 2090 HOH A O   1 
HETATM 1290 O O   . HOH C 3 .   ? -3.341  -8.685  -11.712 1.00 36.84 ? 2091 HOH A O   1 
HETATM 1291 O O   . HOH C 3 .   ? 1.122   -7.700  -10.973 1.00 38.35 ? 2092 HOH A O   1 
HETATM 1292 O O   . HOH C 3 .   ? -2.548  -4.813  -12.272 1.00 26.41 ? 2093 HOH A O   1 
HETATM 1293 O O   . HOH C 3 .   ? 0.480   -3.149  -13.181 1.00 50.80 ? 2094 HOH A O   1 
HETATM 1294 O O   . HOH C 3 .   ? 10.013  -2.608  -10.195 1.00 28.63 ? 2095 HOH A O   1 
HETATM 1295 O O   . HOH C 3 .   ? 17.044  -2.796  -8.392  1.00 24.56 ? 2096 HOH A O   1 
HETATM 1296 O O   . HOH C 3 .   ? 14.105  -1.540  -9.178  1.00 22.00 ? 2097 HOH A O   1 
HETATM 1297 O O   . HOH C 3 .   ? 17.321  -0.065  -7.951  1.00 21.66 ? 2098 HOH A O   1 
HETATM 1298 O O   . HOH C 3 .   ? 16.316  -1.136  0.391   1.00 32.68 ? 2099 HOH A O   1 
HETATM 1299 O O   . HOH C 3 .   ? 15.435  1.615   -8.379  1.00 40.37 ? 2100 HOH A O   1 
HETATM 1300 O O   . HOH C 3 .   ? 16.262  7.085   -0.259  1.00 29.57 ? 2101 HOH A O   1 
HETATM 1301 O O   . HOH C 3 .   ? 13.266  6.518   5.800   1.00 24.23 ? 2102 HOH A O   1 
HETATM 1302 O O   . HOH C 3 .   ? 15.387  8.524   -3.170  1.00 28.94 ? 2103 HOH A O   1 
HETATM 1303 O O   . HOH C 3 .   ? 15.275  6.850   -6.493  1.00 28.50 ? 2104 HOH A O   1 
HETATM 1304 O O   B HOH C 3 .   ? 6.257   8.724   -10.212 0.50 27.57 ? 2105 HOH A O   1 
HETATM 1305 O O   B HOH C 3 .   ? 9.754   7.692   -9.934  0.50 28.19 ? 2106 HOH A O   1 
HETATM 1306 O O   A HOH C 3 .   ? 10.981  8.477   -7.842  0.50 13.50 ? 2107 HOH A O   1 
HETATM 1307 O O   . HOH C 3 .   ? 7.834   4.808   -10.661 1.00 24.93 ? 2108 HOH A O   1 
HETATM 1308 O O   . HOH C 3 .   ? 8.310   12.176  -6.271  1.00 29.74 ? 2109 HOH A O   1 
HETATM 1309 O O   . HOH C 3 .   ? 11.795  -0.851  -8.202  1.00 37.65 ? 2110 HOH A O   1 
HETATM 1310 O O   . HOH C 3 .   ? 11.300  0.974   -4.485  1.00 13.51 ? 2111 HOH A O   1 
HETATM 1311 O O   . HOH C 3 .   ? 5.148   4.333   -11.154 1.00 21.05 ? 2112 HOH A O   1 
HETATM 1312 O O   . HOH C 3 .   ? -4.150  -2.667  -11.820 1.00 16.87 ? 2113 HOH A O   1 
HETATM 1313 O O   . HOH C 3 .   ? -0.005  1.478   -13.616 1.00 25.06 ? 2114 HOH A O   1 
HETATM 1314 O O   . HOH C 3 .   ? -0.642  -1.249  -11.888 1.00 27.52 ? 2115 HOH A O   1 
HETATM 1315 O O   . HOH C 3 .   ? -2.856  5.704   -16.372 1.00 16.22 ? 2116 HOH A O   1 
HETATM 1316 O O   . HOH C 3 .   ? -10.625 -3.961  -15.172 1.00 30.16 ? 2117 HOH A O   1 
HETATM 1317 O O   . HOH C 3 .   ? -5.965  2.393   -16.579 1.00 40.75 ? 2118 HOH A O   1 
HETATM 1318 O O   . HOH C 3 .   ? -6.250  -4.192  -16.540 1.00 22.76 ? 2119 HOH A O   1 
HETATM 1319 O O   B HOH C 3 .   ? -11.913 -0.874  -12.743 0.50 20.69 ? 2120 HOH A O   1 
HETATM 1320 O O   A HOH C 3 .   ? -10.676 -0.109  -11.948 0.50 22.11 ? 2121 HOH A O   1 
HETATM 1321 O O   . HOH C 3 .   ? -13.489 -4.055  -15.319 1.00 25.53 ? 2122 HOH A O   1 
HETATM 1322 O O   . HOH C 3 .   ? -11.342 -1.077  -7.504  1.00 11.41 ? 2123 HOH A O   1 
HETATM 1323 O O   . HOH C 3 .   ? -14.350 -2.985  -0.250  1.00 29.63 ? 2124 HOH A O   1 
HETATM 1324 O O   B HOH C 3 .   ? -10.694 -9.630  3.628   0.50 15.63 ? 2125 HOH A O   1 
HETATM 1325 O O   . HOH C 3 .   ? 1.227   -12.429 -3.273  1.00 27.03 ? 2126 HOH A O   1 
HETATM 1326 O O   . HOH C 3 .   ? 12.231  -11.207 1.269   1.00 16.56 ? 2127 HOH A O   1 
HETATM 1327 O O   . HOH C 3 .   ? 10.060  -7.736  0.208   1.00 16.19 ? 2128 HOH A O   1 
HETATM 1328 O O   . HOH C 3 .   ? 7.941   -12.816 4.843   1.00 13.76 ? 2129 HOH A O   1 
HETATM 1329 O O   . HOH C 3 .   ? 15.550  -16.942 2.561   1.00 34.09 ? 2130 HOH A O   1 
HETATM 1330 O O   . HOH C 3 .   ? 14.659  -11.470 -1.985  1.00 19.34 ? 2131 HOH A O   1 
HETATM 1331 O O   . HOH C 3 .   ? 17.746  -9.865  0.079   1.00 34.01 ? 2132 HOH A O   1 
HETATM 1332 O O   . HOH C 3 .   ? 14.941  3.479   8.741   1.00 33.99 ? 2133 HOH A O   1 
HETATM 1333 O O   . HOH C 3 .   ? 8.614   12.823  2.040   1.00 37.84 ? 2134 HOH A O   1 
HETATM 1334 O O   . HOH C 3 .   ? -9.549  8.672   -3.169  1.00 12.64 ? 2135 HOH A O   1 
HETATM 1335 O O   . HOH C 3 .   ? -5.357  10.720  -10.778 1.00 13.59 ? 2136 HOH A O   1 
HETATM 1336 O O   A HOH C 3 .   ? -12.269 10.309  -10.774 0.50 20.67 ? 2137 HOH A O   1 
HETATM 1337 O O   . HOH C 3 .   ? -13.942 10.958  -7.603  1.00 23.52 ? 2138 HOH A O   1 
HETATM 1338 O O   . HOH C 3 .   ? -5.920  8.074   -18.208 1.00 36.62 ? 2139 HOH A O   1 
HETATM 1339 O O   . HOH C 3 .   ? -5.626  14.249  -19.011 1.00 24.12 ? 2140 HOH A O   1 
HETATM 1340 O O   . HOH C 3 .   ? -6.506  13.166  -11.708 1.00 14.47 ? 2141 HOH A O   1 
HETATM 1341 O O   . HOH C 3 .   ? -8.196  9.986   -14.751 1.00 18.99 ? 2142 HOH A O   1 
HETATM 1342 O O   . HOH C 3 .   ? -10.234 12.982  -16.631 1.00 51.41 ? 2143 HOH A O   1 
HETATM 1343 O O   . HOH C 3 .   ? -3.139  17.074  -6.245  1.00 25.71 ? 2144 HOH A O   1 
HETATM 1344 O O   . HOH C 3 .   ? 2.537   18.059  -8.187  1.00 25.48 ? 2145 HOH A O   1 
HETATM 1345 O O   . HOH C 3 .   ? 2.436   15.379  -10.220 1.00 29.19 ? 2146 HOH A O   1 
HETATM 1346 O O   . HOH C 3 .   ? 9.647   -18.643 -8.342  1.00 15.89 ? 2147 HOH A O   1 
HETATM 1347 O O   . HOH C 3 .   ? 10.062  -15.843 -5.307  1.00 22.84 ? 2148 HOH A O   1 
HETATM 1348 O O   . HOH C 3 .   ? 6.958   -20.982 -0.990  1.00 27.41 ? 2149 HOH A O   1 
HETATM 1349 O O   . HOH C 3 .   ? 5.635   -19.170 -8.193  1.00 40.63 ? 2150 HOH A O   1 
HETATM 1350 O O   . HOH C 3 .   ? -1.131  -16.551 -3.451  1.00 37.95 ? 2151 HOH A O   1 
HETATM 1351 O O   . HOH C 3 .   ? 4.346   -16.237 -7.045  1.00 39.71 ? 2152 HOH A O   1 
HETATM 1352 O O   . HOH C 3 .   ? 2.519   -17.644 3.842   1.00 33.97 ? 2153 HOH A O   1 
HETATM 1353 O O   . HOH C 3 .   ? -3.380  -10.545 0.042   1.00 17.56 ? 2154 HOH A O   1 
HETATM 1354 O O   . HOH C 3 .   ? -5.106  -16.706 4.075   1.00 38.57 ? 2155 HOH A O   1 
HETATM 1355 O O   . HOH C 3 .   ? -5.094  -14.898 -0.791  1.00 37.17 ? 2156 HOH A O   1 
HETATM 1356 O O   . HOH C 3 .   ? -4.428  -9.481  11.035  1.00 18.40 ? 2157 HOH A O   1 
HETATM 1357 O O   . HOH C 3 .   ? -3.750  -13.040 10.054  1.00 24.80 ? 2158 HOH A O   1 
HETATM 1358 O O   . HOH C 3 .   ? -12.834 -13.344 5.083   1.00 30.69 ? 2159 HOH A O   1 
HETATM 1359 O O   . HOH C 3 .   ? -5.506  -7.696  13.071  1.00 33.39 ? 2160 HOH A O   1 
HETATM 1360 O O   . HOH C 3 .   ? -13.449 -10.575 7.784   1.00 38.14 ? 2161 HOH A O   1 
# 
loop_
_pdbx_poly_seq_scheme.asym_id 
_pdbx_poly_seq_scheme.entity_id 
_pdbx_poly_seq_scheme.seq_id 
_pdbx_poly_seq_scheme.mon_id 
_pdbx_poly_seq_scheme.ndb_seq_num 
_pdbx_poly_seq_scheme.pdb_seq_num 
_pdbx_poly_seq_scheme.auth_seq_num 
_pdbx_poly_seq_scheme.pdb_mon_id 
_pdbx_poly_seq_scheme.auth_mon_id 
_pdbx_poly_seq_scheme.pdb_strand_id 
_pdbx_poly_seq_scheme.pdb_ins_code 
_pdbx_poly_seq_scheme.hetero 
A 1 1   SER 1   1   ?   ?   ?   A . n 
A 1 2   ASN 2   2   2   ASN ASN A . n 
A 1 3   VAL 3   3   3   VAL VAL A . n 
A 1 4   ARG 4   4   4   ARG ARG A . n 
A 1 5   ALA 5   5   5   ALA ALA A . n 
A 1 6   THR 6   6   6   THR THR A . n 
A 1 7   TYR 7   7   7   TYR TYR A . n 
A 1 8   THR 8   8   8   THR THR A . n 
A 1 9   VAL 9   9   9   VAL VAL A . n 
A 1 10  ILE 10  10  10  ILE ILE A . n 
A 1 11  PHE 11  11  11  PHE PHE A . n 
A 1 12  LYS 12  12  12  LYS LYS A . n 
A 1 13  ASN 13  13  13  ASN ASN A . n 
A 1 14  ALA 14  14  14  ALA ALA A . n 
A 1 15  SER 15  15  15  SER SER A . n 
A 1 16  GLY 16  16  16  GLY GLY A . n 
A 1 17  LEU 17  17  17  LEU LEU A . n 
A 1 18  PRO 18  18  18  PRO PRO A . n 
A 1 19  ASN 19  19  19  ASN ASN A . n 
A 1 20  GLY 20  20  20  GLY GLY A . n 
A 1 21  TYR 21  21  21  TYR TYR A . n 
A 1 22  ASP 22  22  22  ASP ASP A . n 
A 1 23  ASN 23  23  23  ASN ASN A . n 
A 1 24  TRP 24  24  24  TRP TRP A . n 
A 1 25  GLY 25  25  25  GLY GLY A . n 
A 1 26  TRP 26  26  26  TRP TRP A . n 
A 1 27  GLY 27  27  27  GLY GLY A . n 
A 1 28  CYS 28  28  28  CYS CYS A . n 
A 1 29  THR 29  29  29  THR THR A . n 
A 1 30  LEU 30  30  30  LEU LEU A . n 
A 1 31  SER 31  31  31  SER SER A . n 
A 1 32  TYR 32  32  32  TYR TYR A . n 
A 1 33  TYR 33  33  33  TYR TYR A . n 
A 1 34  GLY 34  34  34  GLY GLY A . n 
A 1 35  GLY 35  35  35  GLY GLY A . n 
A 1 36  ALA 36  36  36  ALA ALA A . n 
A 1 37  MET 37  37  37  MET MET A . n 
A 1 38  ILE 38  38  38  ILE ILE A . n 
A 1 39  ILE 39  39  39  ILE ILE A . n 
A 1 40  ASN 40  40  40  ASN ASN A . n 
A 1 41  PRO 41  41  41  PRO PRO A . n 
A 1 42  GLN 42  42  42  GLN GLN A . n 
A 1 43  GLU 43  43  43  GLU GLU A . n 
A 1 44  GLY 44  44  44  GLY GLY A . n 
A 1 45  LYS 45  45  45  LYS LYS A . n 
A 1 46  TYR 46  46  46  TYR TYR A . n 
A 1 47  GLY 47  47  47  GLY GLY A . n 
A 1 48  ALA 48  48  48  ALA ALA A . n 
A 1 49  VAL 49  49  49  VAL VAL A . n 
A 1 50  SER 50  50  50  SER SER A . n 
A 1 51  LEU 51  51  51  LEU LEU A . n 
A 1 52  LYS 52  52  52  LYS LYS A . n 
A 1 53  ARG 53  53  53  ARG ARG A . n 
A 1 54  ASN 54  54  54  ASN ASN A . n 
A 1 55  SER 55  55  55  SER SER A . n 
A 1 56  GLY 56  56  56  GLY GLY A . n 
A 1 57  SER 57  57  57  SER SER A . n 
A 1 58  PHE 58  58  58  PHE PHE A . n 
A 1 59  ARG 59  59  59  ARG ARG A . n 
A 1 60  GLY 60  60  60  GLY GLY A . n 
A 1 61  GLY 61  61  61  GLY GLY A . n 
A 1 62  SER 62  62  62  SER SER A . n 
A 1 63  LEU 63  63  63  LEU LEU A . n 
A 1 64  ARG 64  64  64  ARG ARG A . n 
A 1 65  PHE 65  65  65  PHE PHE A . n 
A 1 66  ASP 66  66  66  ASP ASP A . n 
A 1 67  MET 67  67  67  MET MET A . n 
A 1 68  LYS 68  68  68  LYS LYS A . n 
A 1 69  ASN 69  69  69  ASN ASN A . n 
A 1 70  GLU 70  70  70  GLU GLU A . n 
A 1 71  GLY 71  71  71  GLY GLY A . n 
A 1 72  LYS 72  72  72  LYS LYS A . n 
A 1 73  VAL 73  73  73  VAL VAL A . n 
A 1 74  ALA 74  74  74  ALA ALA A . n 
A 1 75  ILE 75  75  75  ILE ILE A . n 
A 1 76  LEU 76  76  76  LEU LEU A . n 
A 1 77  VAL 77  77  77  VAL VAL A . n 
A 1 78  GLU 78  78  78  GLU GLU A . n 
A 1 79  ASN 79  79  79  ASN ASN A . n 
A 1 80  SER 80  80  80  SER SER A . n 
A 1 81  GLU 81  81  81  GLU GLU A . n 
A 1 82  ALA 82  82  82  ALA ALA A . n 
A 1 83  ASP 83  83  83  ASP ASP A . n 
A 1 84  GLU 84  84  84  GLU GLU A . n 
A 1 85  LYS 85  85  85  LYS LYS A . n 
A 1 86  PHE 86  86  86  PHE PHE A . n 
A 1 87  GLU 87  87  87  GLU GLU A . n 
A 1 88  VAL 88  88  88  VAL VAL A . n 
A 1 89  GLU 89  89  89  GLU GLU A . n 
A 1 90  THR 90  90  90  THR THR A . n 
A 1 91  ILE 91  91  91  ILE ILE A . n 
A 1 92  SER 92  92  92  SER SER A . n 
A 1 93  PRO 93  93  93  PRO PRO A . n 
A 1 94  SER 94  94  94  SER SER A . n 
A 1 95  ASP 95  95  95  ASP ASP A . n 
A 1 96  GLU 96  96  96  GLU GLU A . n 
A 1 97  TYR 97  97  97  TYR TYR A . n 
A 1 98  VAL 98  98  98  VAL VAL A . n 
A 1 99  THR 99  99  99  THR THR A . n 
A 1 100 TYR 100 100 100 TYR TYR A . n 
A 1 101 ILE 101 101 101 ILE ILE A . n 
A 1 102 LEU 102 102 102 LEU LEU A . n 
A 1 103 ASP 103 103 103 ASP ASP A . n 
A 1 104 VAL 104 104 104 VAL VAL A . n 
A 1 105 ASP 105 105 105 ASP ASP A . n 
A 1 106 PHE 106 106 106 PHE PHE A . n 
A 1 107 ASP 107 107 107 ASP ASP A . n 
A 1 108 LEU 108 108 108 LEU LEU A . n 
A 1 109 PRO 109 109 109 PRO PRO A . n 
A 1 110 PHE 110 110 110 PHE PHE A . n 
A 1 111 ASP 111 111 111 ASP ASP A . n 
A 1 112 ARG 112 112 112 ARG ARG A . n 
A 1 113 ILE 113 113 113 ILE ILE A . n 
A 1 114 ASP 114 114 114 ASP ASP A . n 
A 1 115 PHE 115 115 115 PHE PHE A . n 
A 1 116 GLN 116 116 116 GLN GLN A . n 
A 1 117 ASP 117 117 117 ASP ASP A . n 
A 1 118 ALA 118 118 118 ALA ALA A . n 
A 1 119 PRO 119 119 119 PRO PRO A . n 
A 1 120 GLY 120 120 120 GLY GLY A . n 
A 1 121 ASN 121 121 121 ASN ASN A . n 
A 1 122 GLY 122 122 122 GLY GLY A . n 
A 1 123 ASP 123 123 123 ASP ASP A . n 
A 1 124 ARG 124 124 124 ARG ARG A . n 
A 1 125 ILE 125 125 125 ILE ILE A . n 
A 1 126 TRP 126 126 126 TRP TRP A . n 
A 1 127 ILE 127 127 127 ILE ILE A . n 
A 1 128 LYS 128 128 128 LYS LYS A . n 
A 1 129 ASN 129 129 129 ASN ASN A . n 
A 1 130 LEU 130 130 130 LEU LEU A . n 
A 1 131 VAL 131 131 131 VAL VAL A . n 
A 1 132 HIS 132 132 132 HIS HIS A . n 
A 1 133 SER 133 133 133 SER SER A . n 
A 1 134 THR 134 134 134 THR THR A . n 
A 1 135 GLY 135 135 135 GLY GLY A . n 
A 1 136 SER 136 136 136 SER SER A . n 
A 1 137 ALA 137 137 137 ALA ALA A . n 
A 1 138 ASP 138 138 138 ASP ASP A . n 
A 1 139 ASP 139 139 139 ASP ASP A . n 
A 1 140 PHE 140 140 140 PHE PHE A . n 
A 1 141 VAL 141 141 141 VAL VAL A . n 
A 1 142 ASP 142 142 142 ASP ASP A . n 
A 1 143 PRO 143 143 143 PRO PRO A . n 
A 1 144 ILE 144 144 ?   ?   ?   A . n 
A 1 145 ASN 145 145 ?   ?   ?   A . n 
A 1 146 LEU 146 146 ?   ?   ?   A . n 
A 1 147 GLU 147 147 ?   ?   ?   A . n 
A 1 148 HIS 148 148 ?   ?   ?   A . n 
A 1 149 HIS 149 149 ?   ?   ?   A . n 
# 
loop_
_pdbx_nonpoly_scheme.asym_id 
_pdbx_nonpoly_scheme.entity_id 
_pdbx_nonpoly_scheme.mon_id 
_pdbx_nonpoly_scheme.ndb_seq_num 
_pdbx_nonpoly_scheme.pdb_seq_num 
_pdbx_nonpoly_scheme.auth_seq_num 
_pdbx_nonpoly_scheme.pdb_mon_id 
_pdbx_nonpoly_scheme.auth_mon_id 
_pdbx_nonpoly_scheme.pdb_strand_id 
_pdbx_nonpoly_scheme.pdb_ins_code 
C 3 HOH 1   2001 2001 HOH HOH A . 
C 3 HOH 2   2002 2002 HOH HOH A . 
C 3 HOH 3   2003 2003 HOH HOH A . 
C 3 HOH 4   2004 2004 HOH HOH A . 
C 3 HOH 5   2005 2005 HOH HOH A . 
C 3 HOH 6   2006 2006 HOH HOH A . 
C 3 HOH 7   2007 2007 HOH HOH A . 
C 3 HOH 8   2008 2008 HOH HOH A . 
C 3 HOH 9   2009 2009 HOH HOH A . 
C 3 HOH 10  2010 2010 HOH HOH A . 
C 3 HOH 11  2011 2011 HOH HOH A . 
C 3 HOH 12  2012 2012 HOH HOH A . 
C 3 HOH 13  2013 2013 HOH HOH A . 
C 3 HOH 14  2014 2014 HOH HOH A . 
C 3 HOH 15  2015 2015 HOH HOH A . 
C 3 HOH 16  2016 2016 HOH HOH A . 
C 3 HOH 17  2017 2017 HOH HOH A . 
C 3 HOH 18  2018 2018 HOH HOH A . 
C 3 HOH 19  2019 2019 HOH HOH A . 
C 3 HOH 20  2020 2020 HOH HOH A . 
C 3 HOH 21  2021 2021 HOH HOH A . 
C 3 HOH 22  2022 2022 HOH HOH A . 
C 3 HOH 23  2023 2023 HOH HOH A . 
C 3 HOH 24  2024 2024 HOH HOH A . 
C 3 HOH 25  2025 2025 HOH HOH A . 
C 3 HOH 26  2026 2026 HOH HOH A . 
C 3 HOH 27  2027 2027 HOH HOH A . 
C 3 HOH 28  2028 2028 HOH HOH A . 
C 3 HOH 29  2029 2029 HOH HOH A . 
C 3 HOH 30  2030 2030 HOH HOH A . 
C 3 HOH 31  2031 2031 HOH HOH A . 
C 3 HOH 32  2032 2032 HOH HOH A . 
C 3 HOH 33  2033 2033 HOH HOH A . 
C 3 HOH 34  2034 2034 HOH HOH A . 
C 3 HOH 35  2035 2035 HOH HOH A . 
C 3 HOH 36  2036 2036 HOH HOH A . 
C 3 HOH 37  2037 2037 HOH HOH A . 
C 3 HOH 38  2038 2038 HOH HOH A . 
C 3 HOH 39  2039 2039 HOH HOH A . 
C 3 HOH 40  2040 2040 HOH HOH A . 
C 3 HOH 41  2041 2041 HOH HOH A . 
C 3 HOH 42  2042 2042 HOH HOH A . 
C 3 HOH 43  2043 2043 HOH HOH A . 
C 3 HOH 44  2044 2044 HOH HOH A . 
C 3 HOH 45  2045 2045 HOH HOH A . 
C 3 HOH 46  2046 2046 HOH HOH A . 
C 3 HOH 47  2047 2047 HOH HOH A . 
C 3 HOH 48  2048 2048 HOH HOH A . 
C 3 HOH 49  2049 2049 HOH HOH A . 
C 3 HOH 50  2050 2050 HOH HOH A . 
C 3 HOH 51  2051 2051 HOH HOH A . 
C 3 HOH 52  2052 2052 HOH HOH A . 
C 3 HOH 53  2053 2053 HOH HOH A . 
C 3 HOH 54  2054 2054 HOH HOH A . 
C 3 HOH 55  2055 2055 HOH HOH A . 
C 3 HOH 56  2056 2056 HOH HOH A . 
C 3 HOH 57  2057 2057 HOH HOH A . 
C 3 HOH 58  2058 2058 HOH HOH A . 
C 3 HOH 59  2059 2059 HOH HOH A . 
C 3 HOH 60  2060 2060 HOH HOH A . 
C 3 HOH 61  2061 2061 HOH HOH A . 
C 3 HOH 62  2062 2062 HOH HOH A . 
C 3 HOH 63  2063 2063 HOH HOH A . 
C 3 HOH 64  2064 2064 HOH HOH A . 
C 3 HOH 65  2065 2065 HOH HOH A . 
C 3 HOH 66  2066 2066 HOH HOH A . 
C 3 HOH 67  2067 2067 HOH HOH A . 
C 3 HOH 68  2068 2068 HOH HOH A . 
C 3 HOH 69  2069 2069 HOH HOH A . 
C 3 HOH 70  2070 2070 HOH HOH A . 
C 3 HOH 71  2071 2071 HOH HOH A . 
C 3 HOH 72  2072 2072 HOH HOH A . 
C 3 HOH 73  2073 2073 HOH HOH A . 
C 3 HOH 74  2074 2074 HOH HOH A . 
C 3 HOH 75  2075 2075 HOH HOH A . 
C 3 HOH 76  2076 2076 HOH HOH A . 
C 3 HOH 77  2077 2077 HOH HOH A . 
C 3 HOH 78  2078 2078 HOH HOH A . 
C 3 HOH 79  2079 2079 HOH HOH A . 
C 3 HOH 80  2080 2080 HOH HOH A . 
C 3 HOH 81  2081 2081 HOH HOH A . 
C 3 HOH 82  2082 2082 HOH HOH A . 
C 3 HOH 83  2083 2083 HOH HOH A . 
C 3 HOH 84  2084 2084 HOH HOH A . 
C 3 HOH 85  2085 2085 HOH HOH A . 
C 3 HOH 86  2086 2086 HOH HOH A . 
C 3 HOH 87  2087 2087 HOH HOH A . 
C 3 HOH 88  2088 2088 HOH HOH A . 
C 3 HOH 89  2089 2089 HOH HOH A . 
C 3 HOH 90  2090 2090 HOH HOH A . 
C 3 HOH 91  2091 2091 HOH HOH A . 
C 3 HOH 92  2092 2092 HOH HOH A . 
C 3 HOH 93  2093 2093 HOH HOH A . 
C 3 HOH 94  2094 2094 HOH HOH A . 
C 3 HOH 95  2095 2095 HOH HOH A . 
C 3 HOH 96  2096 2096 HOH HOH A . 
C 3 HOH 97  2097 2097 HOH HOH A . 
C 3 HOH 98  2098 2098 HOH HOH A . 
C 3 HOH 99  2099 2099 HOH HOH A . 
C 3 HOH 100 2100 2100 HOH HOH A . 
C 3 HOH 101 2101 2101 HOH HOH A . 
C 3 HOH 102 2102 2102 HOH HOH A . 
C 3 HOH 103 2103 2103 HOH HOH A . 
C 3 HOH 104 2104 2104 HOH HOH A . 
C 3 HOH 105 2105 2105 HOH HOH A . 
C 3 HOH 106 2106 2106 HOH HOH A . 
C 3 HOH 107 2107 2107 HOH HOH A . 
C 3 HOH 108 2108 2108 HOH HOH A . 
C 3 HOH 109 2109 2109 HOH HOH A . 
C 3 HOH 110 2110 2110 HOH HOH A . 
C 3 HOH 111 2111 2111 HOH HOH A . 
C 3 HOH 112 2112 2112 HOH HOH A . 
C 3 HOH 113 2113 2113 HOH HOH A . 
C 3 HOH 114 2114 2114 HOH HOH A . 
C 3 HOH 115 2115 2115 HOH HOH A . 
C 3 HOH 116 2116 2116 HOH HOH A . 
C 3 HOH 117 2117 2117 HOH HOH A . 
C 3 HOH 118 2118 2118 HOH HOH A . 
C 3 HOH 119 2119 2119 HOH HOH A . 
C 3 HOH 120 2120 2120 HOH HOH A . 
C 3 HOH 121 2121 2121 HOH HOH A . 
C 3 HOH 122 2122 2122 HOH HOH A . 
C 3 HOH 123 2123 2123 HOH HOH A . 
C 3 HOH 124 2124 2124 HOH HOH A . 
C 3 HOH 125 2125 2125 HOH HOH A . 
C 3 HOH 126 2126 2126 HOH HOH A . 
C 3 HOH 127 2127 2127 HOH HOH A . 
C 3 HOH 128 2128 2128 HOH HOH A . 
C 3 HOH 129 2129 2129 HOH HOH A . 
C 3 HOH 130 2130 2130 HOH HOH A . 
C 3 HOH 131 2131 2131 HOH HOH A . 
C 3 HOH 132 2132 2132 HOH HOH A . 
C 3 HOH 133 2133 2133 HOH HOH A . 
C 3 HOH 134 2134 2134 HOH HOH A . 
C 3 HOH 135 2135 2135 HOH HOH A . 
C 3 HOH 136 2136 2136 HOH HOH A . 
C 3 HOH 137 2137 2137 HOH HOH A . 
C 3 HOH 138 2138 2138 HOH HOH A . 
C 3 HOH 139 2139 2139 HOH HOH A . 
C 3 HOH 140 2140 2140 HOH HOH A . 
C 3 HOH 141 2141 2141 HOH HOH A . 
C 3 HOH 142 2142 2142 HOH HOH A . 
C 3 HOH 143 2143 2143 HOH HOH A . 
C 3 HOH 144 2144 2144 HOH HOH A . 
C 3 HOH 145 2145 2145 HOH HOH A . 
C 3 HOH 146 2146 2146 HOH HOH A . 
C 3 HOH 147 2147 2147 HOH HOH A . 
C 3 HOH 148 2148 2148 HOH HOH A . 
C 3 HOH 149 2149 2149 HOH HOH A . 
C 3 HOH 150 2150 2150 HOH HOH A . 
C 3 HOH 151 2151 2151 HOH HOH A . 
C 3 HOH 152 2152 2152 HOH HOH A . 
C 3 HOH 153 2153 2153 HOH HOH A . 
C 3 HOH 154 2154 2154 HOH HOH A . 
C 3 HOH 155 2155 2155 HOH HOH A . 
C 3 HOH 156 2156 2156 HOH HOH A . 
C 3 HOH 157 2157 2157 HOH HOH A . 
C 3 HOH 158 2158 2158 HOH HOH A . 
C 3 HOH 159 2159 2159 HOH HOH A . 
C 3 HOH 160 2160 2160 HOH HOH A . 
C 3 HOH 161 2161 2161 HOH HOH A . 
# 
_pdbx_struct_assembly.id                   1 
_pdbx_struct_assembly.details              author_and_software_defined_assembly 
_pdbx_struct_assembly.method_details       PQS 
_pdbx_struct_assembly.oligomeric_details   monomeric 
_pdbx_struct_assembly.oligomeric_count     1 
# 
_pdbx_struct_assembly_gen.assembly_id       1 
_pdbx_struct_assembly_gen.oper_expression   1 
_pdbx_struct_assembly_gen.asym_id_list      A,B,C 
# 
_pdbx_struct_oper_list.id                   1 
_pdbx_struct_oper_list.type                 'identity operation' 
_pdbx_struct_oper_list.name                 1_555 
_pdbx_struct_oper_list.symmetry_operation   x,y,z 
_pdbx_struct_oper_list.matrix[1][1]         1.0000000000 
_pdbx_struct_oper_list.matrix[1][2]         0.0000000000 
_pdbx_struct_oper_list.matrix[1][3]         0.0000000000 
_pdbx_struct_oper_list.vector[1]            0.0000000000 
_pdbx_struct_oper_list.matrix[2][1]         0.0000000000 
_pdbx_struct_oper_list.matrix[2][2]         1.0000000000 
_pdbx_struct_oper_list.matrix[2][3]         0.0000000000 
_pdbx_struct_oper_list.vector[2]            0.0000000000 
_pdbx_struct_oper_list.matrix[3][1]         0.0000000000 
_pdbx_struct_oper_list.matrix[3][2]         0.0000000000 
_pdbx_struct_oper_list.matrix[3][3]         1.0000000000 
_pdbx_struct_oper_list.vector[3]            0.0000000000 
# 
_pdbx_struct_special_symmetry.id              1 
_pdbx_struct_special_symmetry.PDB_model_num   1 
_pdbx_struct_special_symmetry.auth_asym_id    A 
_pdbx_struct_special_symmetry.auth_comp_id    HOH 
_pdbx_struct_special_symmetry.auth_seq_id     2013 
_pdbx_struct_special_symmetry.PDB_ins_code    ? 
_pdbx_struct_special_symmetry.label_asym_id   C 
_pdbx_struct_special_symmetry.label_comp_id   HOH 
_pdbx_struct_special_symmetry.label_seq_id    . 
# 
loop_
_pdbx_audit_revision_history.ordinal 
_pdbx_audit_revision_history.data_content_type 
_pdbx_audit_revision_history.major_revision 
_pdbx_audit_revision_history.minor_revision 
_pdbx_audit_revision_history.revision_date 
1 'Structure model' 1 0 2005-03-22 
2 'Structure model' 1 1 2011-05-08 
3 'Structure model' 1 2 2011-07-13 
4 'Structure model' 2 0 2020-07-29 
5 'Structure model' 2 1 2023-12-13 
# 
loop_
_pdbx_audit_revision_details.ordinal 
_pdbx_audit_revision_details.revision_ordinal 
_pdbx_audit_revision_details.data_content_type 
_pdbx_audit_revision_details.provider 
_pdbx_audit_revision_details.type 
_pdbx_audit_revision_details.description 
_pdbx_audit_revision_details.details 
1 1 'Structure model' repository 'Initial release' ?                          ? 
2 4 'Structure model' repository Remediation       'Carbohydrate remediation' ? 
# 
loop_
_pdbx_audit_revision_group.ordinal 
_pdbx_audit_revision_group.revision_ordinal 
_pdbx_audit_revision_group.data_content_type 
_pdbx_audit_revision_group.group 
1  2 'Structure model' 'Version format compliance' 
2  3 'Structure model' 'Version format compliance' 
3  4 'Structure model' 'Atomic model'              
4  4 'Structure model' 'Data collection'           
5  4 'Structure model' 'Derived calculations'      
6  4 'Structure model' Other                       
7  4 'Structure model' 'Structure summary'         
8  5 'Structure model' 'Data collection'           
9  5 'Structure model' 'Database references'       
10 5 'Structure model' 'Refinement description'    
11 5 'Structure model' 'Structure summary'         
# 
loop_
_pdbx_audit_revision_category.ordinal 
_pdbx_audit_revision_category.revision_ordinal 
_pdbx_audit_revision_category.data_content_type 
_pdbx_audit_revision_category.category 
1  4 'Structure model' atom_site                     
2  4 'Structure model' chem_comp                     
3  4 'Structure model' entity                        
4  4 'Structure model' pdbx_branch_scheme            
5  4 'Structure model' pdbx_chem_comp_identifier     
6  4 'Structure model' pdbx_database_status          
7  4 'Structure model' pdbx_entity_branch            
8  4 'Structure model' pdbx_entity_branch_descriptor 
9  4 'Structure model' pdbx_entity_branch_link       
10 4 'Structure model' pdbx_entity_branch_list       
11 4 'Structure model' pdbx_entity_nonpoly           
12 4 'Structure model' pdbx_nonpoly_scheme           
13 4 'Structure model' pdbx_struct_assembly_gen      
14 4 'Structure model' pdbx_struct_special_symmetry  
15 4 'Structure model' struct_asym                   
16 4 'Structure model' struct_conn                   
17 4 'Structure model' struct_site                   
18 4 'Structure model' struct_site_gen               
19 5 'Structure model' chem_comp                     
20 5 'Structure model' chem_comp_atom                
21 5 'Structure model' chem_comp_bond                
22 5 'Structure model' database_2                    
23 5 'Structure model' pdbx_initial_refinement_model 
# 
loop_
_pdbx_audit_revision_item.ordinal 
_pdbx_audit_revision_item.revision_ordinal 
_pdbx_audit_revision_item.data_content_type 
_pdbx_audit_revision_item.item 
1  4 'Structure model' '_atom_site.auth_asym_id'                     
2  4 'Structure model' '_atom_site.auth_seq_id'                      
3  4 'Structure model' '_atom_site.label_asym_id'                    
4  4 'Structure model' '_atom_site.label_entity_id'                  
5  4 'Structure model' '_chem_comp.name'                             
6  4 'Structure model' '_chem_comp.type'                             
7  4 'Structure model' '_pdbx_database_status.status_code_sf'        
8  4 'Structure model' '_pdbx_struct_assembly_gen.asym_id_list'      
9  4 'Structure model' '_pdbx_struct_special_symmetry.label_asym_id' 
10 4 'Structure model' '_struct_conn.pdbx_leaving_atom_flag'         
11 4 'Structure model' '_struct_conn.ptnr1_auth_asym_id'             
12 4 'Structure model' '_struct_conn.ptnr1_auth_seq_id'              
13 4 'Structure model' '_struct_conn.ptnr1_label_asym_id'            
14 4 'Structure model' '_struct_conn.ptnr2_auth_asym_id'             
15 4 'Structure model' '_struct_conn.ptnr2_auth_seq_id'              
16 4 'Structure model' '_struct_conn.ptnr2_label_asym_id'            
17 5 'Structure model' '_chem_comp.pdbx_synonyms'                    
18 5 'Structure model' '_database_2.pdbx_DOI'                        
19 5 'Structure model' '_database_2.pdbx_database_accession'         
# 
loop_
_software.name 
_software.classification 
_software.version 
_software.citation_id 
_software.pdbx_ordinal 
REFMAC    refinement       5.2.0003 ? 1 
DENZO     'data reduction' .        ? 2 
SCALEPACK 'data scaling'   .        ? 3 
AMoRE     phasing          .        ? 4 
# 
_pdbx_database_remark.id     700 
_pdbx_database_remark.text   
;
SHEET
THE SHEET STRUCTURE OF THIS MOLECULE IS BIFURCATED. IN
ORDER TO REPRESENT THIS FEATURE IN THE SHEET RECORDS BELOW,
TWO SHEETS ARE DEFINED.
;
# 
_pdbx_entry_details.entry_id                 1W8T 
_pdbx_entry_details.compound_details         'ENGINEERED RESIDUE LYS 407 ALA, CHAIN A' 
_pdbx_entry_details.source_details           ? 
_pdbx_entry_details.nonpolymer_details       ? 
_pdbx_entry_details.sequence_details         ? 
_pdbx_entry_details.has_ligand_of_interest   ? 
# 
_pdbx_validate_rmsd_angle.id                         1 
_pdbx_validate_rmsd_angle.PDB_model_num              1 
_pdbx_validate_rmsd_angle.auth_atom_id_1             CA 
_pdbx_validate_rmsd_angle.auth_asym_id_1             A 
_pdbx_validate_rmsd_angle.auth_comp_id_1             CYS 
_pdbx_validate_rmsd_angle.auth_seq_id_1              28 
_pdbx_validate_rmsd_angle.PDB_ins_code_1             ? 
_pdbx_validate_rmsd_angle.label_alt_id_1             ? 
_pdbx_validate_rmsd_angle.auth_atom_id_2             CB 
_pdbx_validate_rmsd_angle.auth_asym_id_2             A 
_pdbx_validate_rmsd_angle.auth_comp_id_2             CYS 
_pdbx_validate_rmsd_angle.auth_seq_id_2              28 
_pdbx_validate_rmsd_angle.PDB_ins_code_2             ? 
_pdbx_validate_rmsd_angle.label_alt_id_2             ? 
_pdbx_validate_rmsd_angle.auth_atom_id_3             SG 
_pdbx_validate_rmsd_angle.auth_asym_id_3             A 
_pdbx_validate_rmsd_angle.auth_comp_id_3             CYS 
_pdbx_validate_rmsd_angle.auth_seq_id_3              28 
_pdbx_validate_rmsd_angle.PDB_ins_code_3             ? 
_pdbx_validate_rmsd_angle.label_alt_id_3             B 
_pdbx_validate_rmsd_angle.angle_value                127.44 
_pdbx_validate_rmsd_angle.angle_target_value         114.20 
_pdbx_validate_rmsd_angle.angle_deviation            13.24 
_pdbx_validate_rmsd_angle.angle_standard_deviation   1.10 
_pdbx_validate_rmsd_angle.linker_flag                N 
# 
loop_
_pdbx_validate_torsion.id 
_pdbx_validate_torsion.PDB_model_num 
_pdbx_validate_torsion.auth_comp_id 
_pdbx_validate_torsion.auth_asym_id 
_pdbx_validate_torsion.auth_seq_id 
_pdbx_validate_torsion.PDB_ins_code 
_pdbx_validate_torsion.label_alt_id 
_pdbx_validate_torsion.phi 
_pdbx_validate_torsion.psi 
1 1 LYS A 12 ? ? -96.62  -87.35 
2 1 ASN A 69 ? ? -170.12 131.63 
# 
loop_
_pdbx_unobs_or_zero_occ_residues.id 
_pdbx_unobs_or_zero_occ_residues.PDB_model_num 
_pdbx_unobs_or_zero_occ_residues.polymer_flag 
_pdbx_unobs_or_zero_occ_residues.occupancy_flag 
_pdbx_unobs_or_zero_occ_residues.auth_asym_id 
_pdbx_unobs_or_zero_occ_residues.auth_comp_id 
_pdbx_unobs_or_zero_occ_residues.auth_seq_id 
_pdbx_unobs_or_zero_occ_residues.PDB_ins_code 
_pdbx_unobs_or_zero_occ_residues.label_asym_id 
_pdbx_unobs_or_zero_occ_residues.label_comp_id 
_pdbx_unobs_or_zero_occ_residues.label_seq_id 
1 1 Y 1 A SER 1   ? A SER 1   
2 1 Y 1 A ILE 144 ? A ILE 144 
3 1 Y 1 A ASN 145 ? A ASN 145 
4 1 Y 1 A LEU 146 ? A LEU 146 
5 1 Y 1 A GLU 147 ? A GLU 147 
6 1 Y 1 A HIS 148 ? A HIS 148 
7 1 Y 1 A HIS 149 ? A HIS 149 
# 
loop_
_chem_comp_atom.comp_id 
_chem_comp_atom.atom_id 
_chem_comp_atom.type_symbol 
_chem_comp_atom.pdbx_aromatic_flag 
_chem_comp_atom.pdbx_stereo_config 
_chem_comp_atom.pdbx_ordinal 
ALA N    N N N 1   
ALA CA   C N S 2   
ALA C    C N N 3   
ALA O    O N N 4   
ALA CB   C N N 5   
ALA OXT  O N N 6   
ALA H    H N N 7   
ALA H2   H N N 8   
ALA HA   H N N 9   
ALA HB1  H N N 10  
ALA HB2  H N N 11  
ALA HB3  H N N 12  
ALA HXT  H N N 13  
ARG N    N N N 14  
ARG CA   C N S 15  
ARG C    C N N 16  
ARG O    O N N 17  
ARG CB   C N N 18  
ARG CG   C N N 19  
ARG CD   C N N 20  
ARG NE   N N N 21  
ARG CZ   C N N 22  
ARG NH1  N N N 23  
ARG NH2  N N N 24  
ARG OXT  O N N 25  
ARG H    H N N 26  
ARG H2   H N N 27  
ARG HA   H N N 28  
ARG HB2  H N N 29  
ARG HB3  H N N 30  
ARG HG2  H N N 31  
ARG HG3  H N N 32  
ARG HD2  H N N 33  
ARG HD3  H N N 34  
ARG HE   H N N 35  
ARG HH11 H N N 36  
ARG HH12 H N N 37  
ARG HH21 H N N 38  
ARG HH22 H N N 39  
ARG HXT  H N N 40  
ASN N    N N N 41  
ASN CA   C N S 42  
ASN C    C N N 43  
ASN O    O N N 44  
ASN CB   C N N 45  
ASN CG   C N N 46  
ASN OD1  O N N 47  
ASN ND2  N N N 48  
ASN OXT  O N N 49  
ASN H    H N N 50  
ASN H2   H N N 51  
ASN HA   H N N 52  
ASN HB2  H N N 53  
ASN HB3  H N N 54  
ASN HD21 H N N 55  
ASN HD22 H N N 56  
ASN HXT  H N N 57  
ASP N    N N N 58  
ASP CA   C N S 59  
ASP C    C N N 60  
ASP O    O N N 61  
ASP CB   C N N 62  
ASP CG   C N N 63  
ASP OD1  O N N 64  
ASP OD2  O N N 65  
ASP OXT  O N N 66  
ASP H    H N N 67  
ASP H2   H N N 68  
ASP HA   H N N 69  
ASP HB2  H N N 70  
ASP HB3  H N N 71  
ASP HD2  H N N 72  
ASP HXT  H N N 73  
BGC C2   C N R 74  
BGC C3   C N S 75  
BGC C4   C N S 76  
BGC C5   C N R 77  
BGC C6   C N N 78  
BGC C1   C N R 79  
BGC O1   O N N 80  
BGC O2   O N N 81  
BGC O3   O N N 82  
BGC O4   O N N 83  
BGC O5   O N N 84  
BGC O6   O N N 85  
BGC H2   H N N 86  
BGC H3   H N N 87  
BGC H4   H N N 88  
BGC H5   H N N 89  
BGC H61  H N N 90  
BGC H62  H N N 91  
BGC H1   H N N 92  
BGC HO1  H N N 93  
BGC HO2  H N N 94  
BGC HO3  H N N 95  
BGC HO4  H N N 96  
BGC HO6  H N N 97  
CYS N    N N N 98  
CYS CA   C N R 99  
CYS C    C N N 100 
CYS O    O N N 101 
CYS CB   C N N 102 
CYS SG   S N N 103 
CYS OXT  O N N 104 
CYS H    H N N 105 
CYS H2   H N N 106 
CYS HA   H N N 107 
CYS HB2  H N N 108 
CYS HB3  H N N 109 
CYS HG   H N N 110 
CYS HXT  H N N 111 
GLC C1   C N S 112 
GLC C2   C N R 113 
GLC C3   C N S 114 
GLC C4   C N S 115 
GLC C5   C N R 116 
GLC C6   C N N 117 
GLC O1   O N N 118 
GLC O2   O N N 119 
GLC O3   O N N 120 
GLC O4   O N N 121 
GLC O5   O N N 122 
GLC O6   O N N 123 
GLC H1   H N N 124 
GLC H2   H N N 125 
GLC H3   H N N 126 
GLC H4   H N N 127 
GLC H5   H N N 128 
GLC H61  H N N 129 
GLC H62  H N N 130 
GLC HO1  H N N 131 
GLC HO2  H N N 132 
GLC HO3  H N N 133 
GLC HO4  H N N 134 
GLC HO6  H N N 135 
GLN N    N N N 136 
GLN CA   C N S 137 
GLN C    C N N 138 
GLN O    O N N 139 
GLN CB   C N N 140 
GLN CG   C N N 141 
GLN CD   C N N 142 
GLN OE1  O N N 143 
GLN NE2  N N N 144 
GLN OXT  O N N 145 
GLN H    H N N 146 
GLN H2   H N N 147 
GLN HA   H N N 148 
GLN HB2  H N N 149 
GLN HB3  H N N 150 
GLN HG2  H N N 151 
GLN HG3  H N N 152 
GLN HE21 H N N 153 
GLN HE22 H N N 154 
GLN HXT  H N N 155 
GLU N    N N N 156 
GLU CA   C N S 157 
GLU C    C N N 158 
GLU O    O N N 159 
GLU CB   C N N 160 
GLU CG   C N N 161 
GLU CD   C N N 162 
GLU OE1  O N N 163 
GLU OE2  O N N 164 
GLU OXT  O N N 165 
GLU H    H N N 166 
GLU H2   H N N 167 
GLU HA   H N N 168 
GLU HB2  H N N 169 
GLU HB3  H N N 170 
GLU HG2  H N N 171 
GLU HG3  H N N 172 
GLU HE2  H N N 173 
GLU HXT  H N N 174 
GLY N    N N N 175 
GLY CA   C N N 176 
GLY C    C N N 177 
GLY O    O N N 178 
GLY OXT  O N N 179 
GLY H    H N N 180 
GLY H2   H N N 181 
GLY HA2  H N N 182 
GLY HA3  H N N 183 
GLY HXT  H N N 184 
HIS N    N N N 185 
HIS CA   C N S 186 
HIS C    C N N 187 
HIS O    O N N 188 
HIS CB   C N N 189 
HIS CG   C Y N 190 
HIS ND1  N Y N 191 
HIS CD2  C Y N 192 
HIS CE1  C Y N 193 
HIS NE2  N Y N 194 
HIS OXT  O N N 195 
HIS H    H N N 196 
HIS H2   H N N 197 
HIS HA   H N N 198 
HIS HB2  H N N 199 
HIS HB3  H N N 200 
HIS HD1  H N N 201 
HIS HD2  H N N 202 
HIS HE1  H N N 203 
HIS HE2  H N N 204 
HIS HXT  H N N 205 
HOH O    O N N 206 
HOH H1   H N N 207 
HOH H2   H N N 208 
ILE N    N N N 209 
ILE CA   C N S 210 
ILE C    C N N 211 
ILE O    O N N 212 
ILE CB   C N S 213 
ILE CG1  C N N 214 
ILE CG2  C N N 215 
ILE CD1  C N N 216 
ILE OXT  O N N 217 
ILE H    H N N 218 
ILE H2   H N N 219 
ILE HA   H N N 220 
ILE HB   H N N 221 
ILE HG12 H N N 222 
ILE HG13 H N N 223 
ILE HG21 H N N 224 
ILE HG22 H N N 225 
ILE HG23 H N N 226 
ILE HD11 H N N 227 
ILE HD12 H N N 228 
ILE HD13 H N N 229 
ILE HXT  H N N 230 
LEU N    N N N 231 
LEU CA   C N S 232 
LEU C    C N N 233 
LEU O    O N N 234 
LEU CB   C N N 235 
LEU CG   C N N 236 
LEU CD1  C N N 237 
LEU CD2  C N N 238 
LEU OXT  O N N 239 
LEU H    H N N 240 
LEU H2   H N N 241 
LEU HA   H N N 242 
LEU HB2  H N N 243 
LEU HB3  H N N 244 
LEU HG   H N N 245 
LEU HD11 H N N 246 
LEU HD12 H N N 247 
LEU HD13 H N N 248 
LEU HD21 H N N 249 
LEU HD22 H N N 250 
LEU HD23 H N N 251 
LEU HXT  H N N 252 
LYS N    N N N 253 
LYS CA   C N S 254 
LYS C    C N N 255 
LYS O    O N N 256 
LYS CB   C N N 257 
LYS CG   C N N 258 
LYS CD   C N N 259 
LYS CE   C N N 260 
LYS NZ   N N N 261 
LYS OXT  O N N 262 
LYS H    H N N 263 
LYS H2   H N N 264 
LYS HA   H N N 265 
LYS HB2  H N N 266 
LYS HB3  H N N 267 
LYS HG2  H N N 268 
LYS HG3  H N N 269 
LYS HD2  H N N 270 
LYS HD3  H N N 271 
LYS HE2  H N N 272 
LYS HE3  H N N 273 
LYS HZ1  H N N 274 
LYS HZ2  H N N 275 
LYS HZ3  H N N 276 
LYS HXT  H N N 277 
MET N    N N N 278 
MET CA   C N S 279 
MET C    C N N 280 
MET O    O N N 281 
MET CB   C N N 282 
MET CG   C N N 283 
MET SD   S N N 284 
MET CE   C N N 285 
MET OXT  O N N 286 
MET H    H N N 287 
MET H2   H N N 288 
MET HA   H N N 289 
MET HB2  H N N 290 
MET HB3  H N N 291 
MET HG2  H N N 292 
MET HG3  H N N 293 
MET HE1  H N N 294 
MET HE2  H N N 295 
MET HE3  H N N 296 
MET HXT  H N N 297 
PHE N    N N N 298 
PHE CA   C N S 299 
PHE C    C N N 300 
PHE O    O N N 301 
PHE CB   C N N 302 
PHE CG   C Y N 303 
PHE CD1  C Y N 304 
PHE CD2  C Y N 305 
PHE CE1  C Y N 306 
PHE CE2  C Y N 307 
PHE CZ   C Y N 308 
PHE OXT  O N N 309 
PHE H    H N N 310 
PHE H2   H N N 311 
PHE HA   H N N 312 
PHE HB2  H N N 313 
PHE HB3  H N N 314 
PHE HD1  H N N 315 
PHE HD2  H N N 316 
PHE HE1  H N N 317 
PHE HE2  H N N 318 
PHE HZ   H N N 319 
PHE HXT  H N N 320 
PRO N    N N N 321 
PRO CA   C N S 322 
PRO C    C N N 323 
PRO O    O N N 324 
PRO CB   C N N 325 
PRO CG   C N N 326 
PRO CD   C N N 327 
PRO OXT  O N N 328 
PRO H    H N N 329 
PRO HA   H N N 330 
PRO HB2  H N N 331 
PRO HB3  H N N 332 
PRO HG2  H N N 333 
PRO HG3  H N N 334 
PRO HD2  H N N 335 
PRO HD3  H N N 336 
PRO HXT  H N N 337 
SER N    N N N 338 
SER CA   C N S 339 
SER C    C N N 340 
SER O    O N N 341 
SER CB   C N N 342 
SER OG   O N N 343 
SER OXT  O N N 344 
SER H    H N N 345 
SER H2   H N N 346 
SER HA   H N N 347 
SER HB2  H N N 348 
SER HB3  H N N 349 
SER HG   H N N 350 
SER HXT  H N N 351 
THR N    N N N 352 
THR CA   C N S 353 
THR C    C N N 354 
THR O    O N N 355 
THR CB   C N R 356 
THR OG1  O N N 357 
THR CG2  C N N 358 
THR OXT  O N N 359 
THR H    H N N 360 
THR H2   H N N 361 
THR HA   H N N 362 
THR HB   H N N 363 
THR HG1  H N N 364 
THR HG21 H N N 365 
THR HG22 H N N 366 
THR HG23 H N N 367 
THR HXT  H N N 368 
TRP N    N N N 369 
TRP CA   C N S 370 
TRP C    C N N 371 
TRP O    O N N 372 
TRP CB   C N N 373 
TRP CG   C Y N 374 
TRP CD1  C Y N 375 
TRP CD2  C Y N 376 
TRP NE1  N Y N 377 
TRP CE2  C Y N 378 
TRP CE3  C Y N 379 
TRP CZ2  C Y N 380 
TRP CZ3  C Y N 381 
TRP CH2  C Y N 382 
TRP OXT  O N N 383 
TRP H    H N N 384 
TRP H2   H N N 385 
TRP HA   H N N 386 
TRP HB2  H N N 387 
TRP HB3  H N N 388 
TRP HD1  H N N 389 
TRP HE1  H N N 390 
TRP HE3  H N N 391 
TRP HZ2  H N N 392 
TRP HZ3  H N N 393 
TRP HH2  H N N 394 
TRP HXT  H N N 395 
TYR N    N N N 396 
TYR CA   C N S 397 
TYR C    C N N 398 
TYR O    O N N 399 
TYR CB   C N N 400 
TYR CG   C Y N 401 
TYR CD1  C Y N 402 
TYR CD2  C Y N 403 
TYR CE1  C Y N 404 
TYR CE2  C Y N 405 
TYR CZ   C Y N 406 
TYR OH   O N N 407 
TYR OXT  O N N 408 
TYR H    H N N 409 
TYR H2   H N N 410 
TYR HA   H N N 411 
TYR HB2  H N N 412 
TYR HB3  H N N 413 
TYR HD1  H N N 414 
TYR HD2  H N N 415 
TYR HE1  H N N 416 
TYR HE2  H N N 417 
TYR HH   H N N 418 
TYR HXT  H N N 419 
VAL N    N N N 420 
VAL CA   C N S 421 
VAL C    C N N 422 
VAL O    O N N 423 
VAL CB   C N N 424 
VAL CG1  C N N 425 
VAL CG2  C N N 426 
VAL OXT  O N N 427 
VAL H    H N N 428 
VAL H2   H N N 429 
VAL HA   H N N 430 
VAL HB   H N N 431 
VAL HG11 H N N 432 
VAL HG12 H N N 433 
VAL HG13 H N N 434 
VAL HG21 H N N 435 
VAL HG22 H N N 436 
VAL HG23 H N N 437 
VAL HXT  H N N 438 
# 
loop_
_chem_comp_bond.comp_id 
_chem_comp_bond.atom_id_1 
_chem_comp_bond.atom_id_2 
_chem_comp_bond.value_order 
_chem_comp_bond.pdbx_aromatic_flag 
_chem_comp_bond.pdbx_stereo_config 
_chem_comp_bond.pdbx_ordinal 
ALA N   CA   sing N N 1   
ALA N   H    sing N N 2   
ALA N   H2   sing N N 3   
ALA CA  C    sing N N 4   
ALA CA  CB   sing N N 5   
ALA CA  HA   sing N N 6   
ALA C   O    doub N N 7   
ALA C   OXT  sing N N 8   
ALA CB  HB1  sing N N 9   
ALA CB  HB2  sing N N 10  
ALA CB  HB3  sing N N 11  
ALA OXT HXT  sing N N 12  
ARG N   CA   sing N N 13  
ARG N   H    sing N N 14  
ARG N   H2   sing N N 15  
ARG CA  C    sing N N 16  
ARG CA  CB   sing N N 17  
ARG CA  HA   sing N N 18  
ARG C   O    doub N N 19  
ARG C   OXT  sing N N 20  
ARG CB  CG   sing N N 21  
ARG CB  HB2  sing N N 22  
ARG CB  HB3  sing N N 23  
ARG CG  CD   sing N N 24  
ARG CG  HG2  sing N N 25  
ARG CG  HG3  sing N N 26  
ARG CD  NE   sing N N 27  
ARG CD  HD2  sing N N 28  
ARG CD  HD3  sing N N 29  
ARG NE  CZ   sing N N 30  
ARG NE  HE   sing N N 31  
ARG CZ  NH1  sing N N 32  
ARG CZ  NH2  doub N N 33  
ARG NH1 HH11 sing N N 34  
ARG NH1 HH12 sing N N 35  
ARG NH2 HH21 sing N N 36  
ARG NH2 HH22 sing N N 37  
ARG OXT HXT  sing N N 38  
ASN N   CA   sing N N 39  
ASN N   H    sing N N 40  
ASN N   H2   sing N N 41  
ASN CA  C    sing N N 42  
ASN CA  CB   sing N N 43  
ASN CA  HA   sing N N 44  
ASN C   O    doub N N 45  
ASN C   OXT  sing N N 46  
ASN CB  CG   sing N N 47  
ASN CB  HB2  sing N N 48  
ASN CB  HB3  sing N N 49  
ASN CG  OD1  doub N N 50  
ASN CG  ND2  sing N N 51  
ASN ND2 HD21 sing N N 52  
ASN ND2 HD22 sing N N 53  
ASN OXT HXT  sing N N 54  
ASP N   CA   sing N N 55  
ASP N   H    sing N N 56  
ASP N   H2   sing N N 57  
ASP CA  C    sing N N 58  
ASP CA  CB   sing N N 59  
ASP CA  HA   sing N N 60  
ASP C   O    doub N N 61  
ASP C   OXT  sing N N 62  
ASP CB  CG   sing N N 63  
ASP CB  HB2  sing N N 64  
ASP CB  HB3  sing N N 65  
ASP CG  OD1  doub N N 66  
ASP CG  OD2  sing N N 67  
ASP OD2 HD2  sing N N 68  
ASP OXT HXT  sing N N 69  
BGC C2  C3   sing N N 70  
BGC C2  C1   sing N N 71  
BGC C2  O2   sing N N 72  
BGC C2  H2   sing N N 73  
BGC C3  C4   sing N N 74  
BGC C3  O3   sing N N 75  
BGC C3  H3   sing N N 76  
BGC C4  C5   sing N N 77  
BGC C4  O4   sing N N 78  
BGC C4  H4   sing N N 79  
BGC C5  C6   sing N N 80  
BGC C5  O5   sing N N 81  
BGC C5  H5   sing N N 82  
BGC C6  O6   sing N N 83  
BGC C6  H61  sing N N 84  
BGC C6  H62  sing N N 85  
BGC C1  O1   sing N N 86  
BGC C1  O5   sing N N 87  
BGC C1  H1   sing N N 88  
BGC O1  HO1  sing N N 89  
BGC O2  HO2  sing N N 90  
BGC O3  HO3  sing N N 91  
BGC O4  HO4  sing N N 92  
BGC O6  HO6  sing N N 93  
CYS N   CA   sing N N 94  
CYS N   H    sing N N 95  
CYS N   H2   sing N N 96  
CYS CA  C    sing N N 97  
CYS CA  CB   sing N N 98  
CYS CA  HA   sing N N 99  
CYS C   O    doub N N 100 
CYS C   OXT  sing N N 101 
CYS CB  SG   sing N N 102 
CYS CB  HB2  sing N N 103 
CYS CB  HB3  sing N N 104 
CYS SG  HG   sing N N 105 
CYS OXT HXT  sing N N 106 
GLC C1  C2   sing N N 107 
GLC C1  O1   sing N N 108 
GLC C1  O5   sing N N 109 
GLC C1  H1   sing N N 110 
GLC C2  C3   sing N N 111 
GLC C2  O2   sing N N 112 
GLC C2  H2   sing N N 113 
GLC C3  C4   sing N N 114 
GLC C3  O3   sing N N 115 
GLC C3  H3   sing N N 116 
GLC C4  C5   sing N N 117 
GLC C4  O4   sing N N 118 
GLC C4  H4   sing N N 119 
GLC C5  C6   sing N N 120 
GLC C5  O5   sing N N 121 
GLC C5  H5   sing N N 122 
GLC C6  O6   sing N N 123 
GLC C6  H61  sing N N 124 
GLC C6  H62  sing N N 125 
GLC O1  HO1  sing N N 126 
GLC O2  HO2  sing N N 127 
GLC O3  HO3  sing N N 128 
GLC O4  HO4  sing N N 129 
GLC O6  HO6  sing N N 130 
GLN N   CA   sing N N 131 
GLN N   H    sing N N 132 
GLN N   H2   sing N N 133 
GLN CA  C    sing N N 134 
GLN CA  CB   sing N N 135 
GLN CA  HA   sing N N 136 
GLN C   O    doub N N 137 
GLN C   OXT  sing N N 138 
GLN CB  CG   sing N N 139 
GLN CB  HB2  sing N N 140 
GLN CB  HB3  sing N N 141 
GLN CG  CD   sing N N 142 
GLN CG  HG2  sing N N 143 
GLN CG  HG3  sing N N 144 
GLN CD  OE1  doub N N 145 
GLN CD  NE2  sing N N 146 
GLN NE2 HE21 sing N N 147 
GLN NE2 HE22 sing N N 148 
GLN OXT HXT  sing N N 149 
GLU N   CA   sing N N 150 
GLU N   H    sing N N 151 
GLU N   H2   sing N N 152 
GLU CA  C    sing N N 153 
GLU CA  CB   sing N N 154 
GLU CA  HA   sing N N 155 
GLU C   O    doub N N 156 
GLU C   OXT  sing N N 157 
GLU CB  CG   sing N N 158 
GLU CB  HB2  sing N N 159 
GLU CB  HB3  sing N N 160 
GLU CG  CD   sing N N 161 
GLU CG  HG2  sing N N 162 
GLU CG  HG3  sing N N 163 
GLU CD  OE1  doub N N 164 
GLU CD  OE2  sing N N 165 
GLU OE2 HE2  sing N N 166 
GLU OXT HXT  sing N N 167 
GLY N   CA   sing N N 168 
GLY N   H    sing N N 169 
GLY N   H2   sing N N 170 
GLY CA  C    sing N N 171 
GLY CA  HA2  sing N N 172 
GLY CA  HA3  sing N N 173 
GLY C   O    doub N N 174 
GLY C   OXT  sing N N 175 
GLY OXT HXT  sing N N 176 
HIS N   CA   sing N N 177 
HIS N   H    sing N N 178 
HIS N   H2   sing N N 179 
HIS CA  C    sing N N 180 
HIS CA  CB   sing N N 181 
HIS CA  HA   sing N N 182 
HIS C   O    doub N N 183 
HIS C   OXT  sing N N 184 
HIS CB  CG   sing N N 185 
HIS CB  HB2  sing N N 186 
HIS CB  HB3  sing N N 187 
HIS CG  ND1  sing Y N 188 
HIS CG  CD2  doub Y N 189 
HIS ND1 CE1  doub Y N 190 
HIS ND1 HD1  sing N N 191 
HIS CD2 NE2  sing Y N 192 
HIS CD2 HD2  sing N N 193 
HIS CE1 NE2  sing Y N 194 
HIS CE1 HE1  sing N N 195 
HIS NE2 HE2  sing N N 196 
HIS OXT HXT  sing N N 197 
HOH O   H1   sing N N 198 
HOH O   H2   sing N N 199 
ILE N   CA   sing N N 200 
ILE N   H    sing N N 201 
ILE N   H2   sing N N 202 
ILE CA  C    sing N N 203 
ILE CA  CB   sing N N 204 
ILE CA  HA   sing N N 205 
ILE C   O    doub N N 206 
ILE C   OXT  sing N N 207 
ILE CB  CG1  sing N N 208 
ILE CB  CG2  sing N N 209 
ILE CB  HB   sing N N 210 
ILE CG1 CD1  sing N N 211 
ILE CG1 HG12 sing N N 212 
ILE CG1 HG13 sing N N 213 
ILE CG2 HG21 sing N N 214 
ILE CG2 HG22 sing N N 215 
ILE CG2 HG23 sing N N 216 
ILE CD1 HD11 sing N N 217 
ILE CD1 HD12 sing N N 218 
ILE CD1 HD13 sing N N 219 
ILE OXT HXT  sing N N 220 
LEU N   CA   sing N N 221 
LEU N   H    sing N N 222 
LEU N   H2   sing N N 223 
LEU CA  C    sing N N 224 
LEU CA  CB   sing N N 225 
LEU CA  HA   sing N N 226 
LEU C   O    doub N N 227 
LEU C   OXT  sing N N 228 
LEU CB  CG   sing N N 229 
LEU CB  HB2  sing N N 230 
LEU CB  HB3  sing N N 231 
LEU CG  CD1  sing N N 232 
LEU CG  CD2  sing N N 233 
LEU CG  HG   sing N N 234 
LEU CD1 HD11 sing N N 235 
LEU CD1 HD12 sing N N 236 
LEU CD1 HD13 sing N N 237 
LEU CD2 HD21 sing N N 238 
LEU CD2 HD22 sing N N 239 
LEU CD2 HD23 sing N N 240 
LEU OXT HXT  sing N N 241 
LYS N   CA   sing N N 242 
LYS N   H    sing N N 243 
LYS N   H2   sing N N 244 
LYS CA  C    sing N N 245 
LYS CA  CB   sing N N 246 
LYS CA  HA   sing N N 247 
LYS C   O    doub N N 248 
LYS C   OXT  sing N N 249 
LYS CB  CG   sing N N 250 
LYS CB  HB2  sing N N 251 
LYS CB  HB3  sing N N 252 
LYS CG  CD   sing N N 253 
LYS CG  HG2  sing N N 254 
LYS CG  HG3  sing N N 255 
LYS CD  CE   sing N N 256 
LYS CD  HD2  sing N N 257 
LYS CD  HD3  sing N N 258 
LYS CE  NZ   sing N N 259 
LYS CE  HE2  sing N N 260 
LYS CE  HE3  sing N N 261 
LYS NZ  HZ1  sing N N 262 
LYS NZ  HZ2  sing N N 263 
LYS NZ  HZ3  sing N N 264 
LYS OXT HXT  sing N N 265 
MET N   CA   sing N N 266 
MET N   H    sing N N 267 
MET N   H2   sing N N 268 
MET CA  C    sing N N 269 
MET CA  CB   sing N N 270 
MET CA  HA   sing N N 271 
MET C   O    doub N N 272 
MET C   OXT  sing N N 273 
MET CB  CG   sing N N 274 
MET CB  HB2  sing N N 275 
MET CB  HB3  sing N N 276 
MET CG  SD   sing N N 277 
MET CG  HG2  sing N N 278 
MET CG  HG3  sing N N 279 
MET SD  CE   sing N N 280 
MET CE  HE1  sing N N 281 
MET CE  HE2  sing N N 282 
MET CE  HE3  sing N N 283 
MET OXT HXT  sing N N 284 
PHE N   CA   sing N N 285 
PHE N   H    sing N N 286 
PHE N   H2   sing N N 287 
PHE CA  C    sing N N 288 
PHE CA  CB   sing N N 289 
PHE CA  HA   sing N N 290 
PHE C   O    doub N N 291 
PHE C   OXT  sing N N 292 
PHE CB  CG   sing N N 293 
PHE CB  HB2  sing N N 294 
PHE CB  HB3  sing N N 295 
PHE CG  CD1  doub Y N 296 
PHE CG  CD2  sing Y N 297 
PHE CD1 CE1  sing Y N 298 
PHE CD1 HD1  sing N N 299 
PHE CD2 CE2  doub Y N 300 
PHE CD2 HD2  sing N N 301 
PHE CE1 CZ   doub Y N 302 
PHE CE1 HE1  sing N N 303 
PHE CE2 CZ   sing Y N 304 
PHE CE2 HE2  sing N N 305 
PHE CZ  HZ   sing N N 306 
PHE OXT HXT  sing N N 307 
PRO N   CA   sing N N 308 
PRO N   CD   sing N N 309 
PRO N   H    sing N N 310 
PRO CA  C    sing N N 311 
PRO CA  CB   sing N N 312 
PRO CA  HA   sing N N 313 
PRO C   O    doub N N 314 
PRO C   OXT  sing N N 315 
PRO CB  CG   sing N N 316 
PRO CB  HB2  sing N N 317 
PRO CB  HB3  sing N N 318 
PRO CG  CD   sing N N 319 
PRO CG  HG2  sing N N 320 
PRO CG  HG3  sing N N 321 
PRO CD  HD2  sing N N 322 
PRO CD  HD3  sing N N 323 
PRO OXT HXT  sing N N 324 
SER N   CA   sing N N 325 
SER N   H    sing N N 326 
SER N   H2   sing N N 327 
SER CA  C    sing N N 328 
SER CA  CB   sing N N 329 
SER CA  HA   sing N N 330 
SER C   O    doub N N 331 
SER C   OXT  sing N N 332 
SER CB  OG   sing N N 333 
SER CB  HB2  sing N N 334 
SER CB  HB3  sing N N 335 
SER OG  HG   sing N N 336 
SER OXT HXT  sing N N 337 
THR N   CA   sing N N 338 
THR N   H    sing N N 339 
THR N   H2   sing N N 340 
THR CA  C    sing N N 341 
THR CA  CB   sing N N 342 
THR CA  HA   sing N N 343 
THR C   O    doub N N 344 
THR C   OXT  sing N N 345 
THR CB  OG1  sing N N 346 
THR CB  CG2  sing N N 347 
THR CB  HB   sing N N 348 
THR OG1 HG1  sing N N 349 
THR CG2 HG21 sing N N 350 
THR CG2 HG22 sing N N 351 
THR CG2 HG23 sing N N 352 
THR OXT HXT  sing N N 353 
TRP N   CA   sing N N 354 
TRP N   H    sing N N 355 
TRP N   H2   sing N N 356 
TRP CA  C    sing N N 357 
TRP CA  CB   sing N N 358 
TRP CA  HA   sing N N 359 
TRP C   O    doub N N 360 
TRP C   OXT  sing N N 361 
TRP CB  CG   sing N N 362 
TRP CB  HB2  sing N N 363 
TRP CB  HB3  sing N N 364 
TRP CG  CD1  doub Y N 365 
TRP CG  CD2  sing Y N 366 
TRP CD1 NE1  sing Y N 367 
TRP CD1 HD1  sing N N 368 
TRP CD2 CE2  doub Y N 369 
TRP CD2 CE3  sing Y N 370 
TRP NE1 CE2  sing Y N 371 
TRP NE1 HE1  sing N N 372 
TRP CE2 CZ2  sing Y N 373 
TRP CE3 CZ3  doub Y N 374 
TRP CE3 HE3  sing N N 375 
TRP CZ2 CH2  doub Y N 376 
TRP CZ2 HZ2  sing N N 377 
TRP CZ3 CH2  sing Y N 378 
TRP CZ3 HZ3  sing N N 379 
TRP CH2 HH2  sing N N 380 
TRP OXT HXT  sing N N 381 
TYR N   CA   sing N N 382 
TYR N   H    sing N N 383 
TYR N   H2   sing N N 384 
TYR CA  C    sing N N 385 
TYR CA  CB   sing N N 386 
TYR CA  HA   sing N N 387 
TYR C   O    doub N N 388 
TYR C   OXT  sing N N 389 
TYR CB  CG   sing N N 390 
TYR CB  HB2  sing N N 391 
TYR CB  HB3  sing N N 392 
TYR CG  CD1  doub Y N 393 
TYR CG  CD2  sing Y N 394 
TYR CD1 CE1  sing Y N 395 
TYR CD1 HD1  sing N N 396 
TYR CD2 CE2  doub Y N 397 
TYR CD2 HD2  sing N N 398 
TYR CE1 CZ   doub Y N 399 
TYR CE1 HE1  sing N N 400 
TYR CE2 CZ   sing Y N 401 
TYR CE2 HE2  sing N N 402 
TYR CZ  OH   sing N N 403 
TYR OH  HH   sing N N 404 
TYR OXT HXT  sing N N 405 
VAL N   CA   sing N N 406 
VAL N   H    sing N N 407 
VAL N   H2   sing N N 408 
VAL CA  C    sing N N 409 
VAL CA  CB   sing N N 410 
VAL CA  HA   sing N N 411 
VAL C   O    doub N N 412 
VAL C   OXT  sing N N 413 
VAL CB  CG1  sing N N 414 
VAL CB  CG2  sing N N 415 
VAL CB  HB   sing N N 416 
VAL CG1 HG11 sing N N 417 
VAL CG1 HG12 sing N N 418 
VAL CG1 HG13 sing N N 419 
VAL CG2 HG21 sing N N 420 
VAL CG2 HG22 sing N N 421 
VAL CG2 HG23 sing N N 422 
VAL OXT HXT  sing N N 423 
# 
loop_
_pdbx_branch_scheme.asym_id 
_pdbx_branch_scheme.entity_id 
_pdbx_branch_scheme.mon_id 
_pdbx_branch_scheme.num 
_pdbx_branch_scheme.pdb_asym_id 
_pdbx_branch_scheme.pdb_mon_id 
_pdbx_branch_scheme.pdb_seq_num 
_pdbx_branch_scheme.auth_asym_id 
_pdbx_branch_scheme.auth_mon_id 
_pdbx_branch_scheme.auth_seq_num 
_pdbx_branch_scheme.hetero 
B 2 GLC 1 B GLC 1 A GLC 1155 n 
B 2 BGC 2 B BGC 2 A BGC 1156 n 
B 2 BGC 3 B BGC 3 A BGC 1157 n 
B 2 BGC 4 B BGC 4 A BGC 1158 n 
B 2 BGC 5 B BGC 5 A BGC 1159 n 
B 2 BGC 6 B BGC 6 A BGC 1160 n 
# 
loop_
_pdbx_chem_comp_identifier.comp_id 
_pdbx_chem_comp_identifier.type 
_pdbx_chem_comp_identifier.program 
_pdbx_chem_comp_identifier.program_version 
_pdbx_chem_comp_identifier.identifier 
BGC 'CONDENSED IUPAC CARBOHYDRATE SYMBOL' GMML     1.0 DGlcpb            
BGC 'COMMON NAME'                         GMML     1.0 b-D-glucopyranose 
BGC 'IUPAC CARBOHYDRATE SYMBOL'           PDB-CARE 1.0 b-D-Glcp          
BGC 'SNFG CARBOHYDRATE SYMBOL'            GMML     1.0 Glc               
GLC 'CONDENSED IUPAC CARBOHYDRATE SYMBOL' GMML     1.0 DGlcpa            
GLC 'COMMON NAME'                         GMML     1.0 a-D-glucopyranose 
GLC 'IUPAC CARBOHYDRATE SYMBOL'           PDB-CARE 1.0 a-D-Glcp          
GLC 'SNFG CARBOHYDRATE SYMBOL'            GMML     1.0 Glc               
# 
_pdbx_entity_branch.entity_id   2 
_pdbx_entity_branch.type        oligosaccharide 
# 
loop_
_pdbx_entity_branch_descriptor.ordinal 
_pdbx_entity_branch_descriptor.entity_id 
_pdbx_entity_branch_descriptor.descriptor 
_pdbx_entity_branch_descriptor.type 
_pdbx_entity_branch_descriptor.program 
_pdbx_entity_branch_descriptor.program_version 
1 2 DGlcpb1-4DGlcpb1-4DGlcpb1-4DGlcpb1-4DGlcpb1-4DGlcpa1-ROH                                                        
'Glycam Condensed Sequence' GMML       1.0   
2 2 'WURCS=2.0/2,6,5/[a2122h-1a_1-5][a2122h-1b_1-5]/1-2-2-2-2-2/a4-b1_b4-c1_c4-d1_d4-e1_e4-f1'                      WURCS 
PDB2Glycan 1.1.0 
3 2 '[][a-D-Glcp]{[(4+1)][b-D-Glcp]{[(4+1)][b-D-Glcp]{[(4+1)][b-D-Glcp]{[(4+1)][b-D-Glcp]{[(4+1)][b-D-Glcp]{}}}}}}' LINUCS 
PDB-CARE   ?     
# 
loop_
_pdbx_entity_branch_link.link_id 
_pdbx_entity_branch_link.entity_id 
_pdbx_entity_branch_link.entity_branch_list_num_1 
_pdbx_entity_branch_link.comp_id_1 
_pdbx_entity_branch_link.atom_id_1 
_pdbx_entity_branch_link.leaving_atom_id_1 
_pdbx_entity_branch_link.entity_branch_list_num_2 
_pdbx_entity_branch_link.comp_id_2 
_pdbx_entity_branch_link.atom_id_2 
_pdbx_entity_branch_link.leaving_atom_id_2 
_pdbx_entity_branch_link.value_order 
_pdbx_entity_branch_link.details 
1 2 2 BGC C1 O1 1 GLC O4 HO4 sing ? 
2 2 3 BGC C1 O1 2 BGC O4 HO4 sing ? 
3 2 4 BGC C1 O1 3 BGC O4 HO4 sing ? 
4 2 5 BGC C1 O1 4 BGC O4 HO4 sing ? 
5 2 6 BGC C1 O1 5 BGC O4 HO4 sing ? 
# 
loop_
_pdbx_entity_branch_list.entity_id 
_pdbx_entity_branch_list.comp_id 
_pdbx_entity_branch_list.num 
_pdbx_entity_branch_list.hetero 
2 GLC 1 n 
2 BGC 2 n 
2 BGC 3 n 
2 BGC 4 n 
2 BGC 5 n 
2 BGC 6 n 
# 
_pdbx_entity_nonpoly.entity_id   3 
_pdbx_entity_nonpoly.name        water 
_pdbx_entity_nonpoly.comp_id     HOH 
# 
_pdbx_initial_refinement_model.id               1 
_pdbx_initial_refinement_model.entity_id_list   ? 
_pdbx_initial_refinement_model.type             'experimental model' 
_pdbx_initial_refinement_model.source_name      PDB 
_pdbx_initial_refinement_model.accession_code   1GWM 
_pdbx_initial_refinement_model.details          'PDB ENTRY 1GWM' 
# 
